data_2GCG
#
_entry.id   2GCG
#
_cell.length_a   76.568
_cell.length_b   66.877
_cell.length_c   149.780
_cell.angle_alpha   90.00
_cell.angle_beta   98.22
_cell.angle_gamma   90.00
#
_symmetry.space_group_name_H-M   'P 1 21 1'
#
loop_
_entity.id
_entity.type
_entity.pdbx_description
1 polymer 'Glyoxylate reductase/hydroxypyruvate reductase'
2 non-polymer 'NADPH DIHYDRO-NICOTINAMIDE-ADENINE-DINUCLEOTIDE PHOSPHATE'
3 non-polymer '(2R)-2,3-DIHYDROXYPROPANOIC ACID'
4 non-polymer 'SULFATE ION'
5 water water
#
_entity_poly.entity_id   1
_entity_poly.type   'polypeptide(L)'
_entity_poly.pdbx_seq_one_letter_code
;ASMRPVRLMKVFVTRRIPAEGRVALARAADCEVEQWDSDEPIPAKELERGVAGAHGLLCLLSDHVDKRILDAAGANLKVI
STMSVGIDHLALDEIKKRGIRVGYTPDVLTDTTAELAVSLLLTTCRRLPEAIEEVKNGGWTSWKPLWLCGYGLTQSTVGI
IGLGRIGQAIARRLKPFGVQRFLYTGRQPRPEEAAEFQAEFVSTPELAAQSDFIVVACSLTPATEGLCNKDFFQKMKETA
VFINISRGDVVNQDDLYQALASGKIAAAGLDVTSPEPLPTNHPLLTLKNCVILPHIGSATHRTRNTMSLLAANNLLAGLR
GEPMPSELKL
;
_entity_poly.pdbx_strand_id   A,B,C,D
#
loop_
_chem_comp.id
_chem_comp.type
_chem_comp.name
_chem_comp.formula
DGY non-polymer '(2R)-2,3-DIHYDROXYPROPANOIC ACID' 'C3 H6 O4'
NDP non-polymer 'NADPH DIHYDRO-NICOTINAMIDE-ADENINE-DINUCLEOTIDE PHOSPHATE' 'C21 H30 N7 O17 P3'
SO4 non-polymer 'SULFATE ION' 'O4 S -2'
#
# COMPACT_ATOMS: atom_id res chain seq x y z
N ARG A 7 -26.18 35.28 -46.25
CA ARG A 7 -24.93 35.10 -45.47
C ARG A 7 -25.05 33.86 -44.56
N LEU A 8 -25.63 32.78 -45.11
CA LEU A 8 -25.95 31.58 -44.29
C LEU A 8 -24.72 30.82 -43.87
N MET A 9 -24.49 30.76 -42.56
CA MET A 9 -23.43 29.91 -42.02
C MET A 9 -23.66 28.45 -42.36
N LYS A 10 -22.62 27.78 -42.87
CA LYS A 10 -22.67 26.33 -43.08
C LYS A 10 -22.44 25.57 -41.78
N VAL A 11 -23.21 24.52 -41.54
CA VAL A 11 -23.03 23.66 -40.39
C VAL A 11 -22.90 22.24 -40.91
N PHE A 12 -21.94 21.47 -40.39
CA PHE A 12 -21.86 20.05 -40.75
C PHE A 12 -22.15 19.21 -39.53
N VAL A 13 -22.94 18.16 -39.72
CA VAL A 13 -23.29 17.23 -38.68
C VAL A 13 -22.79 15.91 -39.18
N THR A 14 -22.00 15.22 -38.36
CA THR A 14 -21.26 14.05 -38.86
C THR A 14 -22.04 12.76 -38.89
N ARG A 15 -23.30 12.80 -38.46
CA ARG A 15 -24.11 11.57 -38.30
C ARG A 15 -25.57 11.95 -38.17
N ARG A 16 -26.49 10.98 -38.32
CA ARG A 16 -27.90 11.10 -37.87
C ARG A 16 -27.93 11.21 -36.34
N ILE A 17 -28.45 12.32 -35.81
CA ILE A 17 -28.50 12.53 -34.35
C ILE A 17 -29.95 12.47 -33.89
N PRO A 18 -30.21 12.24 -32.58
CA PRO A 18 -31.58 12.30 -32.07
C PRO A 18 -32.39 13.53 -32.50
N ALA A 19 -33.71 13.39 -32.54
CA ALA A 19 -34.60 14.40 -33.12
C ALA A 19 -34.56 15.80 -32.48
N GLU A 20 -34.43 15.89 -31.16
CA GLU A 20 -34.44 17.21 -30.49
C GLU A 20 -33.30 18.12 -30.93
N GLY A 21 -32.12 17.54 -31.14
CA GLY A 21 -30.98 18.29 -31.67
C GLY A 21 -31.11 18.60 -33.15
N ARG A 22 -31.58 17.64 -33.92
CA ARG A 22 -31.81 17.82 -35.35
C ARG A 22 -32.84 18.95 -35.63
N VAL A 23 -33.92 18.98 -34.87
CA VAL A 23 -34.95 20.04 -35.02
C VAL A 23 -34.39 21.42 -34.68
N ALA A 24 -33.62 21.52 -33.59
CA ALA A 24 -33.07 22.82 -33.18
C ALA A 24 -32.17 23.40 -34.25
N LEU A 25 -31.36 22.56 -34.89
CA LEU A 25 -30.57 22.99 -36.04
C LEU A 25 -31.42 23.40 -37.25
N ALA A 26 -32.44 22.60 -37.54
CA ALA A 26 -33.29 22.81 -38.68
C ALA A 26 -33.96 24.18 -38.60
N ARG A 27 -34.36 24.60 -37.40
CA ARG A 27 -35.01 25.91 -37.14
C ARG A 27 -34.05 27.11 -37.26
N ALA A 28 -32.75 26.86 -37.11
CA ALA A 28 -31.76 27.93 -37.19
C ALA A 28 -31.72 28.58 -38.59
N ALA A 29 -32.45 29.69 -38.73
CA ALA A 29 -32.65 30.36 -40.02
C ALA A 29 -31.45 31.23 -40.45
N ASP A 30 -30.44 31.30 -39.58
CA ASP A 30 -29.16 31.90 -39.93
C ASP A 30 -28.12 30.83 -40.35
N CYS A 31 -28.56 29.56 -40.37
CA CYS A 31 -27.71 28.41 -40.78
C CYS A 31 -28.29 27.55 -41.92
N GLU A 32 -27.39 26.97 -42.71
CA GLU A 32 -27.73 25.88 -43.64
C GLU A 32 -27.10 24.58 -43.15
N VAL A 33 -27.92 23.58 -42.87
CA VAL A 33 -27.37 22.36 -42.26
C VAL A 33 -27.12 21.28 -43.30
N GLU A 34 -25.85 20.88 -43.40
CA GLU A 34 -25.45 19.74 -44.22
C GLU A 34 -25.07 18.54 -43.32
N GLN A 35 -25.48 17.34 -43.71
CA GLN A 35 -25.45 16.23 -42.77
C GLN A 35 -25.01 14.92 -43.41
N TRP A 36 -24.31 14.10 -42.66
CA TRP A 36 -24.03 12.72 -43.06
C TRP A 36 -25.24 11.88 -42.67
N ASP A 37 -26.09 11.63 -43.67
CA ASP A 37 -27.36 10.93 -43.49
C ASP A 37 -27.13 9.44 -43.31
N SER A 38 -26.66 9.03 -42.12
CA SER A 38 -26.34 7.60 -41.88
C SER A 38 -26.12 7.28 -40.41
N ASP A 39 -26.33 6.03 -40.04
CA ASP A 39 -26.06 5.58 -38.69
C ASP A 39 -24.63 5.11 -38.59
N GLU A 40 -23.96 5.03 -39.73
CA GLU A 40 -22.58 4.52 -39.80
C GLU A 40 -21.58 5.66 -39.74
N PRO A 41 -20.38 5.38 -39.20
CA PRO A 41 -19.36 6.44 -38.99
C PRO A 41 -18.92 7.05 -40.33
N ILE A 42 -18.75 8.38 -40.39
CA ILE A 42 -18.35 8.94 -41.68
C ILE A 42 -16.85 8.65 -41.88
N PRO A 43 -16.44 8.11 -43.06
CA PRO A 43 -14.95 8.00 -43.26
C PRO A 43 -14.25 9.37 -43.22
N ALA A 44 -12.96 9.39 -42.87
CA ALA A 44 -12.18 10.65 -42.72
C ALA A 44 -12.19 11.52 -43.98
N LYS A 45 -12.05 10.89 -45.16
CA LYS A 45 -12.04 11.66 -46.37
C LYS A 45 -13.43 12.22 -46.72
N GLU A 46 -14.50 11.50 -46.36
CA GLU A 46 -15.85 12.07 -46.50
C GLU A 46 -16.07 13.18 -45.47
N LEU A 47 -15.49 13.03 -44.29
CA LEU A 47 -15.51 14.11 -43.30
C LEU A 47 -14.79 15.35 -43.85
N GLU A 48 -13.55 15.17 -44.31
CA GLU A 48 -12.74 16.26 -44.86
C GLU A 48 -13.47 17.03 -45.95
N ARG A 49 -14.19 16.30 -46.83
CA ARG A 49 -15.07 16.85 -47.88
C ARG A 49 -16.23 17.69 -47.33
N GLY A 50 -16.91 17.18 -46.30
CA GLY A 50 -18.11 17.80 -45.77
C GLY A 50 -17.83 19.00 -44.90
N VAL A 51 -16.70 19.01 -44.18
CA VAL A 51 -16.36 20.14 -43.29
C VAL A 51 -15.81 21.36 -44.05
N ALA A 52 -15.47 21.19 -45.32
CA ALA A 52 -14.92 22.28 -46.15
C ALA A 52 -15.80 23.55 -46.07
N GLY A 53 -15.25 24.62 -45.51
CA GLY A 53 -15.95 25.89 -45.39
C GLY A 53 -17.13 25.89 -44.43
N ALA A 54 -17.11 25.00 -43.43
CA ALA A 54 -18.16 24.97 -42.40
C ALA A 54 -17.85 26.05 -41.36
N HIS A 55 -18.88 26.75 -40.90
CA HIS A 55 -18.76 27.65 -39.76
C HIS A 55 -18.81 26.90 -38.42
N GLY A 56 -19.60 25.81 -38.39
CA GLY A 56 -19.75 24.96 -37.20
C GLY A 56 -19.77 23.47 -37.53
N LEU A 57 -19.21 22.66 -36.60
CA LEU A 57 -19.14 21.21 -36.73
C LEU A 57 -19.87 20.56 -35.53
N LEU A 58 -20.80 19.66 -35.80
CA LEU A 58 -21.44 18.88 -34.77
C LEU A 58 -20.99 17.44 -35.00
N CYS A 59 -20.20 16.93 -34.05
CA CYS A 59 -19.52 15.66 -34.17
C CYS A 59 -19.81 14.81 -32.97
N LEU A 60 -19.20 13.62 -32.99
CA LEU A 60 -19.40 12.57 -32.00
C LEU A 60 -18.03 12.09 -31.59
N LEU A 61 -18.02 11.27 -30.53
CA LEU A 61 -16.80 10.90 -29.85
C LEU A 61 -15.90 10.07 -30.69
N SER A 62 -16.46 9.50 -31.74
CA SER A 62 -15.72 8.56 -32.58
C SER A 62 -15.26 9.21 -33.85
N ASP A 63 -15.61 10.48 -34.04
CA ASP A 63 -15.06 11.28 -35.15
C ASP A 63 -13.74 11.89 -34.69
N HIS A 64 -12.67 11.59 -35.42
CA HIS A 64 -11.34 12.10 -35.05
C HIS A 64 -11.07 13.53 -35.60
N VAL A 65 -11.22 14.52 -34.74
CA VAL A 65 -11.19 15.91 -35.22
C VAL A 65 -9.75 16.44 -35.06
N ASP A 66 -8.87 16.01 -35.98
CA ASP A 66 -7.45 16.24 -35.86
C ASP A 66 -7.03 17.41 -36.72
N LYS A 67 -5.72 17.67 -36.81
CA LYS A 67 -5.26 18.78 -37.64
C LYS A 67 -5.75 18.70 -39.11
N ARG A 68 -5.63 17.50 -39.72
CA ARG A 68 -6.20 17.16 -41.04
C ARG A 68 -7.63 17.70 -41.27
N ILE A 69 -8.57 17.41 -40.35
CA ILE A 69 -9.92 17.95 -40.62
C ILE A 69 -10.12 19.45 -40.29
N LEU A 70 -9.33 20.01 -39.35
CA LEU A 70 -9.34 21.44 -39.10
C LEU A 70 -8.80 22.22 -40.29
N ASP A 71 -7.78 21.70 -40.97
CA ASP A 71 -7.25 22.28 -42.20
C ASP A 71 -8.22 22.18 -43.38
N ALA A 72 -8.79 21.00 -43.53
CA ALA A 72 -9.85 20.78 -44.53
C ALA A 72 -11.02 21.76 -44.38
N ALA A 73 -11.31 22.16 -43.15
CA ALA A 73 -12.36 23.10 -42.86
C ALA A 73 -12.01 24.56 -43.21
N GLY A 74 -10.76 24.97 -42.94
CA GLY A 74 -10.31 26.34 -43.22
C GLY A 74 -10.71 27.36 -42.16
N ALA A 75 -10.52 28.65 -42.46
CA ALA A 75 -10.73 29.75 -41.49
C ALA A 75 -12.19 30.08 -41.12
N ASN A 76 -13.17 29.50 -41.82
CA ASN A 76 -14.61 29.69 -41.46
C ASN A 76 -14.99 29.11 -40.11
N LEU A 77 -14.37 27.97 -39.78
CA LEU A 77 -14.75 27.21 -38.60
C LEU A 77 -14.56 28.01 -37.31
N LYS A 78 -15.64 28.18 -36.57
CA LYS A 78 -15.63 28.96 -35.33
C LYS A 78 -16.05 28.16 -34.06
N VAL A 79 -16.81 27.09 -34.27
CA VAL A 79 -17.27 26.28 -33.15
C VAL A 79 -17.39 24.80 -33.51
N ILE A 80 -16.89 23.94 -32.61
CA ILE A 80 -16.99 22.51 -32.72
C ILE A 80 -17.79 22.03 -31.52
N SER A 81 -19.00 21.51 -31.74
CA SER A 81 -19.90 21.01 -30.69
C SER A 81 -19.90 19.47 -30.66
N THR A 82 -19.30 18.84 -29.65
CA THR A 82 -19.28 17.38 -29.62
C THR A 82 -20.40 16.80 -28.74
N MET A 83 -21.08 15.74 -29.21
CA MET A 83 -22.18 15.14 -28.45
C MET A 83 -21.69 14.08 -27.48
N SER A 84 -20.87 14.50 -26.52
CA SER A 84 -20.12 13.61 -25.65
C SER A 84 -19.49 14.46 -24.56
N VAL A 85 -19.15 13.83 -23.44
CA VAL A 85 -18.42 14.55 -22.38
C VAL A 85 -16.90 14.35 -22.59
N GLY A 86 -16.54 13.17 -23.09
CA GLY A 86 -15.16 12.91 -23.52
C GLY A 86 -14.75 13.86 -24.63
N ILE A 87 -13.48 14.21 -24.65
CA ILE A 87 -12.99 15.29 -25.47
C ILE A 87 -11.68 14.87 -26.16
N ASP A 88 -11.29 13.61 -25.95
CA ASP A 88 -9.96 13.13 -26.39
C ASP A 88 -9.84 12.94 -27.88
N HIS A 89 -10.97 13.03 -28.59
CA HIS A 89 -10.99 12.82 -30.05
C HIS A 89 -10.74 14.15 -30.74
N LEU A 90 -10.48 15.18 -29.91
CA LEU A 90 -10.30 16.55 -30.40
C LEU A 90 -8.86 17.05 -30.25
N ALA A 91 -8.37 17.78 -31.27
CA ALA A 91 -7.03 18.38 -31.24
C ALA A 91 -7.07 19.72 -30.52
N LEU A 92 -7.16 19.64 -29.20
CA LEU A 92 -7.37 20.81 -28.36
C LEU A 92 -6.31 21.91 -28.54
N ASP A 93 -5.02 21.54 -28.52
CA ASP A 93 -3.96 22.52 -28.81
C ASP A 93 -4.16 23.25 -30.16
N GLU A 94 -4.50 22.51 -31.20
CA GLU A 94 -4.68 23.12 -32.51
C GLU A 94 -5.98 23.95 -32.54
N ILE A 95 -6.98 23.48 -31.81
CA ILE A 95 -8.31 24.10 -31.76
C ILE A 95 -8.19 25.41 -31.01
N LYS A 96 -7.45 25.39 -29.92
CA LYS A 96 -7.08 26.60 -29.15
C LYS A 96 -6.34 27.65 -30.00
N LYS A 97 -5.23 27.23 -30.61
CA LYS A 97 -4.40 28.10 -31.48
C LYS A 97 -5.26 28.94 -32.46
N ARG A 98 -6.27 28.31 -33.05
CA ARG A 98 -7.12 28.92 -34.08
C ARG A 98 -8.30 29.75 -33.56
N GLY A 99 -8.51 29.74 -32.24
CA GLY A 99 -9.55 30.53 -31.56
C GLY A 99 -10.95 29.96 -31.70
N ILE A 100 -11.05 28.67 -32.02
CA ILE A 100 -12.33 27.99 -32.23
C ILE A 100 -12.97 27.59 -30.89
N ARG A 101 -14.29 27.78 -30.73
CA ARG A 101 -14.94 27.42 -29.44
C ARG A 101 -15.35 25.93 -29.41
N VAL A 102 -15.35 25.34 -28.22
CA VAL A 102 -15.73 23.94 -28.08
C VAL A 102 -16.91 23.77 -27.15
N GLY A 103 -17.91 23.02 -27.59
CA GLY A 103 -19.03 22.66 -26.73
C GLY A 103 -19.00 21.17 -26.47
N TYR A 104 -19.32 20.72 -25.26
CA TYR A 104 -19.41 19.28 -24.98
C TYR A 104 -20.60 18.99 -24.10
N THR A 105 -20.77 17.75 -23.62
CA THR A 105 -22.02 17.42 -22.89
C THR A 105 -21.87 16.83 -21.50
N PRO A 106 -21.30 17.59 -20.52
CA PRO A 106 -21.19 17.06 -19.15
C PRO A 106 -22.55 17.05 -18.43
N ASP A 107 -22.61 16.39 -17.26
CA ASP A 107 -23.74 16.36 -16.32
C ASP A 107 -25.01 15.62 -16.77
N VAL A 108 -25.45 16.07 -17.96
CA VAL A 108 -26.60 15.61 -18.72
C VAL A 108 -26.63 14.06 -18.90
N LEU A 109 -25.46 13.44 -18.94
CA LEU A 109 -25.34 11.98 -19.15
C LEU A 109 -24.73 11.22 -17.97
N THR A 110 -24.46 11.95 -16.87
CA THR A 110 -23.87 11.43 -15.66
C THR A 110 -24.63 10.27 -14.97
N ASP A 111 -25.93 10.46 -14.72
CA ASP A 111 -26.70 9.48 -13.93
C ASP A 111 -26.83 8.20 -14.75
N THR A 112 -27.23 8.35 -16.01
CA THR A 112 -27.30 7.23 -16.96
C THR A 112 -26.05 6.36 -17.15
N THR A 113 -24.88 7.01 -17.16
CA THR A 113 -23.61 6.35 -17.35
C THR A 113 -23.20 5.61 -16.09
N ALA A 114 -23.51 6.22 -14.96
CA ALA A 114 -23.26 5.63 -13.62
C ALA A 114 -24.09 4.33 -13.51
N GLU A 115 -25.32 4.43 -14.02
CA GLU A 115 -26.28 3.33 -14.04
C GLU A 115 -25.73 2.16 -14.86
N LEU A 116 -25.12 2.50 -16.01
CA LEU A 116 -24.65 1.50 -16.93
C LEU A 116 -23.44 0.78 -16.30
N ALA A 117 -22.54 1.57 -15.68
CA ALA A 117 -21.38 1.08 -14.97
C ALA A 117 -21.75 0.13 -13.83
N VAL A 118 -22.78 0.48 -13.05
CA VAL A 118 -23.23 -0.45 -12.02
C VAL A 118 -23.89 -1.69 -12.69
N SER A 119 -24.71 -1.49 -13.74
CA SER A 119 -25.21 -2.63 -14.51
C SER A 119 -24.06 -3.55 -14.90
N LEU A 120 -23.03 -3.01 -15.54
CA LEU A 120 -21.92 -3.84 -15.99
C LEU A 120 -21.18 -4.47 -14.82
N LEU A 121 -20.91 -3.72 -13.76
CA LEU A 121 -20.19 -4.28 -12.63
C LEU A 121 -20.95 -5.53 -12.08
N LEU A 122 -22.27 -5.42 -12.00
CA LEU A 122 -23.13 -6.45 -11.42
C LEU A 122 -23.33 -7.70 -12.35
N THR A 123 -23.51 -7.50 -13.66
CA THR A 123 -23.61 -8.67 -14.56
C THR A 123 -22.30 -9.47 -14.58
N THR A 124 -21.18 -8.78 -14.49
CA THR A 124 -19.83 -9.35 -14.43
C THR A 124 -19.63 -10.06 -13.09
N CYS A 125 -19.88 -9.31 -12.00
CA CYS A 125 -19.60 -9.83 -10.71
C CYS A 125 -20.57 -10.90 -10.32
N ARG A 126 -21.83 -10.81 -10.75
CA ARG A 126 -22.74 -11.94 -10.48
C ARG A 126 -22.85 -12.96 -11.64
N ARG A 127 -22.06 -12.77 -12.71
CA ARG A 127 -21.78 -13.85 -13.69
C ARG A 127 -22.97 -14.15 -14.60
N LEU A 128 -23.83 -13.14 -14.77
CA LEU A 128 -25.04 -13.27 -15.58
C LEU A 128 -24.83 -13.84 -17.00
N PRO A 129 -23.81 -13.37 -17.75
CA PRO A 129 -23.70 -13.96 -19.12
C PRO A 129 -23.41 -15.47 -19.16
N GLU A 130 -22.56 -16.02 -18.31
CA GLU A 130 -22.40 -17.48 -18.38
C GLU A 130 -23.60 -18.21 -17.77
N ALA A 131 -24.32 -17.53 -16.85
CA ALA A 131 -25.56 -18.08 -16.30
C ALA A 131 -26.63 -18.22 -17.40
N ILE A 132 -26.94 -17.11 -18.07
CA ILE A 132 -27.72 -17.08 -19.31
C ILE A 132 -27.39 -18.22 -20.30
N GLU A 133 -26.11 -18.38 -20.62
CA GLU A 133 -25.67 -19.42 -21.53
C GLU A 133 -25.89 -20.83 -20.95
N GLU A 134 -25.77 -21.01 -19.64
CA GLU A 134 -26.06 -22.36 -19.08
C GLU A 134 -27.53 -22.75 -19.24
N VAL A 135 -28.42 -21.74 -19.24
CA VAL A 135 -29.85 -21.95 -19.60
C VAL A 135 -30.02 -22.40 -21.07
N LYS A 136 -29.39 -21.67 -21.99
CA LYS A 136 -29.63 -21.87 -23.39
C LYS A 136 -29.05 -23.15 -23.88
N ASN A 137 -27.90 -23.53 -23.33
CA ASN A 137 -27.13 -24.68 -23.83
C ASN A 137 -27.49 -26.05 -23.20
N GLY A 138 -28.41 -26.06 -22.24
CA GLY A 138 -28.85 -27.31 -21.56
C GLY A 138 -28.01 -27.65 -20.33
N GLY A 139 -27.18 -26.70 -19.90
CA GLY A 139 -26.29 -26.91 -18.77
C GLY A 139 -27.04 -26.92 -17.46
N TRP A 140 -28.09 -26.13 -17.39
CA TRP A 140 -28.97 -26.14 -16.24
C TRP A 140 -29.72 -27.47 -16.05
N THR A 141 -29.55 -28.05 -14.85
CA THR A 141 -30.26 -29.26 -14.50
C THR A 141 -31.02 -29.09 -13.18
N SER A 142 -30.64 -28.13 -12.33
CA SER A 142 -31.39 -27.90 -11.09
C SER A 142 -30.91 -26.66 -10.35
N TRP A 143 -31.56 -26.36 -9.23
CA TRP A 143 -30.97 -25.42 -8.27
C TRP A 143 -29.77 -26.18 -7.72
N LYS A 144 -28.62 -25.52 -7.72
CA LYS A 144 -27.40 -26.18 -7.24
C LYS A 144 -26.67 -25.28 -6.29
N PRO A 145 -26.25 -25.82 -5.14
CA PRO A 145 -25.75 -24.92 -4.08
C PRO A 145 -24.40 -24.24 -4.39
N LEU A 146 -23.52 -24.87 -5.18
CA LEU A 146 -22.21 -24.31 -5.42
C LEU A 146 -21.91 -23.90 -6.84
N TRP A 147 -22.95 -23.56 -7.58
CA TRP A 147 -22.91 -23.40 -9.03
C TRP A 147 -23.16 -21.94 -9.32
N LEU A 148 -22.30 -21.37 -10.19
CA LEU A 148 -22.47 -19.98 -10.66
C LEU A 148 -22.39 -18.94 -9.55
N CYS A 149 -21.65 -19.32 -8.51
CA CYS A 149 -21.41 -18.41 -7.41
C CYS A 149 -20.49 -17.25 -7.86
N GLY A 150 -20.96 -16.03 -7.58
CA GLY A 150 -20.29 -14.79 -7.94
C GLY A 150 -19.73 -14.03 -6.74
N TYR A 151 -19.38 -12.78 -6.98
CA TYR A 151 -18.66 -11.94 -5.98
C TYR A 151 -19.56 -10.86 -5.52
N GLY A 152 -19.84 -10.85 -4.23
CA GLY A 152 -20.82 -9.94 -3.67
C GLY A 152 -20.26 -8.63 -3.15
N LEU A 153 -21.11 -7.60 -3.16
CA LEU A 153 -20.73 -6.23 -2.74
C LEU A 153 -20.83 -5.98 -1.22
N THR A 154 -21.41 -6.93 -0.47
CA THR A 154 -21.58 -6.73 0.98
C THR A 154 -20.23 -6.79 1.73
N GLN A 155 -19.96 -5.77 2.54
CA GLN A 155 -18.70 -5.61 3.29
C GLN A 155 -17.47 -5.46 2.38
N SER A 156 -17.73 -5.08 1.14
CA SER A 156 -16.67 -5.04 0.16
C SER A 156 -15.98 -3.68 0.19
N THR A 157 -14.79 -3.63 -0.40
CA THR A 157 -14.11 -2.34 -0.66
C THR A 157 -14.17 -2.01 -2.15
N VAL A 158 -14.61 -0.78 -2.43
CA VAL A 158 -14.75 -0.32 -3.82
C VAL A 158 -13.71 0.77 -4.06
N GLY A 159 -12.78 0.48 -4.98
CA GLY A 159 -11.85 1.45 -5.47
C GLY A 159 -12.32 2.14 -6.73
N ILE A 160 -12.37 3.46 -6.70
CA ILE A 160 -12.63 4.21 -7.93
C ILE A 160 -11.42 5.01 -8.42
N ILE A 161 -10.98 4.72 -9.64
CA ILE A 161 -9.97 5.55 -10.24
C ILE A 161 -10.70 6.68 -10.93
N GLY A 162 -10.68 7.86 -10.32
CA GLY A 162 -11.22 9.01 -10.99
C GLY A 162 -12.61 9.35 -10.51
N LEU A 163 -12.65 9.86 -9.28
CA LEU A 163 -13.90 10.23 -8.60
C LEU A 163 -14.49 11.58 -9.03
N GLY A 164 -14.75 11.68 -10.33
CA GLY A 164 -15.40 12.84 -10.93
C GLY A 164 -16.90 12.70 -10.78
N ARG A 165 -17.67 13.41 -11.57
CA ARG A 165 -19.11 13.43 -11.39
C ARG A 165 -19.66 12.00 -11.60
N ILE A 166 -19.21 11.33 -12.66
CA ILE A 166 -19.60 9.96 -12.95
C ILE A 166 -19.12 8.96 -11.86
N GLY A 167 -17.86 9.07 -11.44
CA GLY A 167 -17.33 8.30 -10.29
C GLY A 167 -18.06 8.56 -8.98
N GLN A 168 -18.53 9.79 -8.74
CA GLN A 168 -19.30 10.07 -7.53
C GLN A 168 -20.67 9.35 -7.61
N ALA A 169 -21.39 9.56 -8.72
CA ALA A 169 -22.68 8.91 -9.03
C ALA A 169 -22.67 7.38 -9.03
N ILE A 170 -21.50 6.77 -9.21
CA ILE A 170 -21.37 5.33 -9.20
C ILE A 170 -21.27 4.89 -7.78
N ALA A 171 -20.43 5.60 -6.99
CA ALA A 171 -20.28 5.35 -5.55
C ALA A 171 -21.61 5.43 -4.79
N ARG A 172 -22.35 6.49 -5.10
CA ARG A 172 -23.66 6.75 -4.57
C ARG A 172 -24.62 5.58 -4.90
N ARG A 173 -24.45 4.95 -6.07
CA ARG A 173 -25.34 3.86 -6.48
C ARG A 173 -24.92 2.51 -5.85
N LEU A 174 -23.63 2.38 -5.51
CA LEU A 174 -23.08 1.15 -4.90
C LEU A 174 -23.20 1.14 -3.36
N LYS A 175 -23.27 2.32 -2.76
CA LYS A 175 -23.34 2.44 -1.30
C LYS A 175 -24.42 1.53 -0.70
N PRO A 176 -25.70 1.65 -1.13
CA PRO A 176 -26.74 0.80 -0.50
C PRO A 176 -26.59 -0.70 -0.70
N PHE A 177 -25.59 -1.09 -1.51
CA PHE A 177 -25.27 -2.52 -1.70
C PHE A 177 -24.45 -3.08 -0.52
N GLY A 178 -24.14 -2.24 0.47
CA GLY A 178 -23.47 -2.73 1.66
C GLY A 178 -21.95 -2.59 1.61
N VAL A 179 -21.46 -1.84 0.62
CA VAL A 179 -20.03 -1.48 0.52
C VAL A 179 -19.51 -0.93 1.85
N GLN A 180 -18.42 -1.50 2.33
CA GLN A 180 -17.83 -1.11 3.61
C GLN A 180 -16.92 0.11 3.51
N ARG A 181 -16.23 0.25 2.37
CA ARG A 181 -15.16 1.21 2.25
C ARG A 181 -14.98 1.62 0.82
N PHE A 182 -14.96 2.93 0.62
CA PHE A 182 -14.68 3.54 -0.69
C PHE A 182 -13.27 4.18 -0.76
N LEU A 183 -12.47 3.74 -1.73
CA LEU A 183 -11.14 4.31 -1.98
C LEU A 183 -11.16 5.00 -3.33
N TYR A 184 -10.26 5.95 -3.55
CA TYR A 184 -10.19 6.67 -4.83
C TYR A 184 -8.81 7.33 -5.10
N THR A 185 -8.52 7.51 -6.39
CA THR A 185 -7.18 7.88 -6.83
C THR A 185 -7.35 9.01 -7.84
N GLY A 186 -6.31 9.83 -8.03
CA GLY A 186 -6.36 10.92 -9.00
C GLY A 186 -5.30 11.97 -8.73
N ARG A 187 -5.37 13.10 -9.42
CA ARG A 187 -4.36 14.14 -9.23
C ARG A 187 -4.33 14.65 -7.79
N GLN A 188 -5.48 15.09 -7.28
CA GLN A 188 -5.61 15.70 -5.96
C GLN A 188 -6.83 15.11 -5.22
N PRO A 189 -6.81 15.17 -3.86
CA PRO A 189 -8.04 14.77 -3.19
C PRO A 189 -9.21 15.66 -3.54
N ARG A 190 -10.41 15.15 -3.29
CA ARG A 190 -11.63 15.91 -3.41
C ARG A 190 -12.41 15.62 -2.14
N PRO A 191 -12.04 16.28 -1.03
CA PRO A 191 -12.59 15.81 0.26
C PRO A 191 -14.04 16.18 0.48
N GLU A 192 -14.46 17.28 -0.16
CA GLU A 192 -15.85 17.76 -0.20
C GLU A 192 -16.69 16.73 -0.95
N GLU A 193 -16.25 16.38 -2.15
CA GLU A 193 -16.87 15.35 -2.98
C GLU A 193 -16.91 13.98 -2.29
N ALA A 194 -15.74 13.52 -1.84
CA ALA A 194 -15.54 12.23 -1.17
C ALA A 194 -16.26 12.02 0.17
N ALA A 195 -16.41 13.09 0.96
CA ALA A 195 -17.13 13.05 2.23
C ALA A 195 -18.43 12.25 2.23
N GLU A 196 -19.27 12.53 1.23
CA GLU A 196 -20.51 11.81 1.03
C GLU A 196 -20.34 10.30 1.18
N PHE A 197 -19.18 9.78 0.76
CA PHE A 197 -18.94 8.34 0.78
C PHE A 197 -17.92 7.97 1.84
N GLN A 198 -17.45 8.97 2.58
CA GLN A 198 -16.32 8.83 3.49
C GLN A 198 -15.18 8.13 2.76
N ALA A 199 -15.07 8.45 1.46
CA ALA A 199 -14.03 7.88 0.60
C ALA A 199 -12.65 8.37 1.03
N GLU A 200 -11.66 7.48 0.91
CA GLU A 200 -10.27 7.78 1.26
C GLU A 200 -9.43 8.02 -0.01
N PHE A 201 -8.60 9.04 0.02
CA PHE A 201 -7.72 9.30 -1.10
C PHE A 201 -6.45 8.47 -0.94
N VAL A 202 -6.17 7.56 -1.86
CA VAL A 202 -5.00 6.67 -1.75
C VAL A 202 -4.16 6.65 -3.03
N SER A 203 -3.00 6.00 -2.97
CA SER A 203 -2.15 5.85 -4.13
C SER A 203 -2.72 4.72 -4.95
N THR A 204 -2.36 4.68 -6.22
CA THR A 204 -2.75 3.59 -7.11
C THR A 204 -2.38 2.21 -6.54
N PRO A 205 -1.10 1.98 -6.16
CA PRO A 205 -0.78 0.69 -5.55
C PRO A 205 -1.69 0.28 -4.39
N GLU A 206 -1.90 1.18 -3.42
CA GLU A 206 -2.90 0.92 -2.34
C GLU A 206 -4.33 0.63 -2.80
N LEU A 207 -4.83 1.41 -3.77
CA LEU A 207 -6.12 1.13 -4.44
C LEU A 207 -6.18 -0.31 -5.00
N ALA A 208 -5.10 -0.75 -5.64
CA ALA A 208 -5.13 -2.06 -6.28
C ALA A 208 -5.12 -3.14 -5.22
N ALA A 209 -4.28 -2.96 -4.20
CA ALA A 209 -4.03 -4.05 -3.23
C ALA A 209 -5.26 -4.34 -2.39
N GLN A 210 -6.05 -3.28 -2.17
CA GLN A 210 -7.11 -3.29 -1.15
C GLN A 210 -8.52 -3.49 -1.66
N SER A 211 -8.76 -3.30 -2.95
CA SER A 211 -10.13 -3.26 -3.46
C SER A 211 -10.60 -4.62 -3.93
N ASP A 212 -11.87 -4.90 -3.66
CA ASP A 212 -12.60 -6.05 -4.20
C ASP A 212 -13.20 -5.67 -5.57
N PHE A 213 -13.47 -4.39 -5.73
CA PHE A 213 -14.06 -3.87 -6.94
C PHE A 213 -13.26 -2.66 -7.38
N ILE A 214 -12.87 -2.66 -8.64
CA ILE A 214 -12.18 -1.51 -9.18
C ILE A 214 -13.00 -0.99 -10.34
N VAL A 215 -13.36 0.29 -10.24
CA VAL A 215 -14.10 0.96 -11.27
C VAL A 215 -13.29 2.17 -11.73
N VAL A 216 -12.99 2.19 -13.05
CA VAL A 216 -12.24 3.25 -13.71
C VAL A 216 -13.18 4.26 -14.40
N ALA A 217 -13.26 5.49 -13.90
CA ALA A 217 -14.18 6.46 -14.46
C ALA A 217 -13.51 7.83 -14.58
N CYS A 218 -12.33 7.77 -15.15
CA CYS A 218 -11.43 8.90 -15.33
C CYS A 218 -11.44 9.35 -16.77
N SER A 219 -10.68 10.40 -17.08
CA SER A 219 -10.49 10.83 -18.44
C SER A 219 -9.26 10.16 -19.06
N LEU A 220 -9.23 10.06 -20.40
CA LEU A 220 -8.00 9.73 -21.14
C LEU A 220 -7.02 10.93 -21.31
N THR A 221 -5.92 10.87 -20.59
CA THR A 221 -4.82 11.83 -20.74
C THR A 221 -3.53 11.04 -21.02
N PRO A 222 -2.43 11.74 -21.36
CA PRO A 222 -1.11 11.11 -21.31
C PRO A 222 -0.82 10.36 -19.99
N ALA A 223 -1.26 10.94 -18.86
CA ALA A 223 -1.16 10.34 -17.53
C ALA A 223 -1.95 9.04 -17.32
N THR A 224 -3.10 8.90 -17.99
CA THR A 224 -4.00 7.76 -17.77
C THR A 224 -3.89 6.67 -18.84
N GLU A 225 -3.30 7.01 -19.98
CA GLU A 225 -3.02 6.08 -21.05
C GLU A 225 -2.15 4.91 -20.54
N GLY A 226 -2.60 3.68 -20.78
CA GLY A 226 -1.84 2.48 -20.41
C GLY A 226 -1.78 2.22 -18.89
N LEU A 227 -2.56 2.99 -18.12
CA LEU A 227 -2.57 2.95 -16.64
C LEU A 227 -2.71 1.54 -16.06
N CYS A 228 -3.74 0.83 -16.51
CA CYS A 228 -4.04 -0.47 -15.98
C CYS A 228 -3.34 -1.52 -16.85
N ASN A 229 -2.10 -1.81 -16.50
CA ASN A 229 -1.27 -2.75 -17.25
C ASN A 229 -1.00 -4.02 -16.44
N LYS A 230 0.01 -4.80 -16.84
CA LYS A 230 0.39 -6.02 -16.13
C LYS A 230 0.71 -5.70 -14.67
N ASP A 231 1.55 -4.67 -14.48
CA ASP A 231 1.96 -4.19 -13.18
C ASP A 231 0.79 -3.93 -12.24
N PHE A 232 -0.24 -3.25 -12.74
CA PHE A 232 -1.47 -3.00 -11.98
C PHE A 232 -2.28 -4.28 -11.68
N PHE A 233 -2.56 -5.10 -12.68
CA PHE A 233 -3.35 -6.33 -12.43
C PHE A 233 -2.62 -7.28 -11.47
N GLN A 234 -1.33 -7.07 -11.32
CA GLN A 234 -0.54 -7.94 -10.48
C GLN A 234 -0.69 -7.52 -9.02
N LYS A 235 -0.91 -6.25 -8.78
CA LYS A 235 -1.12 -5.79 -7.41
C LYS A 235 -2.56 -6.08 -6.96
N MET A 236 -3.44 -6.34 -7.93
CA MET A 236 -4.85 -6.65 -7.66
C MET A 236 -5.03 -8.00 -6.98
N LYS A 237 -6.05 -8.07 -6.12
CA LYS A 237 -6.53 -9.32 -5.51
C LYS A 237 -6.97 -10.31 -6.59
N GLU A 238 -6.77 -11.61 -6.34
CA GLU A 238 -7.22 -12.68 -7.24
C GLU A 238 -8.76 -12.75 -7.35
N THR A 239 -9.43 -12.30 -6.29
CA THR A 239 -10.88 -12.34 -6.22
C THR A 239 -11.54 -11.04 -6.73
N ALA A 240 -10.74 -10.08 -7.22
CA ALA A 240 -11.25 -8.76 -7.60
C ALA A 240 -11.80 -8.71 -9.03
N VAL A 241 -12.68 -7.77 -9.26
CA VAL A 241 -13.39 -7.58 -10.48
C VAL A 241 -13.02 -6.16 -10.93
N PHE A 242 -12.69 -6.03 -12.21
CA PHE A 242 -12.18 -4.81 -12.78
C PHE A 242 -13.16 -4.26 -13.81
N ILE A 243 -13.56 -3.00 -13.63
CA ILE A 243 -14.60 -2.40 -14.47
C ILE A 243 -14.07 -1.09 -15.12
N ASN A 244 -14.08 -1.04 -16.46
CA ASN A 244 -13.68 0.17 -17.17
C ASN A 244 -14.74 0.75 -18.07
N ILE A 245 -15.16 1.97 -17.76
CA ILE A 245 -16.17 2.66 -18.54
C ILE A 245 -15.57 4.00 -19.01
N SER A 246 -14.25 4.10 -18.99
CA SER A 246 -13.61 5.38 -19.30
C SER A 246 -13.26 5.46 -20.81
N ARG A 247 -12.02 5.11 -21.17
CA ARG A 247 -11.57 4.92 -22.55
C ARG A 247 -10.76 3.64 -22.68
N GLY A 248 -10.77 3.05 -23.88
CA GLY A 248 -10.05 1.79 -24.14
C GLY A 248 -8.56 1.91 -23.88
N ASP A 249 -8.00 3.05 -24.23
CA ASP A 249 -6.55 3.26 -24.11
C ASP A 249 -6.02 3.37 -22.68
N VAL A 250 -6.91 3.43 -21.69
CA VAL A 250 -6.51 3.30 -20.31
C VAL A 250 -6.06 1.84 -20.03
N VAL A 251 -6.65 0.87 -20.74
CA VAL A 251 -6.40 -0.53 -20.40
C VAL A 251 -5.45 -1.18 -21.39
N ASN A 252 -4.38 -1.80 -20.89
CA ASN A 252 -3.55 -2.64 -21.75
C ASN A 252 -4.26 -3.99 -21.90
N GLN A 253 -4.85 -4.27 -23.08
CA GLN A 253 -5.73 -5.46 -23.34
C GLN A 253 -5.00 -6.83 -23.35
N ASP A 254 -3.72 -6.79 -23.69
CA ASP A 254 -2.87 -7.98 -23.63
C ASP A 254 -2.64 -8.38 -22.16
N ASP A 255 -2.31 -7.39 -21.34
CA ASP A 255 -2.14 -7.59 -19.92
C ASP A 255 -3.45 -7.96 -19.27
N LEU A 256 -4.57 -7.33 -19.68
CA LEU A 256 -5.89 -7.77 -19.20
C LEU A 256 -6.16 -9.26 -19.51
N TYR A 257 -6.05 -9.65 -20.79
CA TYR A 257 -6.29 -11.05 -21.16
C TYR A 257 -5.41 -11.95 -20.30
N GLN A 258 -4.10 -11.72 -20.31
CA GLN A 258 -3.23 -12.56 -19.49
C GLN A 258 -3.72 -12.73 -18.03
N ALA A 259 -4.05 -11.62 -17.38
CA ALA A 259 -4.42 -11.63 -15.97
C ALA A 259 -5.75 -12.34 -15.75
N LEU A 260 -6.68 -12.16 -16.67
CA LEU A 260 -7.93 -12.93 -16.68
C LEU A 260 -7.71 -14.42 -16.92
N ALA A 261 -6.87 -14.74 -17.90
CA ALA A 261 -6.58 -16.16 -18.24
C ALA A 261 -5.76 -16.94 -17.18
N SER A 262 -4.97 -16.22 -16.38
CA SER A 262 -4.05 -16.86 -15.44
C SER A 262 -4.58 -16.93 -14.02
N GLY A 263 -5.69 -16.24 -13.76
CA GLY A 263 -6.32 -16.21 -12.43
C GLY A 263 -5.75 -15.14 -11.49
N LYS A 264 -5.29 -14.03 -12.08
CA LYS A 264 -4.65 -12.96 -11.33
C LYS A 264 -5.72 -12.02 -10.79
N ILE A 265 -6.79 -11.87 -11.57
CA ILE A 265 -8.01 -11.26 -11.07
C ILE A 265 -9.15 -12.20 -11.39
N ALA A 266 -10.29 -11.96 -10.76
CA ALA A 266 -11.48 -12.74 -10.98
C ALA A 266 -12.20 -12.50 -12.34
N ALA A 267 -12.41 -11.23 -12.73
CA ALA A 267 -13.22 -10.93 -13.90
C ALA A 267 -13.12 -9.48 -14.31
N ALA A 268 -13.56 -9.15 -15.53
CA ALA A 268 -13.59 -7.72 -15.91
C ALA A 268 -14.79 -7.43 -16.76
N GLY A 269 -15.24 -6.18 -16.72
CA GLY A 269 -16.35 -5.76 -17.58
C GLY A 269 -15.92 -4.49 -18.25
N LEU A 270 -16.00 -4.48 -19.57
CA LEU A 270 -15.55 -3.29 -20.29
C LEU A 270 -16.70 -2.70 -21.09
N ASP A 271 -16.89 -1.38 -21.00
CA ASP A 271 -17.83 -0.65 -21.83
C ASP A 271 -17.13 0.00 -22.99
N VAL A 272 -15.80 0.02 -22.91
CA VAL A 272 -14.94 0.73 -23.83
C VAL A 272 -13.79 -0.22 -24.27
N THR A 273 -13.31 -0.08 -25.52
CA THR A 273 -12.18 -0.93 -25.99
C THR A 273 -11.22 -0.19 -26.91
N SER A 274 -10.09 -0.84 -27.25
CA SER A 274 -9.19 -0.42 -28.33
C SER A 274 -9.00 -1.55 -29.39
N PRO A 275 -9.35 -1.29 -30.65
CA PRO A 275 -10.11 -0.16 -31.11
C PRO A 275 -11.63 -0.39 -30.84
N GLU A 276 -12.46 0.49 -31.37
CA GLU A 276 -13.89 0.34 -31.31
C GLU A 276 -14.38 0.42 -32.76
N PRO A 277 -15.05 -0.65 -33.25
CA PRO A 277 -15.32 -1.96 -32.56
C PRO A 277 -14.08 -2.85 -32.31
N LEU A 278 -14.17 -3.75 -31.33
CA LEU A 278 -13.11 -4.74 -31.08
C LEU A 278 -13.37 -5.83 -32.10
N PRO A 279 -12.30 -6.37 -32.78
CA PRO A 279 -12.54 -7.39 -33.80
C PRO A 279 -13.16 -8.59 -33.12
N THR A 280 -14.14 -9.21 -33.77
CA THR A 280 -14.91 -10.33 -33.19
C THR A 280 -13.94 -11.49 -32.92
N ASN A 281 -12.76 -11.29 -33.51
CA ASN A 281 -11.62 -12.15 -33.45
C ASN A 281 -10.81 -12.10 -32.15
N HIS A 282 -10.98 -11.02 -31.40
CA HIS A 282 -10.13 -10.73 -30.23
C HIS A 282 -10.16 -11.80 -29.11
N PRO A 283 -8.98 -12.15 -28.55
CA PRO A 283 -8.91 -13.13 -27.45
C PRO A 283 -9.80 -12.74 -26.25
N LEU A 284 -10.02 -11.44 -26.03
CA LEU A 284 -10.91 -11.03 -24.96
C LEU A 284 -12.30 -11.68 -25.09
N LEU A 285 -12.75 -11.86 -26.34
CA LEU A 285 -14.10 -12.37 -26.59
C LEU A 285 -14.20 -13.88 -26.38
N THR A 286 -13.10 -14.51 -25.98
CA THR A 286 -13.08 -15.95 -25.80
C THR A 286 -13.12 -16.28 -24.31
N LEU A 287 -13.00 -15.26 -23.47
CA LEU A 287 -12.93 -15.45 -22.06
C LEU A 287 -14.32 -15.38 -21.47
N LYS A 288 -14.67 -16.40 -20.67
CA LYS A 288 -15.96 -16.35 -19.95
C LYS A 288 -15.98 -15.42 -18.71
N ASN A 289 -14.81 -15.02 -18.20
CA ASN A 289 -14.79 -14.02 -17.14
C ASN A 289 -14.48 -12.61 -17.61
N CYS A 290 -14.81 -12.32 -18.88
CA CYS A 290 -14.72 -10.95 -19.44
C CYS A 290 -16.07 -10.56 -20.06
N VAL A 291 -16.63 -9.42 -19.67
CA VAL A 291 -17.84 -8.90 -20.33
C VAL A 291 -17.49 -7.65 -21.09
N ILE A 292 -17.88 -7.60 -22.35
CA ILE A 292 -17.57 -6.46 -23.17
C ILE A 292 -18.85 -5.84 -23.76
N LEU A 293 -19.05 -4.56 -23.52
CA LEU A 293 -20.22 -3.87 -24.07
C LEU A 293 -19.65 -2.87 -25.01
N PRO A 294 -20.40 -2.58 -26.06
CA PRO A 294 -20.22 -1.72 -27.19
C PRO A 294 -20.45 -0.21 -26.93
N HIS A 295 -19.91 0.31 -25.83
CA HIS A 295 -19.92 1.78 -25.51
C HIS A 295 -21.32 2.32 -25.44
N ILE A 296 -22.15 1.75 -24.57
CA ILE A 296 -23.57 2.15 -24.32
C ILE A 296 -23.83 2.88 -22.97
N GLY A 297 -22.76 3.33 -22.32
CA GLY A 297 -22.91 4.10 -21.04
C GLY A 297 -24.07 5.07 -20.99
N SER A 298 -24.17 5.98 -21.97
CA SER A 298 -25.23 7.01 -21.95
C SER A 298 -26.47 6.67 -22.75
N ALA A 299 -26.70 5.38 -23.05
CA ALA A 299 -27.76 4.99 -23.98
C ALA A 299 -29.15 4.73 -23.41
N THR A 300 -29.94 5.80 -23.27
CA THR A 300 -31.39 5.77 -23.13
C THR A 300 -31.76 6.87 -24.06
N HIS A 301 -32.96 6.83 -24.62
CA HIS A 301 -33.37 7.88 -25.54
C HIS A 301 -33.41 9.25 -24.89
N ARG A 302 -34.02 9.31 -23.71
CA ARG A 302 -34.17 10.58 -23.00
C ARG A 302 -32.78 11.29 -22.84
N THR A 303 -31.79 10.56 -22.34
CA THR A 303 -30.43 11.08 -22.21
C THR A 303 -29.82 11.55 -23.56
N ARG A 304 -30.01 10.72 -24.59
CA ARG A 304 -29.39 10.93 -25.89
C ARG A 304 -30.11 12.10 -26.57
N ASN A 305 -31.43 12.11 -26.47
CA ASN A 305 -32.21 13.33 -26.77
C ASN A 305 -31.65 14.58 -26.07
N THR A 306 -31.41 14.46 -24.78
CA THR A 306 -30.89 15.59 -24.02
C THR A 306 -29.51 16.01 -24.53
N MET A 307 -28.60 15.04 -24.78
CA MET A 307 -27.27 15.37 -25.30
C MET A 307 -27.33 15.98 -26.70
N SER A 308 -28.25 15.47 -27.49
CA SER A 308 -28.41 15.94 -28.84
C SER A 308 -28.82 17.43 -28.85
N LEU A 309 -29.78 17.78 -27.98
CA LEU A 309 -30.27 19.17 -27.86
C LEU A 309 -29.17 20.05 -27.28
N LEU A 310 -28.48 19.54 -26.27
CA LEU A 310 -27.32 20.27 -25.72
C LEU A 310 -26.26 20.56 -26.80
N ALA A 311 -25.84 19.52 -27.53
CA ALA A 311 -24.89 19.72 -28.63
C ALA A 311 -25.39 20.76 -29.64
N ALA A 312 -26.69 20.68 -30.02
CA ALA A 312 -27.27 21.67 -30.96
C ALA A 312 -27.09 23.06 -30.43
N ASN A 313 -27.47 23.25 -29.17
CA ASN A 313 -27.54 24.59 -28.58
C ASN A 313 -26.17 25.16 -28.32
N ASN A 314 -25.22 24.29 -27.98
CA ASN A 314 -23.81 24.69 -27.93
C ASN A 314 -23.33 25.31 -29.28
N LEU A 315 -23.69 24.65 -30.38
CA LEU A 315 -23.22 25.04 -31.71
C LEU A 315 -23.90 26.34 -32.11
N LEU A 316 -25.21 26.41 -31.98
CA LEU A 316 -25.92 27.61 -32.39
C LEU A 316 -25.45 28.85 -31.64
N ALA A 317 -25.36 28.78 -30.31
CA ALA A 317 -24.80 29.90 -29.48
C ALA A 317 -23.36 30.24 -29.91
N GLY A 318 -22.52 29.21 -29.97
CA GLY A 318 -21.17 29.33 -30.54
C GLY A 318 -21.12 30.00 -31.89
N LEU A 319 -22.04 29.64 -32.77
CA LEU A 319 -22.19 30.32 -34.06
C LEU A 319 -22.54 31.82 -33.93
N ARG A 320 -23.38 32.17 -32.94
CA ARG A 320 -23.93 33.55 -32.79
C ARG A 320 -23.10 34.48 -31.86
N GLY A 321 -21.95 33.99 -31.40
CA GLY A 321 -21.09 34.75 -30.48
C GLY A 321 -21.68 34.92 -29.09
N GLU A 322 -22.50 33.96 -28.69
CA GLU A 322 -23.18 33.98 -27.38
C GLU A 322 -22.56 32.99 -26.37
N PRO A 323 -22.86 33.19 -25.08
CA PRO A 323 -22.48 32.16 -24.10
C PRO A 323 -23.06 30.79 -24.46
N MET A 324 -22.34 29.72 -24.17
CA MET A 324 -22.86 28.37 -24.47
C MET A 324 -23.45 27.77 -23.21
N PRO A 325 -24.54 26.98 -23.35
CA PRO A 325 -25.03 26.25 -22.17
C PRO A 325 -23.90 25.45 -21.51
N SER A 326 -23.03 24.78 -22.28
CA SER A 326 -21.84 24.05 -21.72
C SER A 326 -20.55 24.14 -22.58
N GLU A 327 -19.87 25.28 -22.50
CA GLU A 327 -18.64 25.45 -23.27
C GLU A 327 -17.48 24.78 -22.55
N LEU A 328 -16.59 24.14 -23.31
CA LEU A 328 -15.30 23.73 -22.76
C LEU A 328 -14.27 24.82 -22.98
N LYS A 329 -13.66 25.33 -21.93
CA LYS A 329 -12.57 26.33 -22.17
C LYS A 329 -11.16 25.76 -22.11
N LEU A 330 -10.36 26.25 -23.05
CA LEU A 330 -8.87 26.23 -23.06
C LEU A 330 -8.10 25.06 -22.42
N LEU B 8 -28.11 -44.21 17.58
CA LEU B 8 -27.77 -43.17 16.57
C LEU B 8 -28.96 -42.71 15.71
N MET B 9 -29.19 -41.40 15.71
CA MET B 9 -30.23 -40.80 14.85
C MET B 9 -29.77 -40.79 13.39
N LYS B 10 -30.64 -41.24 12.49
CA LYS B 10 -30.35 -41.36 11.05
C LYS B 10 -30.69 -40.05 10.34
N VAL B 11 -29.77 -39.61 9.48
CA VAL B 11 -29.93 -38.39 8.66
C VAL B 11 -29.79 -38.69 7.15
N PHE B 12 -30.71 -38.19 6.33
CA PHE B 12 -30.50 -38.23 4.89
C PHE B 12 -30.31 -36.83 4.33
N VAL B 13 -29.25 -36.66 3.55
CA VAL B 13 -28.95 -35.35 2.90
C VAL B 13 -29.11 -35.56 1.38
N THR B 14 -29.92 -34.72 0.73
CA THR B 14 -30.39 -34.98 -0.64
C THR B 14 -29.40 -34.50 -1.74
N ARG B 15 -28.23 -34.00 -1.34
CA ARG B 15 -27.26 -33.43 -2.32
C ARG B 15 -25.93 -33.21 -1.64
N ARG B 16 -24.86 -33.02 -2.44
CA ARG B 16 -23.62 -32.42 -1.92
C ARG B 16 -23.88 -31.00 -1.46
N ILE B 17 -23.83 -30.77 -0.16
CA ILE B 17 -23.89 -29.40 0.31
C ILE B 17 -22.50 -28.78 0.50
N PRO B 18 -22.40 -27.43 0.42
CA PRO B 18 -21.17 -26.76 0.75
C PRO B 18 -20.56 -27.30 2.06
N ALA B 19 -19.25 -27.53 2.01
CA ALA B 19 -18.36 -28.04 3.10
C ALA B 19 -18.73 -27.71 4.53
N GLU B 20 -18.87 -26.44 4.87
CA GLU B 20 -19.06 -26.09 6.28
C GLU B 20 -20.22 -26.86 6.91
N GLY B 21 -21.28 -27.06 6.14
CA GLY B 21 -22.47 -27.67 6.71
C GLY B 21 -22.32 -29.16 6.80
N ARG B 22 -21.56 -29.71 5.85
CA ARG B 22 -21.26 -31.13 5.72
C ARG B 22 -20.31 -31.52 6.83
N VAL B 23 -19.39 -30.61 7.13
CA VAL B 23 -18.48 -30.73 8.27
C VAL B 23 -19.25 -30.80 9.61
N ALA B 24 -20.15 -29.83 9.82
CA ALA B 24 -21.01 -29.83 10.98
C ALA B 24 -21.68 -31.21 11.18
N LEU B 25 -22.14 -31.81 10.09
CA LEU B 25 -22.85 -33.08 10.17
C LEU B 25 -21.89 -34.23 10.37
N ALA B 26 -20.67 -34.13 9.82
CA ALA B 26 -19.64 -35.17 10.02
C ALA B 26 -19.06 -35.20 11.41
N ARG B 27 -19.19 -34.08 12.13
CA ARG B 27 -18.66 -33.99 13.48
C ARG B 27 -19.73 -34.34 14.52
N ALA B 28 -20.94 -34.69 14.08
CA ALA B 28 -21.99 -35.11 15.01
C ALA B 28 -21.92 -36.61 15.42
N ALA B 29 -21.47 -36.90 16.64
CA ALA B 29 -21.34 -38.30 17.10
C ALA B 29 -22.68 -39.00 17.34
N ASP B 30 -23.72 -38.24 17.68
CA ASP B 30 -25.07 -38.78 17.86
C ASP B 30 -25.84 -39.20 16.55
N CYS B 31 -25.28 -38.85 15.39
CA CYS B 31 -25.99 -39.00 14.13
C CYS B 31 -25.38 -39.97 13.17
N GLU B 32 -26.24 -40.66 12.41
CA GLU B 32 -25.81 -41.45 11.27
C GLU B 32 -26.26 -40.80 9.95
N VAL B 33 -25.29 -40.24 9.23
CA VAL B 33 -25.56 -39.39 8.08
C VAL B 33 -25.33 -40.12 6.76
N GLU B 34 -26.37 -40.13 5.94
CA GLU B 34 -26.30 -40.67 4.58
C GLU B 34 -26.51 -39.49 3.63
N GLN B 35 -25.67 -39.42 2.59
CA GLN B 35 -25.73 -38.41 1.54
C GLN B 35 -26.08 -38.97 0.14
N TRP B 36 -26.86 -38.20 -0.62
CA TRP B 36 -26.93 -38.35 -2.06
C TRP B 36 -25.63 -37.66 -2.49
N ASP B 37 -24.68 -38.47 -2.98
CA ASP B 37 -23.28 -38.04 -3.18
C ASP B 37 -23.09 -37.44 -4.57
N SER B 38 -23.69 -36.27 -4.82
CA SER B 38 -23.88 -35.80 -6.19
C SER B 38 -24.26 -34.34 -6.23
N ASP B 39 -23.99 -33.70 -7.35
CA ASP B 39 -24.45 -32.35 -7.59
C ASP B 39 -25.76 -32.31 -8.33
N GLU B 40 -26.25 -33.47 -8.75
CA GLU B 40 -27.46 -33.60 -9.58
C GLU B 40 -28.68 -33.93 -8.69
N PRO B 41 -29.91 -33.56 -9.11
CA PRO B 41 -31.02 -33.64 -8.13
C PRO B 41 -31.38 -35.09 -7.88
N ILE B 42 -31.96 -35.41 -6.72
CA ILE B 42 -32.34 -36.81 -6.43
C ILE B 42 -33.67 -37.23 -7.12
N PRO B 43 -33.67 -38.31 -7.92
CA PRO B 43 -34.98 -38.90 -8.30
C PRO B 43 -35.90 -39.14 -7.09
N ALA B 44 -37.17 -38.76 -7.22
CA ALA B 44 -38.15 -38.96 -6.16
C ALA B 44 -38.04 -40.38 -5.64
N LYS B 45 -37.87 -41.33 -6.55
CA LYS B 45 -37.72 -42.75 -6.21
C LYS B 45 -36.52 -43.02 -5.31
N GLU B 46 -35.40 -42.33 -5.58
CA GLU B 46 -34.19 -42.53 -4.78
C GLU B 46 -34.33 -41.80 -3.43
N LEU B 47 -35.10 -40.71 -3.45
CA LEU B 47 -35.39 -39.94 -2.24
C LEU B 47 -36.24 -40.73 -1.24
N GLU B 48 -37.25 -41.46 -1.74
CA GLU B 48 -38.09 -42.32 -0.92
C GLU B 48 -37.26 -43.44 -0.27
N ARG B 49 -36.35 -44.07 -1.03
CA ARG B 49 -35.42 -45.09 -0.49
C ARG B 49 -34.48 -44.43 0.51
N GLY B 50 -33.86 -43.32 0.08
CA GLY B 50 -32.93 -42.55 0.92
C GLY B 50 -33.47 -42.14 2.29
N VAL B 51 -34.72 -41.68 2.36
CA VAL B 51 -35.29 -41.14 3.61
C VAL B 51 -35.90 -42.19 4.55
N ALA B 52 -35.94 -43.45 4.15
CA ALA B 52 -36.58 -44.50 4.95
C ALA B 52 -35.88 -44.66 6.31
N GLY B 53 -36.58 -44.35 7.39
CA GLY B 53 -36.02 -44.58 8.72
C GLY B 53 -35.39 -43.34 9.31
N ALA B 54 -35.16 -42.34 8.47
CA ALA B 54 -34.46 -41.14 8.85
C ALA B 54 -35.22 -40.44 9.96
N HIS B 55 -34.45 -39.87 10.89
CA HIS B 55 -34.92 -39.00 11.95
C HIS B 55 -34.89 -37.56 11.46
N GLY B 56 -33.94 -37.28 10.56
CA GLY B 56 -33.70 -35.93 10.06
C GLY B 56 -33.47 -35.92 8.55
N LEU B 57 -34.09 -34.98 7.86
CA LEU B 57 -33.85 -34.80 6.43
C LEU B 57 -33.36 -33.38 6.18
N LEU B 58 -32.18 -33.27 5.56
CA LEU B 58 -31.68 -31.95 5.11
C LEU B 58 -31.87 -31.94 3.59
N CYS B 59 -32.68 -30.99 3.11
CA CYS B 59 -33.24 -31.07 1.76
C CYS B 59 -33.05 -29.69 1.04
N LEU B 60 -33.27 -29.64 -0.29
CA LEU B 60 -33.13 -28.37 -1.08
C LEU B 60 -34.48 -27.89 -1.57
N LEU B 61 -34.59 -26.64 -2.01
CA LEU B 61 -35.85 -26.05 -2.50
C LEU B 61 -36.48 -26.78 -3.68
N SER B 62 -35.66 -27.61 -4.34
CA SER B 62 -36.07 -28.36 -5.52
C SER B 62 -36.47 -29.83 -5.23
N ASP B 63 -36.27 -30.30 -4.01
CA ASP B 63 -36.80 -31.60 -3.58
C ASP B 63 -38.27 -31.47 -3.22
N HIS B 64 -39.07 -32.43 -3.68
CA HIS B 64 -40.51 -32.36 -3.50
C HIS B 64 -40.85 -33.18 -2.27
N VAL B 65 -40.90 -32.54 -1.09
CA VAL B 65 -41.25 -33.25 0.17
C VAL B 65 -42.76 -33.26 0.37
N ASP B 66 -43.40 -34.24 -0.27
CA ASP B 66 -44.86 -34.43 -0.24
C ASP B 66 -45.23 -35.58 0.71
N LYS B 67 -46.51 -35.94 0.70
CA LYS B 67 -47.00 -37.12 1.45
C LYS B 67 -46.12 -38.38 1.25
N ARG B 68 -45.82 -38.72 0.00
CA ARG B 68 -45.11 -39.99 -0.26
C ARG B 68 -43.74 -40.04 0.39
N ILE B 69 -43.01 -38.93 0.39
CA ILE B 69 -41.72 -38.93 1.06
C ILE B 69 -41.86 -38.93 2.61
N LEU B 70 -42.93 -38.34 3.13
CA LEU B 70 -43.10 -38.35 4.57
C LEU B 70 -43.44 -39.75 5.05
N ASP B 71 -44.28 -40.46 4.28
CA ASP B 71 -44.70 -41.86 4.53
C ASP B 71 -43.55 -42.85 4.31
N ALA B 72 -42.81 -42.68 3.22
CA ALA B 72 -41.49 -43.32 3.07
C ALA B 72 -40.65 -43.16 4.34
N ALA B 73 -40.43 -41.93 4.81
CA ALA B 73 -39.56 -41.71 5.98
C ALA B 73 -40.05 -42.43 7.22
N GLY B 74 -41.35 -42.27 7.52
CA GLY B 74 -41.96 -42.96 8.65
C GLY B 74 -41.88 -42.20 9.96
N ALA B 75 -42.38 -42.83 11.02
CA ALA B 75 -42.64 -42.13 12.30
C ALA B 75 -41.40 -41.57 13.03
N ASN B 76 -40.22 -42.07 12.65
CA ASN B 76 -38.90 -41.57 13.05
C ASN B 76 -38.66 -40.10 12.70
N LEU B 77 -39.15 -39.68 11.55
CA LEU B 77 -38.87 -38.34 11.06
C LEU B 77 -39.29 -37.23 12.06
N LYS B 78 -38.32 -36.47 12.58
CA LYS B 78 -38.57 -35.41 13.59
C LYS B 78 -38.25 -33.95 13.17
N VAL B 79 -37.37 -33.79 12.18
CA VAL B 79 -36.95 -32.47 11.72
C VAL B 79 -36.75 -32.56 10.22
N ILE B 80 -37.32 -31.59 9.51
CA ILE B 80 -36.95 -31.30 8.13
C ILE B 80 -36.26 -29.93 8.09
N SER B 81 -35.05 -29.87 7.54
CA SER B 81 -34.26 -28.63 7.44
C SER B 81 -33.92 -28.33 5.98
N THR B 82 -34.54 -27.27 5.45
CA THR B 82 -34.36 -26.91 4.03
C THR B 82 -33.30 -25.82 3.89
N MET B 83 -32.43 -25.97 2.90
CA MET B 83 -31.41 -25.02 2.62
C MET B 83 -31.98 -23.93 1.70
N SER B 84 -32.90 -23.15 2.24
CA SER B 84 -33.63 -22.13 1.48
C SER B 84 -34.58 -21.37 2.40
N VAL B 85 -35.09 -20.23 1.90
CA VAL B 85 -36.06 -19.42 2.62
C VAL B 85 -37.50 -19.78 2.23
N GLY B 86 -37.72 -19.93 0.92
CA GLY B 86 -38.96 -20.49 0.40
C GLY B 86 -39.20 -21.86 1.03
N ILE B 87 -40.50 -22.19 1.16
CA ILE B 87 -40.95 -23.43 1.80
C ILE B 87 -42.07 -24.11 0.99
N ASP B 88 -42.43 -23.49 -0.13
CA ASP B 88 -43.50 -24.02 -1.01
C ASP B 88 -43.26 -25.43 -1.57
N HIS B 89 -42.09 -26.03 -1.32
CA HIS B 89 -41.80 -27.43 -1.70
C HIS B 89 -42.02 -28.43 -0.54
N LEU B 90 -42.40 -27.91 0.63
CA LEU B 90 -42.75 -28.76 1.77
C LEU B 90 -44.27 -28.81 1.93
N ALA B 91 -44.78 -30.02 2.10
CA ALA B 91 -46.19 -30.24 2.45
C ALA B 91 -46.41 -29.85 3.91
N LEU B 92 -46.38 -28.56 4.19
CA LEU B 92 -46.44 -28.02 5.57
C LEU B 92 -47.62 -28.53 6.44
N ASP B 93 -48.81 -28.65 5.84
CA ASP B 93 -49.97 -29.18 6.54
C ASP B 93 -49.69 -30.55 7.16
N GLU B 94 -49.13 -31.43 6.36
CA GLU B 94 -48.81 -32.78 6.81
C GLU B 94 -47.71 -32.75 7.87
N ILE B 95 -46.74 -31.85 7.71
CA ILE B 95 -45.57 -31.76 8.59
C ILE B 95 -46.01 -31.29 9.99
N LYS B 96 -46.85 -30.26 10.03
CA LYS B 96 -47.48 -29.71 11.24
C LYS B 96 -48.18 -30.82 12.00
N LYS B 97 -49.06 -31.53 11.31
CA LYS B 97 -49.92 -32.52 11.95
C LYS B 97 -49.15 -33.76 12.44
N ARG B 98 -48.08 -34.11 11.74
CA ARG B 98 -47.11 -35.10 12.20
C ARG B 98 -46.21 -34.57 13.35
N GLY B 99 -46.27 -33.27 13.62
CA GLY B 99 -45.46 -32.66 14.70
C GLY B 99 -43.96 -32.61 14.40
N ILE B 100 -43.61 -32.59 13.12
CA ILE B 100 -42.22 -32.53 12.66
C ILE B 100 -41.75 -31.07 12.68
N ARG B 101 -40.56 -30.82 13.20
CA ARG B 101 -40.03 -29.43 13.26
C ARG B 101 -39.41 -29.07 11.93
N VAL B 102 -39.51 -27.78 11.54
CA VAL B 102 -38.92 -27.31 10.28
C VAL B 102 -37.89 -26.19 10.48
N GLY B 103 -36.71 -26.35 9.83
CA GLY B 103 -35.70 -25.30 9.69
C GLY B 103 -35.62 -24.72 8.27
N TYR B 104 -35.36 -23.42 8.17
CA TYR B 104 -35.18 -22.81 6.83
C TYR B 104 -34.12 -21.72 6.92
N THR B 105 -33.88 -20.97 5.83
CA THR B 105 -32.78 -20.01 5.81
C THR B 105 -33.16 -18.58 5.40
N PRO B 106 -33.93 -17.88 6.26
CA PRO B 106 -34.26 -16.45 6.14
C PRO B 106 -33.03 -15.61 6.48
N ASP B 107 -33.05 -14.31 6.08
CA ASP B 107 -32.03 -13.26 6.47
C ASP B 107 -30.59 -13.41 5.85
N VAL B 108 -29.97 -14.58 6.01
CA VAL B 108 -28.58 -14.74 5.58
C VAL B 108 -28.43 -14.56 4.08
N LEU B 109 -29.50 -14.81 3.33
CA LEU B 109 -29.50 -14.61 1.89
C LEU B 109 -30.23 -13.34 1.37
N THR B 110 -30.64 -12.44 2.28
CA THR B 110 -31.52 -11.32 1.87
C THR B 110 -30.71 -10.37 0.98
N ASP B 111 -29.47 -10.09 1.38
CA ASP B 111 -28.71 -9.04 0.69
C ASP B 111 -28.25 -9.54 -0.70
N THR B 112 -27.67 -10.73 -0.73
CA THR B 112 -27.30 -11.38 -1.95
C THR B 112 -28.41 -11.54 -2.98
N THR B 113 -29.60 -11.95 -2.54
CA THR B 113 -30.74 -12.10 -3.45
C THR B 113 -31.22 -10.74 -4.00
N ALA B 114 -31.28 -9.72 -3.16
CA ALA B 114 -31.65 -8.37 -3.60
C ALA B 114 -30.65 -7.89 -4.61
N GLU B 115 -29.40 -8.34 -4.44
CA GLU B 115 -28.29 -7.89 -5.25
C GLU B 115 -28.47 -8.46 -6.64
N LEU B 116 -28.90 -9.73 -6.66
CA LEU B 116 -29.08 -10.44 -7.90
C LEU B 116 -30.30 -9.87 -8.62
N ALA B 117 -31.34 -9.53 -7.84
CA ALA B 117 -32.54 -9.04 -8.48
C ALA B 117 -32.35 -7.68 -9.18
N VAL B 118 -31.53 -6.81 -8.59
CA VAL B 118 -31.21 -5.53 -9.20
C VAL B 118 -30.23 -5.79 -10.33
N SER B 119 -29.36 -6.81 -10.16
CA SER B 119 -28.48 -7.21 -11.25
C SER B 119 -29.30 -7.49 -12.52
N LEU B 120 -30.35 -8.32 -12.34
CA LEU B 120 -31.23 -8.82 -13.40
C LEU B 120 -32.02 -7.69 -13.99
N LEU B 121 -32.50 -6.80 -13.14
CA LEU B 121 -33.30 -5.67 -13.62
C LEU B 121 -32.45 -4.76 -14.49
N LEU B 122 -31.26 -4.46 -14.01
CA LEU B 122 -30.31 -3.69 -14.80
C LEU B 122 -29.80 -4.42 -16.07
N THR B 123 -29.50 -5.72 -16.00
CA THR B 123 -29.06 -6.40 -17.23
C THR B 123 -30.19 -6.30 -18.28
N THR B 124 -31.42 -6.52 -17.83
CA THR B 124 -32.59 -6.52 -18.68
C THR B 124 -32.90 -5.11 -19.23
N CYS B 125 -32.92 -4.10 -18.38
CA CYS B 125 -33.49 -2.82 -18.80
C CYS B 125 -32.46 -2.02 -19.61
N ARG B 126 -31.17 -2.21 -19.32
CA ARG B 126 -30.09 -1.63 -20.16
C ARG B 126 -29.57 -2.54 -21.33
N ARG B 127 -30.22 -3.69 -21.50
CA ARG B 127 -30.10 -4.55 -22.71
C ARG B 127 -28.75 -5.18 -22.92
N LEU B 128 -28.13 -5.57 -21.81
CA LEU B 128 -26.77 -6.03 -21.82
C LEU B 128 -26.53 -7.27 -22.65
N PRO B 129 -27.40 -8.27 -22.55
CA PRO B 129 -27.32 -9.44 -23.46
C PRO B 129 -27.27 -9.13 -24.95
N GLU B 130 -28.25 -8.39 -25.45
CA GLU B 130 -28.28 -7.91 -26.79
C GLU B 130 -26.95 -7.22 -27.15
N ALA B 131 -26.50 -6.27 -26.28
CA ALA B 131 -25.22 -5.53 -26.39
C ALA B 131 -24.02 -6.47 -26.45
N ILE B 132 -23.98 -7.39 -25.49
CA ILE B 132 -22.91 -8.37 -25.43
C ILE B 132 -22.80 -9.10 -26.79
N GLU B 133 -23.92 -9.52 -27.34
CA GLU B 133 -23.83 -10.21 -28.60
C GLU B 133 -23.66 -9.35 -29.86
N GLU B 134 -24.17 -8.11 -29.90
CA GLU B 134 -23.75 -7.22 -31.01
C GLU B 134 -22.23 -7.13 -31.14
N VAL B 135 -21.51 -7.35 -30.04
CA VAL B 135 -20.05 -7.26 -30.01
C VAL B 135 -19.42 -8.49 -30.63
N LYS B 136 -19.88 -9.66 -30.21
CA LYS B 136 -19.32 -10.93 -30.65
C LYS B 136 -19.72 -11.34 -32.07
N ASN B 137 -20.81 -10.75 -32.59
CA ASN B 137 -21.38 -11.16 -33.87
C ASN B 137 -21.15 -10.13 -34.97
N GLY B 138 -20.38 -9.08 -34.66
CA GLY B 138 -19.93 -8.17 -35.70
C GLY B 138 -20.94 -7.09 -36.06
N GLY B 139 -21.98 -6.94 -35.23
CA GLY B 139 -22.99 -5.88 -35.44
C GLY B 139 -22.49 -4.54 -34.96
N TRP B 140 -21.58 -4.57 -34.00
CA TRP B 140 -20.87 -3.36 -33.50
C TRP B 140 -19.99 -2.74 -34.60
N THR B 141 -20.32 -1.51 -35.01
CA THR B 141 -19.50 -0.81 -36.02
C THR B 141 -18.96 0.54 -35.60
N SER B 142 -19.67 1.24 -34.71
CA SER B 142 -19.17 2.49 -34.15
C SER B 142 -19.92 2.73 -32.82
N TRP B 143 -19.60 3.83 -32.16
CA TRP B 143 -20.52 4.41 -31.18
C TRP B 143 -21.68 5.02 -32.02
N LYS B 144 -22.90 4.90 -31.51
CA LYS B 144 -24.10 5.29 -32.21
C LYS B 144 -25.09 5.83 -31.23
N PRO B 145 -25.57 7.06 -31.47
CA PRO B 145 -26.49 7.84 -30.63
C PRO B 145 -27.90 7.21 -30.39
N LEU B 146 -28.38 6.36 -31.29
CA LEU B 146 -29.75 5.82 -31.19
C LEU B 146 -29.84 4.29 -31.03
N TRP B 147 -28.75 3.70 -30.54
CA TRP B 147 -28.50 2.26 -30.60
C TRP B 147 -28.35 1.67 -29.22
N LEU B 148 -29.02 0.54 -29.05
CA LEU B 148 -29.08 -0.18 -27.80
C LEU B 148 -29.55 0.66 -26.59
N CYS B 149 -30.30 1.73 -26.88
CA CYS B 149 -30.92 2.54 -25.85
C CYS B 149 -31.89 1.73 -24.99
N GLY B 150 -31.73 1.80 -23.66
CA GLY B 150 -32.56 1.03 -22.75
C GLY B 150 -33.43 1.97 -21.94
N TYR B 151 -33.95 1.46 -20.83
CA TYR B 151 -34.88 2.16 -19.94
C TYR B 151 -34.23 2.55 -18.59
N GLY B 152 -34.07 3.85 -18.36
CA GLY B 152 -33.52 4.38 -17.11
C GLY B 152 -34.44 4.35 -15.89
N LEU B 153 -33.79 4.43 -14.72
CA LEU B 153 -34.37 4.40 -13.39
C LEU B 153 -34.62 5.81 -12.89
N THR B 154 -34.02 6.78 -13.57
CA THR B 154 -34.26 8.18 -13.22
C THR B 154 -35.74 8.51 -13.37
N GLN B 155 -36.32 9.06 -12.31
CA GLN B 155 -37.72 9.53 -12.31
C GLN B 155 -38.69 8.40 -12.61
N SER B 156 -38.26 7.15 -12.40
CA SER B 156 -39.11 5.99 -12.65
C SER B 156 -40.08 5.72 -11.50
N THR B 157 -41.08 4.89 -11.78
CA THR B 157 -41.94 4.32 -10.71
C THR B 157 -41.56 2.83 -10.63
N VAL B 158 -41.15 2.36 -9.47
CA VAL B 158 -41.01 0.93 -9.29
C VAL B 158 -42.08 0.38 -8.36
N GLY B 159 -42.75 -0.65 -8.86
CA GLY B 159 -43.72 -1.41 -8.09
C GLY B 159 -43.08 -2.68 -7.61
N ILE B 160 -43.12 -2.90 -6.32
CA ILE B 160 -42.65 -4.16 -5.77
C ILE B 160 -43.86 -4.99 -5.33
N ILE B 161 -43.99 -6.18 -5.86
CA ILE B 161 -44.99 -7.13 -5.36
C ILE B 161 -44.37 -8.01 -4.28
N GLY B 162 -44.75 -7.78 -3.01
CA GLY B 162 -44.07 -8.40 -1.87
C GLY B 162 -42.95 -7.60 -1.25
N LEU B 163 -43.30 -6.61 -0.41
CA LEU B 163 -42.30 -5.79 0.32
C LEU B 163 -41.87 -6.46 1.61
N GLY B 164 -41.40 -7.69 1.50
CA GLY B 164 -40.85 -8.39 2.64
C GLY B 164 -39.38 -8.05 2.77
N ARG B 165 -38.63 -8.97 3.37
CA ARG B 165 -37.21 -8.79 3.66
C ARG B 165 -36.45 -8.41 2.40
N ILE B 166 -36.63 -9.22 1.38
CA ILE B 166 -35.93 -9.07 0.11
C ILE B 166 -36.47 -7.89 -0.66
N GLY B 167 -37.78 -7.80 -0.91
CA GLY B 167 -38.37 -6.59 -1.50
C GLY B 167 -37.87 -5.28 -0.92
N GLN B 168 -37.63 -5.26 0.40
CA GLN B 168 -37.05 -4.09 1.11
C GLN B 168 -35.56 -3.84 0.76
N ALA B 169 -34.75 -4.91 0.76
CA ALA B 169 -33.36 -4.85 0.35
C ALA B 169 -33.17 -4.47 -1.12
N ILE B 170 -34.17 -4.79 -1.95
CA ILE B 170 -34.27 -4.40 -3.36
C ILE B 170 -34.52 -2.88 -3.51
N ALA B 171 -35.61 -2.40 -2.91
CA ALA B 171 -35.95 -0.97 -2.93
C ALA B 171 -34.79 -0.11 -2.42
N ARG B 172 -34.05 -0.64 -1.46
CA ARG B 172 -33.03 0.15 -0.76
C ARG B 172 -31.88 0.34 -1.75
N ARG B 173 -31.63 -0.73 -2.52
CA ARG B 173 -30.61 -0.72 -3.58
C ARG B 173 -31.07 0.11 -4.80
N LEU B 174 -32.38 0.20 -5.04
CA LEU B 174 -32.93 0.92 -6.19
C LEU B 174 -33.03 2.45 -6.03
N LYS B 175 -33.27 2.88 -4.78
CA LYS B 175 -33.42 4.30 -4.39
C LYS B 175 -32.36 5.33 -4.96
N PRO B 176 -31.03 5.07 -4.84
CA PRO B 176 -30.08 6.08 -5.37
C PRO B 176 -29.96 6.12 -6.91
N PHE B 177 -30.64 5.21 -7.61
CA PHE B 177 -30.75 5.27 -9.04
C PHE B 177 -31.73 6.37 -9.47
N GLY B 178 -32.28 7.11 -8.52
CA GLY B 178 -33.12 8.27 -8.88
C GLY B 178 -34.59 7.97 -9.04
N VAL B 179 -34.99 6.76 -8.64
CA VAL B 179 -36.42 6.38 -8.60
C VAL B 179 -37.18 7.52 -7.91
N GLN B 180 -38.25 8.00 -8.54
CA GLN B 180 -39.06 9.07 -8.00
C GLN B 180 -40.21 8.51 -7.16
N ARG B 181 -40.64 7.27 -7.44
CA ARG B 181 -41.78 6.74 -6.69
C ARG B 181 -41.76 5.23 -6.52
N PHE B 182 -42.02 4.77 -5.29
CA PHE B 182 -42.18 3.31 -5.02
C PHE B 182 -43.62 2.99 -4.65
N LEU B 183 -44.14 1.94 -5.26
CA LEU B 183 -45.45 1.46 -4.91
C LEU B 183 -45.24 0.02 -4.51
N TYR B 184 -46.16 -0.51 -3.72
CA TYR B 184 -46.13 -1.94 -3.41
C TYR B 184 -47.54 -2.45 -3.18
N THR B 185 -47.64 -3.75 -3.26
CA THR B 185 -48.87 -4.40 -2.89
C THR B 185 -48.57 -5.73 -2.16
N GLY B 186 -49.62 -6.29 -1.56
CA GLY B 186 -49.55 -7.47 -0.72
C GLY B 186 -50.91 -7.63 -0.07
N ARG B 187 -51.00 -8.56 0.87
CA ARG B 187 -52.26 -8.77 1.59
C ARG B 187 -52.65 -7.59 2.47
N GLN B 188 -51.64 -6.95 3.06
CA GLN B 188 -51.78 -6.03 4.18
C GLN B 188 -50.68 -4.99 3.98
N PRO B 189 -50.97 -3.71 4.33
CA PRO B 189 -49.85 -2.78 4.24
C PRO B 189 -48.79 -3.10 5.29
N ARG B 190 -47.57 -2.64 5.02
CA ARG B 190 -46.46 -2.71 5.95
C ARG B 190 -45.95 -1.29 6.18
N PRO B 191 -46.67 -0.50 6.99
CA PRO B 191 -46.41 0.94 7.08
C PRO B 191 -45.02 1.33 7.57
N GLU B 192 -44.44 0.55 8.46
CA GLU B 192 -43.17 0.86 9.10
C GLU B 192 -42.04 0.68 8.11
N GLU B 193 -42.06 -0.48 7.44
CA GLU B 193 -41.13 -0.82 6.39
C GLU B 193 -41.32 -0.03 5.10
N ALA B 194 -42.59 0.26 4.75
CA ALA B 194 -42.93 1.13 3.60
C ALA B 194 -42.30 2.51 3.70
N ALA B 195 -42.31 3.06 4.91
CA ALA B 195 -41.80 4.40 5.23
C ALA B 195 -40.35 4.71 4.78
N GLU B 196 -39.46 3.72 4.81
CA GLU B 196 -38.08 3.94 4.42
C GLU B 196 -37.99 4.43 2.95
N PHE B 197 -38.98 4.03 2.16
CA PHE B 197 -38.97 4.27 0.72
C PHE B 197 -40.08 5.28 0.32
N GLN B 198 -40.78 5.82 1.33
CA GLN B 198 -42.09 6.47 1.17
C GLN B 198 -43.06 5.62 0.29
N ALA B 199 -43.03 4.30 0.38
CA ALA B 199 -43.80 3.49 -0.60
C ALA B 199 -45.33 3.62 -0.37
N GLU B 200 -46.11 3.62 -1.45
CA GLU B 200 -47.56 3.59 -1.34
C GLU B 200 -48.10 2.20 -1.61
N PHE B 201 -48.94 1.70 -0.68
CA PHE B 201 -49.71 0.46 -0.85
C PHE B 201 -50.88 0.69 -1.77
N VAL B 202 -50.93 -0.09 -2.86
CA VAL B 202 -51.98 0.08 -3.89
C VAL B 202 -52.49 -1.32 -4.25
N SER B 203 -53.59 -1.40 -5.00
CA SER B 203 -53.97 -2.69 -5.57
C SER B 203 -52.98 -3.14 -6.66
N THR B 204 -53.20 -4.36 -7.13
CA THR B 204 -52.36 -4.95 -8.14
C THR B 204 -52.61 -4.36 -9.50
N PRO B 205 -53.88 -4.13 -9.90
CA PRO B 205 -54.15 -3.40 -11.15
C PRO B 205 -53.52 -1.99 -11.20
N GLU B 206 -53.68 -1.21 -10.13
CA GLU B 206 -52.99 0.09 -9.99
C GLU B 206 -51.48 -0.01 -10.00
N LEU B 207 -50.91 -1.04 -9.38
CA LEU B 207 -49.46 -1.19 -9.42
C LEU B 207 -48.97 -1.46 -10.87
N ALA B 208 -49.75 -2.23 -11.64
CA ALA B 208 -49.37 -2.48 -13.04
C ALA B 208 -49.48 -1.19 -13.83
N ALA B 209 -50.60 -0.49 -13.66
CA ALA B 209 -50.91 0.73 -14.41
C ALA B 209 -49.83 1.81 -14.26
N GLN B 210 -49.31 1.97 -13.05
CA GLN B 210 -48.38 3.06 -12.75
C GLN B 210 -46.91 2.72 -12.89
N SER B 211 -46.53 1.46 -12.73
CA SER B 211 -45.10 1.14 -12.57
C SER B 211 -44.33 1.15 -13.88
N ASP B 212 -43.19 1.83 -13.88
CA ASP B 212 -42.27 1.70 -15.00
C ASP B 212 -41.43 0.37 -14.88
N PHE B 213 -41.29 -0.14 -13.66
CA PHE B 213 -40.54 -1.38 -13.38
C PHE B 213 -41.30 -2.16 -12.36
N ILE B 214 -41.41 -3.45 -12.58
CA ILE B 214 -42.16 -4.29 -11.68
C ILE B 214 -41.23 -5.36 -11.20
N VAL B 215 -41.04 -5.41 -9.87
CA VAL B 215 -40.33 -6.49 -9.17
C VAL B 215 -41.22 -7.36 -8.24
N VAL B 216 -41.16 -8.68 -8.50
CA VAL B 216 -41.90 -9.67 -7.77
C VAL B 216 -40.93 -10.44 -6.83
N ALA B 217 -41.03 -10.15 -5.55
CA ALA B 217 -40.27 -10.80 -4.53
C ALA B 217 -41.16 -11.54 -3.50
N CYS B 218 -42.35 -12.01 -3.90
CA CYS B 218 -43.28 -12.60 -2.91
C CYS B 218 -43.03 -14.10 -2.65
N SER B 219 -43.68 -14.68 -1.65
CA SER B 219 -43.67 -16.14 -1.46
C SER B 219 -44.70 -16.76 -2.42
N LEU B 220 -44.52 -18.04 -2.79
CA LEU B 220 -45.50 -18.77 -3.59
C LEU B 220 -46.51 -19.44 -2.68
N THR B 221 -47.72 -18.89 -2.65
CA THR B 221 -48.88 -19.45 -1.94
C THR B 221 -50.02 -19.62 -2.95
N PRO B 222 -51.13 -20.30 -2.54
CA PRO B 222 -52.32 -20.42 -3.37
C PRO B 222 -52.84 -19.10 -3.97
N ALA B 223 -52.68 -17.98 -3.27
CA ALA B 223 -53.10 -16.61 -3.71
C ALA B 223 -52.05 -15.80 -4.56
N THR B 224 -50.82 -16.28 -4.60
CA THR B 224 -49.81 -15.65 -5.44
C THR B 224 -49.68 -16.39 -6.77
N GLU B 225 -50.14 -17.64 -6.76
CA GLU B 225 -50.04 -18.55 -7.89
C GLU B 225 -50.77 -18.03 -9.12
N GLY B 226 -50.05 -17.92 -10.24
CA GLY B 226 -50.66 -17.41 -11.49
C GLY B 226 -51.13 -15.96 -11.33
N LEU B 227 -50.51 -15.19 -10.43
CA LEU B 227 -50.93 -13.80 -10.14
C LEU B 227 -50.57 -12.92 -11.35
N CYS B 228 -49.43 -13.23 -11.94
CA CYS B 228 -48.86 -12.46 -13.04
C CYS B 228 -49.26 -13.14 -14.38
N ASN B 229 -50.39 -12.67 -14.90
CA ASN B 229 -51.09 -13.32 -16.01
C ASN B 229 -51.50 -12.30 -17.05
N LYS B 230 -52.27 -12.78 -18.02
CA LYS B 230 -52.75 -11.98 -19.15
C LYS B 230 -53.25 -10.60 -18.72
N ASP B 231 -54.17 -10.55 -17.76
CA ASP B 231 -54.68 -9.24 -17.39
C ASP B 231 -53.72 -8.36 -16.60
N PHE B 232 -52.87 -8.96 -15.76
CA PHE B 232 -51.76 -8.21 -15.18
C PHE B 232 -51.01 -7.51 -16.33
N PHE B 233 -50.54 -8.29 -17.30
CA PHE B 233 -49.64 -7.83 -18.37
C PHE B 233 -50.35 -6.84 -19.25
N GLN B 234 -51.65 -7.07 -19.45
CA GLN B 234 -52.51 -6.12 -20.18
C GLN B 234 -52.50 -4.70 -19.61
N LYS B 235 -52.58 -4.53 -18.29
CA LYS B 235 -52.63 -3.19 -17.64
C LYS B 235 -51.28 -2.50 -17.46
N MET B 236 -50.20 -3.28 -17.47
CA MET B 236 -48.85 -2.72 -17.45
C MET B 236 -48.62 -1.77 -18.63
N LYS B 237 -47.73 -0.80 -18.42
CA LYS B 237 -47.24 0.06 -19.48
C LYS B 237 -46.51 -0.73 -20.54
N GLU B 238 -46.67 -0.31 -21.79
CA GLU B 238 -46.04 -0.97 -22.90
C GLU B 238 -44.54 -0.77 -22.85
N THR B 239 -44.13 0.26 -22.11
CA THR B 239 -42.71 0.55 -21.84
C THR B 239 -42.08 -0.10 -20.61
N ALA B 240 -42.86 -0.80 -19.79
CA ALA B 240 -42.39 -1.28 -18.50
C ALA B 240 -41.59 -2.58 -18.55
N VAL B 241 -40.85 -2.82 -17.49
CA VAL B 241 -39.97 -3.98 -17.42
C VAL B 241 -40.45 -4.85 -16.29
N PHE B 242 -40.56 -6.16 -16.55
CA PHE B 242 -41.07 -7.14 -15.58
C PHE B 242 -39.99 -8.10 -15.09
N ILE B 243 -39.72 -8.03 -13.78
CA ILE B 243 -38.75 -8.89 -13.09
C ILE B 243 -39.40 -9.90 -12.06
N ASN B 244 -39.10 -11.19 -12.20
CA ASN B 244 -39.52 -12.18 -11.23
C ASN B 244 -38.39 -12.94 -10.60
N ILE B 245 -38.28 -12.79 -9.29
CA ILE B 245 -37.33 -13.58 -8.54
C ILE B 245 -38.03 -14.50 -7.49
N SER B 246 -39.37 -14.53 -7.49
CA SER B 246 -40.07 -15.29 -6.46
C SER B 246 -40.06 -16.78 -6.78
N ARG B 247 -41.11 -17.26 -7.43
CA ARG B 247 -41.21 -18.63 -7.90
C ARG B 247 -41.80 -18.63 -9.33
N GLY B 248 -41.51 -19.68 -10.12
CA GLY B 248 -42.10 -19.81 -11.46
C GLY B 248 -43.63 -19.69 -11.55
N ASP B 249 -44.28 -20.40 -10.63
CA ASP B 249 -45.70 -20.53 -10.63
C ASP B 249 -46.42 -19.22 -10.29
N VAL B 250 -45.73 -18.21 -9.81
CA VAL B 250 -46.43 -16.90 -9.67
C VAL B 250 -46.80 -16.33 -11.04
N VAL B 251 -45.99 -16.64 -12.06
CA VAL B 251 -46.23 -16.19 -13.44
C VAL B 251 -47.07 -17.13 -14.34
N ASN B 252 -48.07 -16.60 -15.05
CA ASN B 252 -48.57 -17.32 -16.21
C ASN B 252 -47.61 -17.15 -17.39
N GLN B 253 -46.86 -18.22 -17.67
CA GLN B 253 -45.73 -18.18 -18.62
C GLN B 253 -46.11 -17.92 -20.05
N ASP B 254 -47.21 -18.53 -20.49
CA ASP B 254 -47.78 -18.25 -21.80
C ASP B 254 -48.22 -16.81 -22.00
N ASP B 255 -48.85 -16.22 -20.98
CA ASP B 255 -49.32 -14.85 -21.06
C ASP B 255 -48.09 -14.00 -21.14
N LEU B 256 -47.06 -14.36 -20.38
CA LEU B 256 -45.82 -13.56 -20.45
C LEU B 256 -45.18 -13.63 -21.86
N TYR B 257 -44.94 -14.85 -22.35
CA TYR B 257 -44.51 -15.00 -23.75
C TYR B 257 -45.36 -14.15 -24.68
N GLN B 258 -46.68 -14.28 -24.57
CA GLN B 258 -47.57 -13.56 -25.50
C GLN B 258 -47.37 -12.07 -25.45
N ALA B 259 -47.23 -11.54 -24.23
CA ALA B 259 -47.08 -10.11 -23.92
C ALA B 259 -45.80 -9.50 -24.48
N LEU B 260 -44.71 -10.22 -24.30
CA LEU B 260 -43.39 -9.83 -24.78
C LEU B 260 -43.28 -9.86 -26.30
N ALA B 261 -43.86 -10.90 -26.92
CA ALA B 261 -43.85 -11.09 -28.36
C ALA B 261 -44.75 -10.09 -29.10
N SER B 262 -45.79 -9.60 -28.44
CA SER B 262 -46.68 -8.61 -29.05
C SER B 262 -46.46 -7.13 -28.61
N GLY B 263 -45.45 -6.91 -27.78
CA GLY B 263 -45.03 -5.57 -27.39
C GLY B 263 -45.94 -4.95 -26.36
N LYS B 264 -46.64 -5.80 -25.59
CA LYS B 264 -47.51 -5.33 -24.51
C LYS B 264 -46.75 -4.84 -23.28
N ILE B 265 -45.56 -5.39 -23.08
CA ILE B 265 -44.57 -4.83 -22.17
C ILE B 265 -43.23 -4.76 -22.91
N ALA B 266 -42.31 -3.97 -22.38
CA ALA B 266 -41.01 -3.81 -22.99
C ALA B 266 -40.03 -5.02 -22.86
N ALA B 267 -40.00 -5.70 -21.70
CA ALA B 267 -39.06 -6.82 -21.47
C ALA B 267 -39.26 -7.49 -20.13
N ALA B 268 -38.58 -8.62 -19.90
CA ALA B 268 -38.75 -9.38 -18.69
C ALA B 268 -37.47 -10.06 -18.31
N GLY B 269 -37.17 -9.97 -17.03
CA GLY B 269 -36.03 -10.68 -16.49
C GLY B 269 -36.54 -11.70 -15.48
N LEU B 270 -36.15 -12.94 -15.65
CA LEU B 270 -36.64 -13.98 -14.71
C LEU B 270 -35.53 -14.81 -14.08
N ASP B 271 -35.50 -14.86 -12.75
CA ASP B 271 -34.56 -15.77 -12.07
C ASP B 271 -35.15 -17.12 -11.78
N VAL B 272 -36.45 -17.28 -12.04
CA VAL B 272 -37.22 -18.53 -11.76
C VAL B 272 -38.18 -18.84 -12.92
N THR B 273 -38.44 -20.13 -13.18
CA THR B 273 -39.35 -20.52 -14.28
C THR B 273 -40.18 -21.72 -13.86
N SER B 274 -41.06 -22.19 -14.75
CA SER B 274 -41.87 -23.38 -14.55
C SER B 274 -41.78 -24.22 -15.79
N PRO B 275 -41.22 -25.44 -15.71
CA PRO B 275 -40.50 -26.11 -14.62
C PRO B 275 -39.05 -25.53 -14.54
N GLU B 276 -38.24 -26.01 -13.59
CA GLU B 276 -36.83 -25.70 -13.57
C GLU B 276 -36.12 -27.03 -13.73
N PRO B 277 -35.15 -27.14 -14.66
CA PRO B 277 -34.69 -26.17 -15.70
C PRO B 277 -35.70 -25.89 -16.78
N LEU B 278 -35.70 -24.67 -17.29
CA LEU B 278 -36.53 -24.43 -18.49
C LEU B 278 -35.94 -25.19 -19.71
N PRO B 279 -36.79 -25.92 -20.47
CA PRO B 279 -36.25 -26.60 -21.63
C PRO B 279 -35.59 -25.61 -22.60
N THR B 280 -34.62 -26.07 -23.35
CA THR B 280 -33.77 -25.15 -24.08
C THR B 280 -34.46 -24.63 -25.32
N ASN B 281 -35.54 -25.30 -25.72
CA ASN B 281 -36.33 -24.92 -26.90
C ASN B 281 -37.65 -24.21 -26.50
N HIS B 282 -37.70 -23.68 -25.30
CA HIS B 282 -38.95 -23.12 -24.83
C HIS B 282 -39.23 -21.78 -25.54
N PRO B 283 -40.51 -21.43 -25.75
CA PRO B 283 -40.78 -20.15 -26.43
C PRO B 283 -40.12 -18.90 -25.84
N LEU B 284 -39.97 -18.78 -24.51
CA LEU B 284 -39.39 -17.56 -23.94
C LEU B 284 -37.91 -17.42 -24.29
N LEU B 285 -37.23 -18.54 -24.52
CA LEU B 285 -35.83 -18.49 -24.96
C LEU B 285 -35.63 -18.08 -26.43
N THR B 286 -36.71 -17.83 -27.17
CA THR B 286 -36.61 -17.32 -28.54
C THR B 286 -36.79 -15.80 -28.65
N LEU B 287 -36.94 -15.12 -27.50
CA LEU B 287 -37.24 -13.68 -27.50
C LEU B 287 -36.08 -12.87 -27.03
N LYS B 288 -35.67 -11.89 -27.85
CA LYS B 288 -34.56 -11.04 -27.53
C LYS B 288 -34.83 -10.06 -26.35
N ASN B 289 -36.08 -9.98 -25.90
CA ASN B 289 -36.48 -9.03 -24.84
C ASN B 289 -36.84 -9.78 -23.55
N CYS B 290 -36.31 -10.97 -23.44
CA CYS B 290 -36.52 -11.82 -22.29
C CYS B 290 -35.17 -12.33 -21.85
N VAL B 291 -34.84 -12.04 -20.57
CA VAL B 291 -33.61 -12.54 -19.97
C VAL B 291 -34.00 -13.60 -18.93
N ILE B 292 -33.33 -14.76 -18.96
CA ILE B 292 -33.66 -15.88 -18.02
C ILE B 292 -32.39 -16.39 -17.36
N LEU B 293 -32.37 -16.35 -16.01
CA LEU B 293 -31.22 -16.86 -15.24
C LEU B 293 -31.69 -18.09 -14.54
N PRO B 294 -30.75 -19.01 -14.21
CA PRO B 294 -31.04 -20.35 -13.67
C PRO B 294 -31.18 -20.40 -12.14
N HIS B 295 -31.99 -19.50 -11.58
CA HIS B 295 -32.29 -19.50 -10.14
C HIS B 295 -31.04 -19.32 -9.28
N ILE B 296 -30.32 -18.24 -9.56
CA ILE B 296 -29.02 -17.96 -8.95
C ILE B 296 -29.09 -16.80 -7.96
N GLY B 297 -30.31 -16.45 -7.54
CA GLY B 297 -30.51 -15.39 -6.48
C GLY B 297 -29.44 -15.39 -5.39
N SER B 298 -29.33 -16.49 -4.63
CA SER B 298 -28.41 -16.52 -3.50
C SER B 298 -26.97 -17.01 -3.83
N ALA B 299 -26.61 -17.01 -5.11
CA ALA B 299 -25.31 -17.55 -5.51
C ALA B 299 -24.11 -16.61 -5.31
N THR B 300 -23.71 -16.45 -4.04
CA THR B 300 -22.32 -16.20 -3.74
C THR B 300 -21.87 -17.30 -2.81
N HIS B 301 -20.64 -17.77 -2.99
CA HIS B 301 -20.02 -18.78 -2.14
C HIS B 301 -20.16 -18.48 -0.65
N ARG B 302 -19.94 -17.24 -0.22
CA ARG B 302 -20.06 -16.89 1.21
C ARG B 302 -21.51 -16.99 1.71
N THR B 303 -22.47 -16.52 0.92
CA THR B 303 -23.88 -16.71 1.30
C THR B 303 -24.26 -18.18 1.30
N ARG B 304 -23.64 -18.96 0.41
CA ARG B 304 -24.08 -20.34 0.24
C ARG B 304 -23.53 -21.19 1.37
N ASN B 305 -22.26 -20.99 1.75
CA ASN B 305 -21.74 -21.68 2.95
C ASN B 305 -22.48 -21.33 4.22
N THR B 306 -22.88 -20.07 4.37
CA THR B 306 -23.61 -19.63 5.59
C THR B 306 -24.94 -20.38 5.65
N MET B 307 -25.56 -20.55 4.47
CA MET B 307 -26.79 -21.34 4.26
C MET B 307 -26.59 -22.81 4.57
N SER B 308 -25.47 -23.36 4.09
CA SER B 308 -25.15 -24.74 4.35
C SER B 308 -25.07 -24.90 5.86
N LEU B 309 -24.24 -24.09 6.50
CA LEU B 309 -24.08 -24.19 7.96
C LEU B 309 -25.40 -23.99 8.70
N LEU B 310 -26.23 -23.03 8.29
CA LEU B 310 -27.56 -22.85 8.90
C LEU B 310 -28.33 -24.16 8.79
N ALA B 311 -28.48 -24.67 7.57
CA ALA B 311 -29.31 -25.83 7.31
C ALA B 311 -28.87 -26.98 8.23
N ALA B 312 -27.56 -27.09 8.47
CA ALA B 312 -27.01 -28.16 9.35
C ALA B 312 -27.32 -27.93 10.81
N ASN B 313 -27.11 -26.70 11.28
CA ASN B 313 -27.38 -26.42 12.69
C ASN B 313 -28.87 -26.50 13.02
N ASN B 314 -29.73 -26.08 12.09
CA ASN B 314 -31.18 -26.21 12.27
C ASN B 314 -31.51 -27.71 12.42
N LEU B 315 -30.89 -28.55 11.58
CA LEU B 315 -31.09 -30.00 11.65
C LEU B 315 -30.67 -30.60 12.99
N LEU B 316 -29.38 -30.51 13.32
CA LEU B 316 -28.84 -30.89 14.63
C LEU B 316 -29.68 -30.41 15.82
N ALA B 317 -29.99 -29.12 15.87
CA ALA B 317 -30.79 -28.60 16.99
C ALA B 317 -32.14 -29.30 17.10
N GLY B 318 -32.78 -29.57 15.96
CA GLY B 318 -34.08 -30.26 15.95
C GLY B 318 -33.99 -31.71 16.40
N LEU B 319 -32.97 -32.40 15.89
CA LEU B 319 -32.63 -33.78 16.26
C LEU B 319 -32.38 -33.94 17.76
N ARG B 320 -31.75 -32.97 18.40
CA ARG B 320 -31.48 -33.03 19.84
C ARG B 320 -32.55 -32.37 20.76
N GLY B 321 -33.70 -31.99 20.21
CA GLY B 321 -34.75 -31.28 20.97
C GLY B 321 -34.35 -29.91 21.50
N GLU B 322 -33.48 -29.20 20.79
CA GLU B 322 -33.03 -27.88 21.22
C GLU B 322 -33.70 -26.76 20.40
N PRO B 323 -33.59 -25.50 20.87
CA PRO B 323 -33.98 -24.39 19.98
C PRO B 323 -33.04 -24.26 18.79
N MET B 324 -33.64 -24.05 17.63
CA MET B 324 -32.95 -23.99 16.36
C MET B 324 -32.57 -22.56 16.04
N PRO B 325 -31.40 -22.35 15.41
CA PRO B 325 -30.99 -21.03 14.99
C PRO B 325 -32.07 -20.31 14.16
N SER B 326 -32.67 -20.96 13.15
CA SER B 326 -33.89 -20.42 12.49
C SER B 326 -34.98 -21.45 12.18
N GLU B 327 -35.90 -21.65 13.14
CA GLU B 327 -37.03 -22.52 12.93
C GLU B 327 -38.15 -21.76 12.21
N LEU B 328 -38.81 -22.43 11.26
CA LEU B 328 -40.07 -21.97 10.67
C LEU B 328 -41.24 -22.16 11.63
N LYS B 329 -42.03 -21.10 11.82
CA LYS B 329 -43.14 -21.26 12.73
C LYS B 329 -44.34 -21.71 11.92
N LEU B 330 -44.89 -22.85 12.32
CA LEU B 330 -45.93 -23.52 11.53
C LEU B 330 -47.32 -23.17 12.11
N ARG C 7 7.35 35.19 51.90
CA ARG C 7 6.95 33.74 51.77
C ARG C 7 7.47 33.07 50.48
N LEU C 8 8.60 32.38 50.62
CA LEU C 8 9.25 31.72 49.49
C LEU C 8 8.35 30.64 48.92
N MET C 9 8.53 30.30 47.64
CA MET C 9 7.79 29.19 47.04
C MET C 9 8.70 28.00 47.04
N LYS C 10 8.18 26.86 47.50
CA LYS C 10 8.93 25.65 47.61
C LYS C 10 8.95 24.98 46.25
N VAL C 11 10.15 24.52 45.88
CA VAL C 11 10.44 23.88 44.62
C VAL C 11 11.06 22.55 44.93
N PHE C 12 10.56 21.47 44.31
CA PHE C 12 11.18 20.16 44.43
C PHE C 12 11.83 19.70 43.12
N VAL C 13 13.11 19.29 43.19
CA VAL C 13 13.85 18.82 42.04
C VAL C 13 14.15 17.35 42.31
N THR C 14 13.83 16.47 41.36
CA THR C 14 13.81 15.03 41.62
C THR C 14 15.13 14.28 41.39
N ARG C 15 16.19 15.04 41.07
CA ARG C 15 17.49 14.47 40.69
C ARG C 15 18.58 15.55 40.71
N ARG C 16 19.85 15.16 40.86
CA ARG C 16 20.95 16.08 40.50
C ARG C 16 20.78 16.44 39.01
N ILE C 17 20.56 17.72 38.70
CA ILE C 17 20.48 18.20 37.31
C ILE C 17 21.74 18.98 36.83
N PRO C 18 21.99 19.08 35.50
CA PRO C 18 23.19 19.88 35.12
C PRO C 18 23.28 21.26 35.76
N ALA C 19 24.52 21.71 36.00
CA ALA C 19 24.81 22.94 36.74
C ALA C 19 24.05 24.18 36.24
N GLU C 20 24.03 24.39 34.94
CA GLU C 20 23.36 25.55 34.37
C GLU C 20 21.93 25.73 34.93
N GLY C 21 21.09 24.70 34.76
CA GLY C 21 19.79 24.66 35.42
C GLY C 21 19.85 24.77 36.95
N ARG C 22 20.77 24.04 37.57
CA ARG C 22 20.92 24.08 39.04
C ARG C 22 21.08 25.51 39.56
N VAL C 23 21.94 26.27 38.88
CA VAL C 23 22.35 27.62 39.22
C VAL C 23 21.24 28.64 39.03
N ALA C 24 20.48 28.54 37.93
CA ALA C 24 19.26 29.36 37.75
C ALA C 24 18.26 29.22 38.89
N LEU C 25 18.08 27.99 39.40
CA LEU C 25 17.27 27.79 40.60
C LEU C 25 17.86 28.32 41.94
N ALA C 26 19.16 28.20 42.15
CA ALA C 26 19.83 28.72 43.37
C ALA C 26 19.84 30.24 43.45
N ARG C 27 19.69 30.88 42.30
CA ARG C 27 19.66 32.35 42.24
C ARG C 27 18.25 32.88 42.47
N ALA C 28 17.24 31.99 42.46
CA ALA C 28 15.83 32.39 42.59
C ALA C 28 15.49 32.82 44.03
N ALA C 29 15.52 34.14 44.26
CA ALA C 29 15.41 34.71 45.61
C ALA C 29 14.02 34.58 46.22
N ASP C 30 13.04 34.26 45.38
CA ASP C 30 11.65 34.04 45.83
C ASP C 30 11.32 32.55 46.00
N CYS C 31 12.32 31.69 45.80
CA CYS C 31 12.11 30.25 45.99
C CYS C 31 13.04 29.58 47.02
N GLU C 32 12.56 28.46 47.57
CA GLU C 32 13.30 27.55 48.44
C GLU C 32 13.35 26.17 47.77
N VAL C 33 14.54 25.76 47.35
CA VAL C 33 14.71 24.55 46.53
C VAL C 33 15.04 23.33 47.40
N GLU C 34 14.18 22.34 47.34
CA GLU C 34 14.52 21.05 47.96
C GLU C 34 14.88 20.10 46.85
N GLN C 35 15.82 19.21 47.13
CA GLN C 35 16.35 18.37 46.08
C GLN C 35 16.69 16.95 46.54
N TRP C 36 16.35 15.99 45.69
CA TRP C 36 16.89 14.65 45.73
C TRP C 36 18.33 14.71 45.20
N ASP C 37 19.29 14.73 46.11
CA ASP C 37 20.68 14.90 45.72
C ASP C 37 21.29 13.54 45.34
N SER C 38 20.96 13.07 44.13
CA SER C 38 21.35 11.73 43.66
C SER C 38 21.27 11.64 42.13
N ASP C 39 22.11 10.78 41.55
CA ASP C 39 22.05 10.48 40.14
C ASP C 39 21.01 9.41 39.90
N GLU C 40 20.62 8.73 40.97
CA GLU C 40 19.63 7.66 40.94
C GLU C 40 18.22 8.17 41.04
N PRO C 41 17.28 7.42 40.44
CA PRO C 41 15.91 7.89 40.36
C PRO C 41 15.33 7.83 41.76
N ILE C 42 14.43 8.77 42.05
CA ILE C 42 13.88 8.87 43.39
C ILE C 42 12.74 7.86 43.45
N PRO C 43 12.67 7.05 44.53
CA PRO C 43 11.43 6.24 44.73
C PRO C 43 10.13 7.08 44.82
N ALA C 44 9.01 6.45 44.44
CA ALA C 44 7.69 7.10 44.44
C ALA C 44 7.33 7.55 45.87
N LYS C 45 7.63 6.67 46.82
CA LYS C 45 7.41 6.96 48.24
C LYS C 45 8.17 8.23 48.67
N GLU C 46 9.43 8.34 48.27
CA GLU C 46 10.25 9.52 48.57
C GLU C 46 9.81 10.74 47.77
N LEU C 47 9.32 10.55 46.53
CA LEU C 47 8.77 11.63 45.71
C LEU C 47 7.54 12.30 46.33
N GLU C 48 6.53 11.48 46.64
CA GLU C 48 5.36 11.90 47.43
C GLU C 48 5.78 12.79 48.56
N ARG C 49 6.77 12.34 49.34
CA ARG C 49 7.23 13.08 50.53
C ARG C 49 7.92 14.41 50.17
N GLY C 50 8.74 14.41 49.11
CA GLY C 50 9.50 15.59 48.72
C GLY C 50 8.57 16.65 48.15
N VAL C 51 7.58 16.21 47.37
CA VAL C 51 6.70 17.19 46.73
C VAL C 51 5.65 17.78 47.66
N ALA C 52 5.44 17.24 48.86
CA ALA C 52 4.39 17.77 49.75
C ALA C 52 4.45 19.30 49.83
N GLY C 53 3.37 19.95 49.39
CA GLY C 53 3.25 21.43 49.42
C GLY C 53 4.18 22.20 48.50
N ALA C 54 4.71 21.55 47.46
CA ALA C 54 5.58 22.22 46.48
C ALA C 54 4.72 23.11 45.59
N HIS C 55 5.19 24.34 45.30
CA HIS C 55 4.54 25.21 44.31
C HIS C 55 5.09 24.85 42.90
N GLY C 56 6.26 24.23 42.86
CA GLY C 56 6.93 23.86 41.62
C GLY C 56 7.67 22.55 41.69
N LEU C 57 7.51 21.74 40.64
CA LEU C 57 8.20 20.47 40.50
C LEU C 57 9.08 20.47 39.25
N LEU C 58 10.35 20.08 39.41
CA LEU C 58 11.21 19.84 38.24
C LEU C 58 11.52 18.36 38.21
N CYS C 59 11.10 17.70 37.14
CA CYS C 59 11.21 16.25 37.07
C CYS C 59 11.89 15.82 35.79
N LEU C 60 12.13 14.50 35.68
CA LEU C 60 12.72 13.85 34.52
C LEU C 60 11.69 12.91 33.91
N LEU C 61 11.96 12.46 32.69
CA LEU C 61 11.02 11.62 31.95
C LEU C 61 10.86 10.27 32.63
N SER C 62 11.67 9.97 33.63
CA SER C 62 11.53 8.67 34.26
C SER C 62 10.72 8.72 35.54
N ASP C 63 10.37 9.94 35.98
CA ASP C 63 9.50 10.11 37.15
C ASP C 63 8.08 9.97 36.71
N HIS C 64 7.32 9.14 37.43
CA HIS C 64 5.90 8.95 37.16
C HIS C 64 5.08 9.96 37.95
N VAL C 65 4.63 10.99 37.26
CA VAL C 65 3.90 12.09 37.89
C VAL C 65 2.40 11.84 37.68
N ASP C 66 1.89 10.92 38.50
CA ASP C 66 0.52 10.43 38.43
C ASP C 66 -0.31 11.14 39.50
N LYS C 67 -1.60 10.77 39.62
CA LYS C 67 -2.52 11.35 40.61
C LYS C 67 -2.02 11.22 42.04
N ARG C 68 -1.47 10.04 42.39
CA ARG C 68 -0.79 9.84 43.68
C ARG C 68 0.19 11.00 44.05
N ILE C 69 1.04 11.39 43.12
CA ILE C 69 2.06 12.42 43.41
C ILE C 69 1.43 13.83 43.41
N LEU C 70 0.50 14.07 42.48
CA LEU C 70 -0.30 15.30 42.47
C LEU C 70 -1.13 15.46 43.72
N ASP C 71 -1.67 14.35 44.22
CA ASP C 71 -2.41 14.39 45.47
C ASP C 71 -1.50 14.65 46.66
N ALA C 72 -0.24 14.24 46.57
CA ALA C 72 0.66 14.47 47.66
C ALA C 72 1.24 15.90 47.64
N ALA C 73 1.42 16.50 46.46
CA ALA C 73 1.83 17.90 46.38
C ALA C 73 0.75 18.82 46.97
N GLY C 74 -0.50 18.64 46.54
CA GLY C 74 -1.63 19.41 47.07
C GLY C 74 -1.91 20.69 46.28
N ALA C 75 -2.68 21.59 46.88
CA ALA C 75 -3.17 22.78 46.17
C ALA C 75 -2.11 23.86 45.87
N ASN C 76 -0.89 23.71 46.42
CA ASN C 76 0.18 24.67 46.14
C ASN C 76 0.75 24.51 44.71
N LEU C 77 0.80 23.27 44.24
CA LEU C 77 1.47 23.00 42.97
C LEU C 77 0.84 23.78 41.79
N LYS C 78 1.62 24.68 41.17
CA LYS C 78 1.20 25.47 40.00
C LYS C 78 1.90 25.02 38.72
N VAL C 79 3.12 24.53 38.84
CA VAL C 79 3.97 24.30 37.68
C VAL C 79 4.72 23.00 37.81
N ILE C 80 4.69 22.25 36.71
CA ILE C 80 5.52 21.06 36.56
C ILE C 80 6.42 21.32 35.38
N SER C 81 7.72 21.36 35.60
CA SER C 81 8.69 21.48 34.52
C SER C 81 9.44 20.15 34.27
N THR C 82 9.17 19.42 33.19
CA THR C 82 9.89 18.19 32.93
C THR C 82 11.12 18.53 32.11
N MET C 83 12.23 17.83 32.35
CA MET C 83 13.48 18.10 31.63
C MET C 83 13.55 17.10 30.46
N SER C 84 12.63 17.27 29.50
CA SER C 84 12.38 16.25 28.45
C SER C 84 11.39 16.79 27.40
N VAL C 85 11.39 16.23 26.18
CA VAL C 85 10.33 16.57 25.20
C VAL C 85 9.14 15.66 25.38
N GLY C 86 9.39 14.39 25.59
CA GLY C 86 8.28 13.49 25.91
C GLY C 86 7.52 13.89 27.16
N ILE C 87 6.20 13.69 27.11
CA ILE C 87 5.35 14.06 28.25
C ILE C 87 4.48 12.92 28.75
N ASP C 88 4.81 11.69 28.35
CA ASP C 88 3.93 10.54 28.62
C ASP C 88 3.98 10.03 30.08
N HIS C 89 4.90 10.56 30.86
CA HIS C 89 5.05 10.21 32.27
C HIS C 89 4.21 11.14 33.20
N LEU C 90 3.53 12.12 32.57
CA LEU C 90 2.70 13.07 33.29
C LEU C 90 1.25 12.70 33.07
N ALA C 91 0.47 12.69 34.15
CA ALA C 91 -0.94 12.45 34.03
C ALA C 91 -1.64 13.78 33.60
N LEU C 92 -1.68 14.02 32.29
CA LEU C 92 -2.10 15.31 31.76
C LEU C 92 -3.53 15.72 32.04
N ASP C 93 -4.44 14.72 32.08
CA ASP C 93 -5.83 14.93 32.50
C ASP C 93 -5.99 15.45 33.96
N GLU C 94 -5.28 14.88 34.95
CA GLU C 94 -5.27 15.43 36.32
C GLU C 94 -4.67 16.81 36.39
N ILE C 95 -3.51 16.99 35.74
CA ILE C 95 -2.77 18.26 35.65
C ILE C 95 -3.59 19.43 35.04
N LYS C 96 -4.26 19.15 33.91
CA LYS C 96 -5.15 20.11 33.29
C LYS C 96 -6.34 20.39 34.24
N LYS C 97 -6.91 19.34 34.85
CA LYS C 97 -7.97 19.51 35.81
C LYS C 97 -7.53 20.41 36.99
N ARG C 98 -6.31 20.22 37.48
CA ARG C 98 -5.78 21.00 38.60
C ARG C 98 -5.38 22.42 38.20
N GLY C 99 -5.39 22.70 36.89
CA GLY C 99 -4.93 23.97 36.33
C GLY C 99 -3.45 24.21 36.52
N ILE C 100 -2.67 23.13 36.50
CA ILE C 100 -1.22 23.22 36.65
C ILE C 100 -0.63 23.45 35.25
N ARG C 101 0.31 24.37 35.15
CA ARG C 101 1.03 24.62 33.91
C ARG C 101 2.24 23.67 33.74
N VAL C 102 2.47 23.19 32.53
CA VAL C 102 3.54 22.27 32.22
C VAL C 102 4.60 22.86 31.30
N GLY C 103 5.85 22.82 31.75
CA GLY C 103 7.00 23.12 30.88
C GLY C 103 7.61 21.85 30.32
N TYR C 104 8.15 21.92 29.11
CA TYR C 104 8.87 20.76 28.54
C TYR C 104 10.01 21.29 27.70
N THR C 105 10.83 20.40 27.14
CA THR C 105 12.03 20.88 26.41
C THR C 105 12.09 20.48 24.95
N PRO C 106 11.22 21.07 24.10
CA PRO C 106 11.31 20.76 22.71
C PRO C 106 12.42 21.61 22.11
N ASP C 107 12.86 21.27 20.88
CA ASP C 107 13.79 22.05 20.01
C ASP C 107 15.26 21.98 20.36
N VAL C 108 15.53 22.16 21.64
CA VAL C 108 16.89 22.31 22.19
C VAL C 108 17.63 20.93 22.26
N LEU C 109 16.91 19.86 21.93
CA LEU C 109 17.49 18.50 21.89
C LEU C 109 17.31 17.73 20.55
N THR C 110 16.71 18.38 19.55
CA THR C 110 16.36 17.65 18.30
C THR C 110 17.54 17.27 17.45
N ASP C 111 18.58 18.13 17.35
CA ASP C 111 19.76 17.86 16.52
C ASP C 111 20.54 16.73 17.12
N THR C 112 20.79 16.85 18.42
CA THR C 112 21.49 15.85 19.22
C THR C 112 20.80 14.49 19.22
N THR C 113 19.46 14.49 19.35
CA THR C 113 18.65 13.26 19.28
C THR C 113 18.59 12.66 17.85
N ALA C 114 18.47 13.52 16.84
CA ALA C 114 18.57 13.17 15.44
C ALA C 114 19.88 12.45 15.12
N GLU C 115 20.94 12.92 15.78
CA GLU C 115 22.30 12.51 15.55
C GLU C 115 22.53 11.18 16.17
N LEU C 116 21.96 11.01 17.36
CA LEU C 116 22.00 9.73 18.01
C LEU C 116 21.16 8.68 17.21
N ALA C 117 19.98 9.07 16.75
CA ALA C 117 19.15 8.17 15.95
C ALA C 117 19.88 7.64 14.68
N VAL C 118 20.63 8.53 14.04
CA VAL C 118 21.48 8.18 12.90
C VAL C 118 22.71 7.36 13.27
N SER C 119 23.32 7.64 14.43
CA SER C 119 24.41 6.81 15.02
C SER C 119 23.94 5.36 15.21
N LEU C 120 22.79 5.19 15.83
CA LEU C 120 22.27 3.86 16.12
C LEU C 120 21.86 3.16 14.86
N LEU C 121 21.29 3.88 13.90
CA LEU C 121 20.93 3.25 12.62
C LEU C 121 22.16 2.73 11.84
N LEU C 122 23.24 3.50 11.89
CA LEU C 122 24.42 3.18 11.13
C LEU C 122 25.22 2.10 11.85
N THR C 123 25.22 2.14 13.18
CA THR C 123 25.89 1.11 13.96
C THR C 123 25.23 -0.26 13.78
N THR C 124 23.89 -0.25 13.69
CA THR C 124 23.08 -1.46 13.41
C THR C 124 23.25 -1.96 11.94
N CYS C 125 22.96 -1.13 10.96
CA CYS C 125 23.02 -1.57 9.58
C CYS C 125 24.41 -1.96 9.12
N ARG C 126 25.40 -1.27 9.63
CA ARG C 126 26.77 -1.61 9.28
C ARG C 126 27.41 -2.65 10.26
N ARG C 127 26.60 -3.18 11.21
CA ARG C 127 26.99 -4.31 12.08
C ARG C 127 28.25 -4.11 12.96
N LEU C 128 28.40 -2.91 13.51
CA LEU C 128 29.65 -2.50 14.17
C LEU C 128 29.83 -3.23 15.48
N PRO C 129 28.74 -3.37 16.26
CA PRO C 129 28.92 -4.12 17.52
C PRO C 129 29.42 -5.52 17.31
N GLU C 130 28.89 -6.28 16.34
CA GLU C 130 29.49 -7.62 16.08
C GLU C 130 30.89 -7.56 15.48
N ALA C 131 31.17 -6.47 14.77
CA ALA C 131 32.50 -6.28 14.17
C ALA C 131 33.51 -6.08 15.30
N ILE C 132 33.18 -5.15 16.20
CA ILE C 132 34.00 -4.82 17.39
C ILE C 132 34.33 -6.06 18.22
N GLU C 133 33.32 -6.91 18.39
CA GLU C 133 33.43 -8.20 19.08
C GLU C 133 34.33 -9.22 18.37
N GLU C 134 34.19 -9.31 17.04
CA GLU C 134 35.02 -10.23 16.31
C GLU C 134 36.48 -9.82 16.46
N VAL C 135 36.73 -8.50 16.53
CA VAL C 135 38.10 -7.97 16.87
C VAL C 135 38.60 -8.41 18.28
N LYS C 136 37.77 -8.22 19.28
CA LYS C 136 38.18 -8.59 20.63
C LYS C 136 38.34 -10.11 20.84
N ASN C 137 37.59 -10.95 20.14
CA ASN C 137 37.50 -12.38 20.49
C ASN C 137 38.34 -13.31 19.64
N GLY C 138 39.21 -12.77 18.81
CA GLY C 138 39.99 -13.58 17.88
C GLY C 138 39.27 -13.95 16.60
N GLY C 139 38.05 -13.45 16.43
CA GLY C 139 37.24 -13.77 15.22
C GLY C 139 37.91 -13.41 13.91
N TRP C 140 38.46 -12.20 13.87
CA TRP C 140 39.23 -11.64 12.72
C TRP C 140 40.50 -12.42 12.35
N THR C 141 40.52 -12.98 11.14
CA THR C 141 41.69 -13.67 10.65
C THR C 141 42.38 -12.99 9.48
N SER C 142 41.66 -12.12 8.75
CA SER C 142 42.16 -11.41 7.56
C SER C 142 41.08 -10.50 7.01
N TRP C 143 41.39 -9.89 5.86
CA TRP C 143 40.35 -9.22 5.07
C TRP C 143 39.49 -10.33 4.39
N LYS C 144 38.18 -10.13 4.41
CA LYS C 144 37.25 -11.15 3.95
C LYS C 144 36.07 -10.52 3.23
N PRO C 145 35.90 -10.86 1.93
CA PRO C 145 34.93 -10.22 1.03
C PRO C 145 33.47 -10.44 1.40
N LEU C 146 33.17 -11.51 2.14
CA LEU C 146 31.77 -11.82 2.46
C LEU C 146 31.43 -11.68 3.95
N TRP C 147 32.29 -11.02 4.70
CA TRP C 147 32.15 -11.03 6.14
C TRP C 147 31.77 -9.71 6.72
N LEU C 148 30.84 -9.82 7.68
CA LEU C 148 30.26 -8.70 8.37
C LEU C 148 29.69 -7.68 7.38
N CYS C 149 29.07 -8.16 6.32
CA CYS C 149 28.45 -7.29 5.34
C CYS C 149 27.09 -6.86 5.88
N GLY C 150 26.82 -5.57 5.81
CA GLY C 150 25.56 -5.04 6.28
C GLY C 150 24.75 -4.42 5.16
N TYR C 151 23.86 -3.50 5.52
CA TYR C 151 22.91 -2.95 4.57
C TYR C 151 23.14 -1.44 4.41
N GLY C 152 23.23 -1.00 3.15
CA GLY C 152 23.56 0.37 2.84
C GLY C 152 22.38 1.31 2.66
N LEU C 153 22.64 2.59 2.89
CA LEU C 153 21.62 3.61 2.68
C LEU C 153 21.51 4.09 1.23
N THR C 154 22.56 3.93 0.44
CA THR C 154 22.49 4.39 -0.96
C THR C 154 21.39 3.66 -1.76
N GLN C 155 20.56 4.43 -2.46
CA GLN C 155 19.45 3.88 -3.21
C GLN C 155 18.33 3.27 -2.33
N SER C 156 18.34 3.58 -1.03
CA SER C 156 17.34 3.04 -0.10
C SER C 156 16.00 3.75 -0.08
N THR C 157 14.99 3.05 0.45
CA THR C 157 13.81 3.69 1.02
C THR C 157 13.89 3.71 2.54
N VAL C 158 13.70 4.90 3.10
CA VAL C 158 13.56 5.05 4.53
C VAL C 158 12.17 5.59 4.88
N GLY C 159 11.54 4.89 5.81
CA GLY C 159 10.24 5.29 6.27
C GLY C 159 10.34 5.86 7.65
N ILE C 160 9.71 6.99 7.88
CA ILE C 160 9.76 7.59 9.21
C ILE C 160 8.36 7.54 9.82
N ILE C 161 8.25 6.96 11.02
CA ILE C 161 6.95 6.91 11.71
C ILE C 161 6.99 8.10 12.65
N GLY C 162 6.18 9.08 12.29
CA GLY C 162 6.19 10.36 12.98
C GLY C 162 7.25 11.29 12.45
N LEU C 163 6.89 12.08 11.45
CA LEU C 163 7.83 13.07 10.90
C LEU C 163 7.69 14.40 11.63
N GLY C 164 8.04 14.41 12.91
CA GLY C 164 8.01 15.65 13.69
C GLY C 164 9.36 16.30 13.45
N ARG C 165 9.76 17.16 14.37
CA ARG C 165 10.97 17.94 14.18
C ARG C 165 12.14 17.03 14.28
N ILE C 166 12.02 16.00 15.10
CA ILE C 166 13.12 15.03 15.23
C ILE C 166 13.17 14.10 14.01
N GLY C 167 12.01 13.68 13.48
CA GLY C 167 11.97 12.76 12.30
C GLY C 167 12.52 13.49 11.08
N GLN C 168 12.09 14.74 10.91
CA GLN C 168 12.56 15.65 9.88
C GLN C 168 14.07 15.89 9.97
N ALA C 169 14.59 15.99 11.19
CA ALA C 169 16.02 16.18 11.43
C ALA C 169 16.82 14.91 11.11
N ILE C 170 16.17 13.76 11.33
CA ILE C 170 16.76 12.48 10.98
C ILE C 170 16.84 12.40 9.44
N ALA C 171 15.73 12.68 8.75
CA ALA C 171 15.73 12.67 7.29
C ALA C 171 16.75 13.66 6.66
N ARG C 172 16.80 14.89 7.21
CA ARG C 172 17.82 15.87 6.84
C ARG C 172 19.26 15.32 6.89
N ARG C 173 19.53 14.42 7.85
CA ARG C 173 20.88 13.81 8.07
C ARG C 173 21.13 12.61 7.17
N LEU C 174 20.06 11.85 6.90
CA LEU C 174 20.09 10.68 6.04
C LEU C 174 20.12 11.02 4.56
N LYS C 175 19.66 12.20 4.16
CA LYS C 175 19.56 12.52 2.76
C LYS C 175 20.91 12.35 2.04
N PRO C 176 21.98 13.04 2.52
CA PRO C 176 23.23 12.95 1.76
C PRO C 176 23.88 11.58 1.81
N PHE C 177 23.21 10.59 2.43
CA PHE C 177 23.71 9.18 2.40
C PHE C 177 23.17 8.45 1.16
N GLY C 178 22.31 9.14 0.39
CA GLY C 178 21.84 8.64 -0.91
C GLY C 178 20.49 7.96 -0.93
N VAL C 179 19.70 8.20 0.11
CA VAL C 179 18.29 7.82 0.14
C VAL C 179 17.62 8.33 -1.13
N GLN C 180 17.01 7.42 -1.88
CA GLN C 180 16.29 7.81 -3.11
C GLN C 180 14.80 8.10 -2.78
N ARG C 181 14.30 7.53 -1.69
CA ARG C 181 12.87 7.65 -1.37
C ARG C 181 12.58 7.70 0.15
N PHE C 182 11.90 8.77 0.57
CA PHE C 182 11.47 8.91 1.97
C PHE C 182 9.99 8.71 2.04
N LEU C 183 9.55 7.94 3.03
CA LEU C 183 8.13 7.69 3.29
C LEU C 183 7.83 8.01 4.75
N TYR C 184 6.59 8.41 5.04
CA TYR C 184 6.27 8.76 6.40
C TYR C 184 4.81 8.53 6.70
N THR C 185 4.55 8.42 7.98
CA THR C 185 3.32 7.92 8.55
C THR C 185 2.97 8.95 9.64
N GLY C 186 1.69 9.21 9.81
CA GLY C 186 1.27 10.16 10.85
C GLY C 186 -0.22 10.26 10.94
N ARG C 187 -0.70 11.14 11.81
CA ARG C 187 -2.14 11.38 11.90
C ARG C 187 -2.61 11.98 10.59
N GLN C 188 -1.94 13.03 10.14
CA GLN C 188 -2.26 13.68 8.87
C GLN C 188 -1.00 14.03 8.08
N PRO C 189 -1.15 14.25 6.75
CA PRO C 189 0.01 14.65 5.96
C PRO C 189 0.69 15.89 6.54
N ARG C 190 2.03 15.92 6.46
CA ARG C 190 2.77 17.15 6.74
C ARG C 190 3.42 17.61 5.44
N PRO C 191 2.66 18.35 4.59
CA PRO C 191 3.06 18.68 3.22
C PRO C 191 4.26 19.59 3.16
N GLU C 192 4.19 20.71 3.90
CA GLU C 192 5.28 21.68 3.98
C GLU C 192 6.56 21.02 4.53
N GLU C 193 6.45 20.31 5.64
CA GLU C 193 7.58 19.63 6.26
C GLU C 193 8.22 18.54 5.39
N ALA C 194 7.40 17.79 4.65
CA ALA C 194 7.83 16.64 3.83
C ALA C 194 8.67 16.95 2.58
N ALA C 195 8.45 18.13 1.98
CA ALA C 195 8.96 18.50 0.66
C ALA C 195 10.48 18.73 0.54
N GLU C 196 11.10 19.18 1.63
CA GLU C 196 12.55 19.22 1.71
C GLU C 196 13.07 17.82 1.33
N PHE C 197 12.26 16.81 1.58
CA PHE C 197 12.68 15.45 1.31
C PHE C 197 11.89 14.79 0.19
N GLN C 198 10.84 15.46 -0.28
CA GLN C 198 9.85 14.83 -1.17
C GLN C 198 9.30 13.53 -0.55
N ALA C 199 9.13 13.54 0.76
CA ALA C 199 8.57 12.39 1.47
C ALA C 199 7.11 12.14 1.09
N GLU C 200 6.77 10.88 0.83
CA GLU C 200 5.42 10.49 0.45
C GLU C 200 4.67 10.02 1.71
N PHE C 201 3.51 10.61 2.00
CA PHE C 201 2.69 10.20 3.16
C PHE C 201 1.97 8.91 2.87
N VAL C 202 2.13 7.91 3.73
CA VAL C 202 1.49 6.63 3.48
C VAL C 202 0.79 6.10 4.73
N SER C 203 0.18 4.93 4.59
CA SER C 203 -0.35 4.16 5.70
C SER C 203 0.76 3.31 6.29
N THR C 204 0.57 2.90 7.55
CA THR C 204 1.44 1.92 8.18
C THR C 204 1.85 0.75 7.25
N PRO C 205 0.87 -0.04 6.72
CA PRO C 205 1.27 -1.17 5.87
C PRO C 205 2.13 -0.84 4.62
N GLU C 206 1.90 0.29 3.95
CA GLU C 206 2.75 0.65 2.79
C GLU C 206 4.17 1.09 3.19
N LEU C 207 4.30 1.77 4.33
CA LEU C 207 5.64 2.16 4.80
C LEU C 207 6.43 0.92 5.22
N ALA C 208 5.77 0.07 6.00
CA ALA C 208 6.29 -1.22 6.37
C ALA C 208 6.75 -2.01 5.13
N ALA C 209 5.92 -2.06 4.08
CA ALA C 209 6.21 -2.84 2.86
C ALA C 209 7.38 -2.33 2.00
N GLN C 210 7.44 -1.01 1.77
CA GLN C 210 8.40 -0.41 0.82
C GLN C 210 9.75 0.01 1.42
N SER C 211 9.85 0.04 2.75
CA SER C 211 11.06 0.58 3.40
C SER C 211 12.22 -0.41 3.61
N ASP C 212 13.42 0.12 3.40
CA ASP C 212 14.66 -0.59 3.71
C ASP C 212 15.09 -0.35 5.16
N PHE C 213 14.83 0.87 5.64
CA PHE C 213 15.16 1.33 6.98
C PHE C 213 13.92 2.00 7.54
N ILE C 214 13.55 1.61 8.76
CA ILE C 214 12.38 2.17 9.43
C ILE C 214 12.81 2.87 10.71
N VAL C 215 12.45 4.15 10.79
CA VAL C 215 12.73 5.01 11.94
C VAL C 215 11.43 5.44 12.61
N VAL C 216 11.30 5.11 13.90
CA VAL C 216 10.14 5.51 14.70
C VAL C 216 10.46 6.68 15.64
N ALA C 217 9.97 7.87 15.35
CA ALA C 217 10.17 9.04 16.22
C ALA C 217 8.82 9.67 16.51
N CYS C 218 7.84 8.82 16.72
CA CYS C 218 6.53 9.30 17.17
C CYS C 218 6.51 9.54 18.69
N SER C 219 5.46 10.19 19.16
CA SER C 219 5.18 10.30 20.58
C SER C 219 4.51 9.02 21.05
N LEU C 220 4.56 8.76 22.36
CA LEU C 220 3.79 7.64 22.91
C LEU C 220 2.36 8.04 23.23
N THR C 221 1.43 7.45 22.48
CA THR C 221 -0.02 7.65 22.66
C THR C 221 -0.72 6.27 22.68
N PRO C 222 -2.03 6.24 23.05
CA PRO C 222 -2.88 5.06 22.83
C PRO C 222 -2.88 4.53 21.40
N ALA C 223 -2.72 5.42 20.42
CA ALA C 223 -2.73 5.04 19.01
C ALA C 223 -1.39 4.47 18.60
N THR C 224 -0.32 4.93 19.28
CA THR C 224 1.05 4.44 19.02
C THR C 224 1.54 3.28 19.93
N GLU C 225 0.87 2.99 21.04
CA GLU C 225 1.27 1.90 21.94
C GLU C 225 1.08 0.51 21.32
N GLY C 226 2.16 -0.25 21.20
CA GLY C 226 2.09 -1.58 20.59
C GLY C 226 1.92 -1.57 19.09
N LEU C 227 2.03 -0.39 18.47
CA LEU C 227 1.95 -0.22 17.01
C LEU C 227 2.90 -1.15 16.23
N CYS C 228 4.18 -1.15 16.58
CA CYS C 228 5.12 -2.06 15.91
C CYS C 228 5.11 -3.45 16.52
N ASN C 229 4.20 -4.29 16.02
CA ASN C 229 3.93 -5.62 16.56
C ASN C 229 4.25 -6.77 15.57
N LYS C 230 3.67 -7.95 15.80
CA LYS C 230 3.90 -9.13 14.94
C LYS C 230 3.49 -8.92 13.48
N ASP C 231 2.32 -8.34 13.28
CA ASP C 231 1.79 -8.15 11.95
C ASP C 231 2.57 -7.04 11.23
N PHE C 232 3.03 -6.04 11.98
CA PHE C 232 3.84 -4.95 11.41
C PHE C 232 5.16 -5.48 10.86
N PHE C 233 5.89 -6.22 11.70
CA PHE C 233 7.15 -6.86 11.32
C PHE C 233 6.99 -7.83 10.15
N GLN C 234 5.85 -8.49 10.09
CA GLN C 234 5.56 -9.48 9.05
C GLN C 234 5.43 -8.85 7.65
N LYS C 235 4.97 -7.60 7.58
CA LYS C 235 4.90 -6.86 6.33
C LYS C 235 6.25 -6.29 5.88
N MET C 236 7.22 -6.24 6.81
CA MET C 236 8.55 -5.68 6.56
C MET C 236 9.39 -6.63 5.71
N LYS C 237 10.37 -6.06 4.99
CA LYS C 237 11.33 -6.83 4.20
C LYS C 237 12.28 -7.62 5.09
N GLU C 238 12.50 -8.89 4.74
CA GLU C 238 13.48 -9.77 5.39
C GLU C 238 14.83 -9.08 5.57
N THR C 239 14.96 -8.03 4.78
CA THR C 239 16.22 -7.36 4.55
C THR C 239 16.31 -5.99 5.30
N ALA C 240 15.18 -5.58 5.90
CA ALA C 240 15.06 -4.26 6.45
C ALA C 240 15.51 -4.23 7.91
N VAL C 241 15.88 -3.02 8.34
CA VAL C 241 16.45 -2.67 9.62
C VAL C 241 15.49 -1.69 10.31
N PHE C 242 15.19 -1.95 11.58
CA PHE C 242 14.13 -1.24 12.28
C PHE C 242 14.75 -0.42 13.41
N ILE C 243 14.44 0.86 13.50
CA ILE C 243 15.05 1.72 14.49
C ILE C 243 13.91 2.43 15.24
N ASN C 244 13.85 2.20 16.55
CA ASN C 244 12.92 2.92 17.40
C ASN C 244 13.67 3.83 18.34
N ILE C 245 13.32 5.11 18.32
CA ILE C 245 13.89 6.05 19.28
C ILE C 245 12.82 6.78 20.08
N SER C 246 11.57 6.37 19.91
CA SER C 246 10.41 7.06 20.53
C SER C 246 10.21 6.59 21.97
N ARG C 247 9.29 5.66 22.20
CA ARG C 247 9.12 5.06 23.53
C ARG C 247 9.07 3.53 23.48
N GLY C 248 9.43 2.86 24.57
CA GLY C 248 9.49 1.42 24.55
C GLY C 248 8.15 0.79 24.22
N ASP C 249 7.07 1.37 24.75
CA ASP C 249 5.74 0.78 24.63
C ASP C 249 5.16 0.81 23.22
N VAL C 250 5.85 1.46 22.30
CA VAL C 250 5.46 1.49 20.88
C VAL C 250 5.77 0.14 20.25
N VAL C 251 6.83 -0.52 20.76
CA VAL C 251 7.26 -1.81 20.23
C VAL C 251 6.75 -3.00 21.04
N ASN C 252 6.35 -4.06 20.34
CA ASN C 252 6.04 -5.28 20.99
C ASN C 252 7.29 -6.12 20.94
N GLN C 253 7.99 -6.14 22.08
CA GLN C 253 9.28 -6.82 22.23
C GLN C 253 9.30 -8.34 22.04
N ASP C 254 8.22 -9.02 22.40
CA ASP C 254 8.08 -10.45 22.13
C ASP C 254 8.10 -10.70 20.62
N ASP C 255 7.36 -9.88 19.89
CA ASP C 255 7.22 -9.94 18.43
C ASP C 255 8.52 -9.58 17.66
N LEU C 256 9.28 -8.61 18.19
CA LEU C 256 10.56 -8.20 17.63
C LEU C 256 11.59 -9.32 17.77
N TYR C 257 11.67 -9.91 18.95
CA TYR C 257 12.60 -11.02 19.14
C TYR C 257 12.28 -12.11 18.12
N GLN C 258 11.00 -12.45 17.99
CA GLN C 258 10.61 -13.49 17.06
C GLN C 258 10.99 -13.11 15.63
N ALA C 259 10.69 -11.86 15.25
CA ALA C 259 11.00 -11.41 13.89
C ALA C 259 12.50 -11.46 13.66
N LEU C 260 13.28 -10.95 14.60
CA LEU C 260 14.74 -10.98 14.44
C LEU C 260 15.29 -12.42 14.41
N ALA C 261 14.85 -13.27 15.33
CA ALA C 261 15.42 -14.61 15.45
C ALA C 261 15.14 -15.46 14.21
N SER C 262 13.98 -15.23 13.60
CA SER C 262 13.53 -16.00 12.42
C SER C 262 14.08 -15.43 11.10
N GLY C 263 14.63 -14.22 11.13
CA GLY C 263 15.04 -13.55 9.92
C GLY C 263 13.85 -12.99 9.15
N LYS C 264 12.80 -12.65 9.87
CA LYS C 264 11.65 -11.95 9.30
C LYS C 264 12.09 -10.53 8.98
N ILE C 265 13.07 -10.04 9.73
CA ILE C 265 13.76 -8.78 9.43
C ILE C 265 15.24 -8.92 9.77
N ALA C 266 16.05 -8.05 9.18
CA ALA C 266 17.47 -8.19 9.22
C ALA C 266 18.06 -7.87 10.60
N ALA C 267 17.64 -6.75 11.23
CA ALA C 267 18.30 -6.17 12.42
C ALA C 267 17.48 -5.05 13.12
N ALA C 268 17.89 -4.65 14.35
CA ALA C 268 17.40 -3.41 15.05
C ALA C 268 18.30 -3.07 16.25
N GLY C 269 18.42 -1.82 16.70
CA GLY C 269 17.52 -0.75 16.41
C GLY C 269 17.03 0.11 17.57
N LEU C 270 17.42 -0.13 18.83
CA LEU C 270 16.65 0.46 19.97
C LEU C 270 17.39 1.40 20.93
N ASP C 271 16.85 2.60 21.15
CA ASP C 271 17.38 3.56 22.18
C ASP C 271 16.47 3.59 23.37
N VAL C 272 15.35 2.90 23.27
CA VAL C 272 14.31 2.89 24.31
C VAL C 272 13.70 1.49 24.41
N THR C 273 13.37 1.05 25.63
CA THR C 273 12.78 -0.27 25.86
C THR C 273 11.64 -0.26 26.92
N SER C 274 10.97 -1.42 27.11
CA SER C 274 9.96 -1.67 28.17
C SER C 274 10.31 -2.90 29.02
N PRO C 275 10.57 -2.73 30.32
CA PRO C 275 10.82 -1.50 31.07
C PRO C 275 12.22 -0.89 30.78
N GLU C 276 12.51 0.25 31.39
CA GLU C 276 13.84 0.80 31.46
C GLU C 276 14.24 0.82 32.93
N PRO C 277 15.42 0.27 33.28
CA PRO C 277 16.41 -0.46 32.47
C PRO C 277 15.85 -1.79 31.99
N LEU C 278 16.26 -2.28 30.81
CA LEU C 278 15.86 -3.63 30.45
C LEU C 278 16.56 -4.62 31.39
N PRO C 279 15.89 -5.72 31.77
CA PRO C 279 16.64 -6.67 32.59
C PRO C 279 17.76 -7.33 31.79
N THR C 280 18.92 -7.51 32.42
CA THR C 280 20.12 -8.07 31.80
C THR C 280 19.91 -9.44 31.13
N ASN C 281 18.99 -10.24 31.65
CA ASN C 281 18.69 -11.55 31.07
C ASN C 281 17.65 -11.52 29.93
N HIS C 282 17.24 -10.32 29.48
CA HIS C 282 16.21 -10.18 28.42
C HIS C 282 16.67 -10.85 27.14
N PRO C 283 15.82 -11.70 26.49
CA PRO C 283 16.12 -12.35 25.19
C PRO C 283 16.76 -11.42 24.13
N LEU C 284 16.22 -10.22 23.98
CA LEU C 284 16.69 -9.28 22.95
C LEU C 284 18.19 -9.15 23.04
N LEU C 285 18.70 -9.24 24.27
CA LEU C 285 20.13 -9.00 24.51
C LEU C 285 20.96 -10.24 24.12
N THR C 286 20.29 -11.34 23.76
CA THR C 286 21.04 -12.53 23.30
C THR C 286 21.25 -12.47 21.79
N LEU C 287 20.55 -11.53 21.14
CA LEU C 287 20.59 -11.45 19.68
C LEU C 287 21.73 -10.62 19.13
N LYS C 288 22.53 -11.22 18.24
CA LYS C 288 23.58 -10.48 17.49
C LYS C 288 23.05 -9.38 16.59
N ASN C 289 21.83 -9.56 16.05
CA ASN C 289 21.29 -8.54 15.15
C ASN C 289 20.39 -7.46 15.83
N CYS C 290 20.53 -7.34 17.14
CA CYS C 290 19.79 -6.36 17.90
C CYS C 290 20.73 -5.43 18.68
N VAL C 291 20.69 -4.14 18.35
CA VAL C 291 21.44 -3.10 19.10
C VAL C 291 20.52 -2.38 20.12
N ILE C 292 20.94 -2.31 21.39
CA ILE C 292 20.16 -1.57 22.43
C ILE C 292 20.99 -0.58 23.25
N LEU C 293 20.53 0.66 23.28
CA LEU C 293 21.23 1.75 23.95
C LEU C 293 20.36 2.18 25.13
N PRO C 294 20.98 2.63 26.24
CA PRO C 294 20.20 2.99 27.41
C PRO C 294 19.62 4.39 27.35
N HIS C 295 18.87 4.67 26.29
CA HIS C 295 18.16 5.95 26.19
C HIS C 295 19.13 7.13 26.26
N ILE C 296 20.08 7.17 25.34
CA ILE C 296 21.08 8.29 25.26
C ILE C 296 20.79 9.35 24.14
N GLY C 297 19.64 9.27 23.48
CA GLY C 297 19.27 10.26 22.45
C GLY C 297 19.93 11.64 22.61
N SER C 298 19.59 12.30 23.71
CA SER C 298 19.99 13.70 23.93
C SER C 298 21.28 13.94 24.69
N ALA C 299 22.07 12.90 24.94
CA ALA C 299 23.28 13.04 25.77
C ALA C 299 24.52 13.62 25.07
N THR C 300 24.64 14.94 25.05
CA THR C 300 25.95 15.57 24.91
C THR C 300 25.85 16.44 26.06
N HIS C 301 26.96 16.95 26.53
CA HIS C 301 26.85 17.82 27.70
C HIS C 301 26.20 19.20 27.38
N ARG C 302 26.40 19.69 26.15
CA ARG C 302 25.94 21.02 25.76
C ARG C 302 24.45 20.99 25.69
N THR C 303 23.88 19.99 25.01
CA THR C 303 22.43 19.78 25.03
C THR C 303 21.76 19.63 26.42
N ARG C 304 22.25 18.71 27.26
CA ARG C 304 21.68 18.49 28.58
C ARG C 304 21.74 19.74 29.48
N ASN C 305 22.84 20.49 29.36
CA ASN C 305 23.01 21.80 30.00
C ASN C 305 21.94 22.75 29.49
N THR C 306 21.68 22.73 28.19
CA THR C 306 20.66 23.62 27.64
C THR C 306 19.27 23.23 28.14
N MET C 307 19.01 21.92 28.24
CA MET C 307 17.71 21.39 28.74
C MET C 307 17.49 21.76 30.19
N SER C 308 18.51 21.54 31.00
CA SER C 308 18.52 21.90 32.38
C SER C 308 18.15 23.36 32.56
N LEU C 309 18.73 24.23 31.77
CA LEU C 309 18.43 25.64 31.92
C LEU C 309 17.02 25.97 31.46
N LEU C 310 16.54 25.29 30.42
CA LEU C 310 15.17 25.50 29.92
C LEU C 310 14.13 25.01 30.94
N ALA C 311 14.33 23.80 31.47
CA ALA C 311 13.45 23.29 32.52
C ALA C 311 13.38 24.29 33.68
N ALA C 312 14.53 24.79 34.10
CA ALA C 312 14.63 25.75 35.21
C ALA C 312 13.88 27.04 34.91
N ASN C 313 14.10 27.60 33.72
CA ASN C 313 13.44 28.86 33.31
C ASN C 313 11.92 28.65 33.11
N ASN C 314 11.55 27.47 32.59
CA ASN C 314 10.15 27.06 32.51
C ASN C 314 9.46 27.15 33.88
N LEU C 315 10.11 26.51 34.85
CA LEU C 315 9.65 26.48 36.23
C LEU C 315 9.43 27.85 36.82
N LEU C 316 10.49 28.64 36.84
CA LEU C 316 10.49 30.00 37.40
C LEU C 316 9.47 30.92 36.71
N ALA C 317 9.36 30.82 35.39
CA ALA C 317 8.30 31.53 34.66
C ALA C 317 6.89 31.13 35.13
N GLY C 318 6.65 29.83 35.29
CA GLY C 318 5.36 29.30 35.77
C GLY C 318 5.08 29.66 37.23
N LEU C 319 6.13 29.70 38.03
CA LEU C 319 6.00 30.11 39.43
C LEU C 319 5.58 31.58 39.54
N ARG C 320 6.01 32.40 38.59
CA ARG C 320 5.86 33.87 38.70
C ARG C 320 4.70 34.41 37.84
N GLY C 321 3.87 33.51 37.31
CA GLY C 321 2.71 33.86 36.51
C GLY C 321 3.06 34.48 35.18
N GLU C 322 4.25 34.15 34.67
CA GLU C 322 4.72 34.72 33.42
C GLU C 322 4.67 33.71 32.28
N PRO C 323 4.65 34.21 31.02
CA PRO C 323 4.86 33.33 29.86
C PRO C 323 6.13 32.51 30.03
N MET C 324 6.09 31.25 29.62
CA MET C 324 7.23 30.33 29.64
C MET C 324 7.90 30.27 28.28
N PRO C 325 9.21 29.96 28.25
CA PRO C 325 9.95 29.63 27.01
C PRO C 325 9.31 28.49 26.17
N SER C 326 9.00 27.38 26.81
CA SER C 326 8.36 26.27 26.14
C SER C 326 7.28 25.72 27.06
N GLU C 327 6.10 26.29 26.98
CA GLU C 327 5.01 25.72 27.75
C GLU C 327 4.32 24.66 26.90
N LEU C 328 3.91 23.56 27.52
CA LEU C 328 3.03 22.58 26.91
C LEU C 328 1.57 22.94 27.08
N LYS C 329 0.87 23.21 25.98
CA LYS C 329 -0.50 23.70 26.17
C LYS C 329 -1.59 22.62 26.16
N LEU C 330 -2.31 22.58 27.27
CA LEU C 330 -3.23 21.48 27.61
C LEU C 330 -4.65 21.68 27.06
N LEU D 8 41.25 -21.95 -23.95
CA LEU D 8 41.21 -21.73 -22.46
C LEU D 8 42.51 -21.13 -21.95
N MET D 9 42.37 -20.02 -21.20
CA MET D 9 43.44 -19.41 -20.41
C MET D 9 43.23 -19.92 -19.00
N LYS D 10 44.30 -20.00 -18.22
CA LYS D 10 44.17 -20.36 -16.80
C LYS D 10 44.19 -19.12 -15.93
N VAL D 11 43.24 -19.06 -15.02
CA VAL D 11 43.14 -17.97 -14.06
C VAL D 11 43.32 -18.54 -12.65
N PHE D 12 44.08 -17.85 -11.80
CA PHE D 12 44.13 -18.20 -10.38
C PHE D 12 43.43 -17.21 -9.47
N VAL D 13 42.54 -17.74 -8.64
CA VAL D 13 41.72 -16.97 -7.72
C VAL D 13 41.96 -17.44 -6.30
N THR D 14 42.28 -16.48 -5.43
CA THR D 14 42.95 -16.69 -4.16
C THR D 14 41.99 -16.79 -2.97
N ARG D 15 40.70 -16.79 -3.28
CA ARG D 15 39.66 -17.05 -2.29
C ARG D 15 38.27 -17.07 -2.92
N ARG D 16 37.29 -17.55 -2.14
CA ARG D 16 35.89 -17.47 -2.52
C ARG D 16 35.54 -16.00 -2.65
N ILE D 17 34.98 -15.61 -3.79
CA ILE D 17 34.64 -14.20 -4.06
C ILE D 17 33.12 -13.96 -4.13
N PRO D 18 32.68 -12.69 -4.01
CA PRO D 18 31.24 -12.47 -4.10
C PRO D 18 30.64 -13.01 -5.40
N ALA D 19 29.36 -13.39 -5.38
CA ALA D 19 28.79 -14.22 -6.46
C ALA D 19 28.88 -13.59 -7.85
N GLU D 20 28.67 -12.27 -7.93
CA GLU D 20 28.69 -11.59 -9.24
C GLU D 20 30.00 -11.76 -10.01
N GLY D 21 31.11 -11.78 -9.29
CA GLY D 21 32.42 -11.92 -9.89
C GLY D 21 32.66 -13.37 -10.22
N ARG D 22 32.09 -14.26 -9.40
CA ARG D 22 32.23 -15.69 -9.57
C ARG D 22 31.46 -16.15 -10.83
N VAL D 23 30.22 -15.69 -10.98
CA VAL D 23 29.41 -16.03 -12.16
C VAL D 23 29.98 -15.49 -13.48
N ALA D 24 30.45 -14.24 -13.44
CA ALA D 24 31.10 -13.63 -14.60
C ALA D 24 32.37 -14.40 -15.02
N LEU D 25 33.11 -14.93 -14.08
CA LEU D 25 34.26 -15.80 -14.43
C LEU D 25 33.81 -17.16 -14.92
N ALA D 26 32.70 -17.65 -14.34
CA ALA D 26 32.11 -18.94 -14.76
C ALA D 26 31.49 -18.86 -16.15
N ARG D 27 31.02 -17.67 -16.51
CA ARG D 27 30.34 -17.41 -17.76
C ARG D 27 31.31 -17.19 -18.94
N ALA D 28 32.61 -17.09 -18.66
CA ALA D 28 33.64 -16.90 -19.69
C ALA D 28 34.25 -18.20 -20.16
N ALA D 29 33.93 -18.63 -21.38
CA ALA D 29 34.49 -19.86 -21.98
C ALA D 29 36.00 -19.86 -22.26
N ASP D 30 36.59 -18.67 -22.43
CA ASP D 30 38.02 -18.58 -22.74
C ASP D 30 38.89 -18.68 -21.50
N CYS D 31 38.26 -18.77 -20.32
CA CYS D 31 39.01 -18.96 -19.09
C CYS D 31 38.73 -20.29 -18.37
N GLU D 32 39.63 -20.64 -17.47
CA GLU D 32 39.54 -21.86 -16.71
C GLU D 32 39.95 -21.47 -15.32
N VAL D 33 38.97 -21.48 -14.41
CA VAL D 33 39.12 -21.02 -13.04
C VAL D 33 39.84 -22.07 -12.21
N GLU D 34 41.04 -21.73 -11.74
CA GLU D 34 41.70 -22.45 -10.64
C GLU D 34 41.46 -21.66 -9.35
N GLN D 35 40.90 -22.31 -8.33
CA GLN D 35 40.35 -21.59 -7.20
C GLN D 35 40.69 -22.13 -5.81
N TRP D 36 41.22 -21.24 -4.97
CA TRP D 36 41.36 -21.49 -3.54
C TRP D 36 39.97 -21.38 -2.93
N ASP D 37 39.41 -22.53 -2.57
CA ASP D 37 37.99 -22.63 -2.26
C ASP D 37 37.76 -22.48 -0.75
N SER D 38 38.20 -21.33 -0.21
CA SER D 38 38.23 -21.07 1.23
C SER D 38 37.97 -19.60 1.54
N ASP D 39 37.41 -19.32 2.70
CA ASP D 39 37.23 -17.95 3.14
C ASP D 39 38.44 -17.42 3.91
N GLU D 40 39.39 -18.33 4.18
CA GLU D 40 40.68 -18.02 4.83
C GLU D 40 41.80 -17.57 3.86
N PRO D 41 42.70 -16.69 4.32
CA PRO D 41 43.69 -16.15 3.37
C PRO D 41 44.71 -17.18 2.89
N ILE D 42 45.12 -17.05 1.63
CA ILE D 42 46.07 -17.99 1.02
C ILE D 42 47.49 -17.76 1.54
N PRO D 43 48.14 -18.81 2.06
CA PRO D 43 49.59 -18.74 2.39
C PRO D 43 50.51 -18.40 1.20
N ALA D 44 51.63 -17.73 1.50
CA ALA D 44 52.54 -17.22 0.46
C ALA D 44 53.10 -18.34 -0.45
N LYS D 45 53.26 -19.53 0.12
CA LYS D 45 53.66 -20.72 -0.67
C LYS D 45 52.55 -21.24 -1.58
N GLU D 46 51.30 -21.15 -1.11
CA GLU D 46 50.13 -21.63 -1.85
C GLU D 46 49.79 -20.74 -3.05
N LEU D 47 50.04 -19.46 -2.86
CA LEU D 47 49.91 -18.44 -3.89
C LEU D 47 51.08 -18.66 -4.84
N GLU D 48 52.24 -19.01 -4.28
CA GLU D 48 53.39 -19.44 -5.08
C GLU D 48 52.95 -20.56 -6.02
N ARG D 49 52.43 -21.65 -5.46
CA ARG D 49 52.03 -22.84 -6.19
C ARG D 49 50.87 -22.56 -7.12
N GLY D 50 49.81 -21.96 -6.56
CA GLY D 50 48.56 -21.73 -7.29
C GLY D 50 48.68 -21.01 -8.62
N VAL D 51 49.50 -19.96 -8.66
CA VAL D 51 49.61 -19.12 -9.85
C VAL D 51 50.45 -19.76 -10.96
N ALA D 52 50.63 -21.09 -10.90
CA ALA D 52 51.48 -21.81 -11.87
C ALA D 52 50.88 -21.85 -13.27
N GLY D 53 51.38 -20.98 -14.15
CA GLY D 53 50.91 -20.92 -15.53
C GLY D 53 49.65 -20.09 -15.69
N ALA D 54 49.37 -19.24 -14.70
CA ALA D 54 48.24 -18.33 -14.76
C ALA D 54 48.56 -17.17 -15.71
N HIS D 55 47.67 -16.97 -16.69
CA HIS D 55 47.60 -15.71 -17.43
C HIS D 55 46.93 -14.66 -16.55
N GLY D 56 46.24 -15.11 -15.50
CA GLY D 56 45.36 -14.24 -14.71
C GLY D 56 45.39 -14.53 -13.23
N LEU D 57 45.37 -13.45 -12.46
CA LEU D 57 45.33 -13.51 -11.00
C LEU D 57 44.36 -12.44 -10.52
N LEU D 58 43.25 -12.90 -9.96
CA LEU D 58 42.40 -12.04 -9.19
C LEU D 58 42.79 -12.25 -7.71
N CYS D 59 43.14 -11.14 -7.05
CA CYS D 59 43.70 -11.15 -5.70
C CYS D 59 43.02 -10.10 -4.83
N LEU D 60 43.24 -10.22 -3.53
CA LEU D 60 42.61 -9.38 -2.51
C LEU D 60 43.68 -8.47 -1.84
N LEU D 61 43.24 -7.34 -1.28
CA LEU D 61 44.17 -6.44 -0.55
C LEU D 61 44.96 -7.16 0.55
N SER D 62 44.45 -8.30 1.01
CA SER D 62 45.17 -9.19 1.95
C SER D 62 46.43 -9.75 1.31
N ASP D 63 46.42 -9.83 -0.01
CA ASP D 63 47.50 -10.43 -0.79
C ASP D 63 48.64 -9.44 -1.11
N HIS D 64 49.81 -9.72 -0.55
CA HIS D 64 50.97 -8.87 -0.78
C HIS D 64 51.65 -9.30 -2.08
N VAL D 65 51.48 -8.48 -3.12
CA VAL D 65 51.92 -8.86 -4.46
C VAL D 65 53.38 -8.43 -4.69
N ASP D 66 54.29 -9.13 -4.00
CA ASP D 66 55.73 -8.93 -4.18
C ASP D 66 56.01 -9.35 -5.62
N LYS D 67 57.17 -9.15 -6.23
CA LYS D 67 58.53 -9.19 -5.67
C LYS D 67 59.02 -10.59 -6.05
N ARG D 68 58.81 -11.56 -5.15
CA ARG D 68 59.13 -12.96 -5.40
C ARG D 68 58.01 -13.76 -6.09
N ILE D 69 56.80 -13.20 -6.14
CA ILE D 69 55.61 -13.88 -6.70
C ILE D 69 55.25 -13.42 -8.13
N LEU D 70 55.85 -12.32 -8.59
CA LEU D 70 55.74 -11.94 -9.98
C LEU D 70 56.69 -12.82 -10.76
N ASP D 71 57.78 -13.23 -10.08
CA ASP D 71 58.87 -14.02 -10.68
C ASP D 71 58.67 -15.55 -10.56
N ALA D 72 57.39 -15.95 -10.44
CA ALA D 72 56.90 -17.32 -10.68
C ALA D 72 55.37 -17.33 -10.62
N ALA D 73 54.68 -17.81 -11.67
CA ALA D 73 55.29 -18.38 -12.87
C ALA D 73 56.20 -17.41 -13.61
N GLY D 74 55.75 -16.16 -13.76
CA GLY D 74 56.63 -15.09 -14.23
C GLY D 74 56.14 -14.17 -15.33
N ALA D 75 56.43 -14.56 -16.58
CA ALA D 75 56.39 -13.64 -17.72
C ALA D 75 55.24 -13.79 -18.71
N ASN D 76 54.31 -14.71 -18.43
CA ASN D 76 53.06 -14.77 -19.19
C ASN D 76 51.93 -13.95 -18.52
N LEU D 77 52.01 -13.77 -17.20
CA LEU D 77 51.06 -12.93 -16.47
C LEU D 77 50.76 -11.60 -17.17
N LYS D 78 49.60 -11.56 -17.83
CA LYS D 78 49.10 -10.34 -18.45
C LYS D 78 48.65 -9.39 -17.34
N VAL D 79 47.63 -9.79 -16.59
CA VAL D 79 46.98 -8.88 -15.65
C VAL D 79 46.84 -9.38 -14.21
N ILE D 80 47.13 -8.47 -13.29
CA ILE D 80 46.74 -8.55 -11.89
C ILE D 80 45.44 -7.77 -11.70
N SER D 81 44.40 -8.44 -11.20
CA SER D 81 43.16 -7.76 -10.86
C SER D 81 42.92 -7.92 -9.39
N THR D 82 42.99 -6.80 -8.68
CA THR D 82 42.82 -6.77 -7.24
C THR D 82 41.43 -6.26 -6.81
N MET D 83 40.90 -6.81 -5.72
CA MET D 83 39.53 -6.49 -5.36
C MET D 83 39.51 -5.44 -4.25
N SER D 84 40.02 -4.25 -4.60
CA SER D 84 40.30 -3.12 -3.66
C SER D 84 40.57 -1.78 -4.36
N VAL D 85 40.25 -0.67 -3.71
CA VAL D 85 40.65 0.65 -4.23
C VAL D 85 42.11 0.89 -3.96
N GLY D 86 42.56 0.45 -2.79
CA GLY D 86 43.96 0.54 -2.41
C GLY D 86 44.79 -0.39 -3.28
N ILE D 87 46.04 0.04 -3.53
CA ILE D 87 47.02 -0.72 -4.36
C ILE D 87 48.37 -0.94 -3.65
N ASP D 88 48.53 -0.30 -2.50
CA ASP D 88 49.78 -0.31 -1.69
C ASP D 88 50.33 -1.71 -1.28
N HIS D 89 49.61 -2.75 -1.68
CA HIS D 89 50.02 -4.13 -1.49
C HIS D 89 50.57 -4.69 -2.81
N LEU D 90 50.64 -3.86 -3.85
CA LEU D 90 51.11 -4.31 -5.17
C LEU D 90 52.32 -3.54 -5.67
N ALA D 91 53.40 -4.27 -5.97
CA ALA D 91 54.72 -3.69 -6.35
C ALA D 91 54.73 -2.91 -7.69
N LEU D 92 53.94 -1.84 -7.75
CA LEU D 92 53.81 -0.96 -8.94
C LEU D 92 55.10 -0.72 -9.77
N ASP D 93 56.20 -0.41 -9.10
CA ASP D 93 57.49 -0.16 -9.75
C ASP D 93 57.99 -1.35 -10.59
N GLU D 94 57.64 -2.58 -10.17
CA GLU D 94 58.06 -3.80 -10.87
C GLU D 94 57.06 -4.26 -11.94
N ILE D 95 55.77 -4.05 -11.64
CA ILE D 95 54.66 -4.41 -12.53
C ILE D 95 54.70 -3.56 -13.81
N LYS D 96 54.91 -2.25 -13.62
CA LYS D 96 55.19 -1.33 -14.72
C LYS D 96 56.37 -1.82 -15.55
N LYS D 97 57.43 -2.22 -14.86
CA LYS D 97 58.68 -2.65 -15.49
C LYS D 97 58.53 -3.97 -16.26
N ARG D 98 57.59 -4.81 -15.80
CA ARG D 98 57.28 -6.08 -16.48
C ARG D 98 56.13 -5.99 -17.50
N GLY D 99 55.56 -4.79 -17.66
CA GLY D 99 54.54 -4.50 -18.69
C GLY D 99 53.14 -4.99 -18.35
N ILE D 100 52.88 -5.18 -17.07
CA ILE D 100 51.63 -5.76 -16.60
C ILE D 100 50.58 -4.68 -16.32
N ARG D 101 49.35 -4.91 -16.77
CA ARG D 101 48.25 -4.00 -16.53
C ARG D 101 47.62 -4.40 -15.22
N VAL D 102 47.03 -3.45 -14.51
CA VAL D 102 46.50 -3.71 -13.18
C VAL D 102 45.04 -3.28 -13.13
N GLY D 103 44.19 -4.12 -12.55
CA GLY D 103 42.82 -3.73 -12.25
C GLY D 103 42.67 -3.44 -10.77
N TYR D 104 41.93 -2.38 -10.44
CA TYR D 104 41.59 -2.07 -9.05
C TYR D 104 40.13 -1.60 -8.99
N THR D 105 39.61 -1.38 -7.78
CA THR D 105 38.18 -1.10 -7.62
C THR D 105 37.81 0.25 -6.97
N PRO D 106 37.94 1.39 -7.69
CA PRO D 106 37.50 2.69 -7.17
C PRO D 106 36.08 3.14 -7.55
N ASP D 107 35.57 4.15 -6.82
CA ASP D 107 34.21 4.72 -6.96
C ASP D 107 33.06 3.74 -6.71
N VAL D 108 33.26 2.50 -7.11
CA VAL D 108 32.35 1.42 -6.78
C VAL D 108 32.10 1.31 -5.26
N LEU D 109 33.12 1.63 -4.48
CA LEU D 109 33.05 1.56 -3.01
C LEU D 109 33.00 2.91 -2.26
N THR D 110 33.01 4.03 -2.98
CA THR D 110 33.25 5.37 -2.37
C THR D 110 32.15 5.76 -1.40
N ASP D 111 30.89 5.52 -1.78
CA ASP D 111 29.75 5.90 -0.93
C ASP D 111 29.69 5.11 0.38
N THR D 112 29.81 3.79 0.26
CA THR D 112 29.82 2.80 1.36
C THR D 112 30.93 2.89 2.46
N THR D 113 32.17 3.06 2.02
CA THR D 113 33.27 3.42 2.88
C THR D 113 33.03 4.76 3.64
N ALA D 114 32.55 5.78 2.94
CA ALA D 114 32.23 7.05 3.57
C ALA D 114 31.09 6.83 4.55
N GLU D 115 30.10 6.04 4.16
CA GLU D 115 29.11 5.55 5.09
C GLU D 115 29.76 4.93 6.35
N LEU D 116 30.83 4.16 6.16
CA LEU D 116 31.39 3.46 7.29
C LEU D 116 32.16 4.41 8.18
N ALA D 117 32.91 5.35 7.58
CA ALA D 117 33.73 6.29 8.36
C ALA D 117 32.84 7.09 9.28
N VAL D 118 31.65 7.48 8.79
CA VAL D 118 30.71 8.29 9.61
C VAL D 118 30.01 7.42 10.64
N SER D 119 29.76 6.16 10.27
CA SER D 119 29.26 5.18 11.26
C SER D 119 30.25 5.04 12.43
N LEU D 120 31.55 4.97 12.10
CA LEU D 120 32.61 4.87 13.14
C LEU D 120 32.71 6.10 13.98
N LEU D 121 32.83 7.24 13.32
CA LEU D 121 32.92 8.58 13.93
C LEU D 121 31.81 8.74 14.96
N LEU D 122 30.62 8.26 14.63
CA LEU D 122 29.41 8.46 15.45
C LEU D 122 29.35 7.41 16.60
N THR D 123 29.68 6.17 16.30
CA THR D 123 29.77 5.12 17.28
C THR D 123 30.78 5.53 18.35
N THR D 124 31.92 6.05 17.92
CA THR D 124 32.95 6.51 18.84
C THR D 124 32.48 7.80 19.58
N CYS D 125 32.10 8.86 18.85
CA CYS D 125 31.85 10.08 19.55
C CYS D 125 30.60 10.07 20.44
N ARG D 126 29.56 9.33 20.05
CA ARG D 126 28.40 9.22 20.93
C ARG D 126 28.55 8.03 21.92
N ARG D 127 29.71 7.37 21.90
CA ARG D 127 30.13 6.40 22.94
C ARG D 127 29.27 5.19 23.01
N LEU D 128 28.84 4.70 21.84
CA LEU D 128 27.84 3.62 21.78
C LEU D 128 28.35 2.26 22.29
N PRO D 129 29.60 1.85 22.03
CA PRO D 129 29.99 0.59 22.68
C PRO D 129 29.89 0.61 24.22
N GLU D 130 30.34 1.69 24.85
CA GLU D 130 30.25 1.85 26.28
C GLU D 130 28.77 1.72 26.70
N ALA D 131 27.88 2.44 25.99
CA ALA D 131 26.43 2.45 26.19
C ALA D 131 25.78 1.06 26.02
N ILE D 132 26.14 0.38 24.95
CA ILE D 132 25.73 -1.00 24.77
C ILE D 132 26.18 -1.85 25.98
N GLU D 133 27.43 -1.68 26.43
CA GLU D 133 27.95 -2.47 27.55
C GLU D 133 27.16 -2.18 28.84
N GLU D 134 26.86 -0.90 29.08
CA GLU D 134 26.14 -0.49 30.27
C GLU D 134 24.75 -1.14 30.37
N VAL D 135 24.13 -1.45 29.25
CA VAL D 135 22.88 -2.20 29.38
C VAL D 135 23.08 -3.68 29.69
N LYS D 136 24.08 -4.28 29.08
CA LYS D 136 24.39 -5.69 29.29
C LYS D 136 24.97 -6.00 30.67
N ASN D 137 25.75 -5.08 31.27
CA ASN D 137 26.37 -5.34 32.57
C ASN D 137 25.53 -4.86 33.78
N GLY D 138 24.41 -4.17 33.53
CA GLY D 138 23.52 -3.86 34.62
C GLY D 138 23.85 -2.53 35.21
N GLY D 139 24.82 -1.82 34.64
CA GLY D 139 25.06 -0.41 35.01
C GLY D 139 23.84 0.51 34.83
N TRP D 140 22.98 0.17 33.90
CA TRP D 140 21.82 1.02 33.55
C TRP D 140 20.85 0.92 34.69
N THR D 141 20.55 2.06 35.33
CA THR D 141 19.56 2.11 36.42
C THR D 141 18.38 3.03 36.15
N SER D 142 18.61 4.11 35.40
CA SER D 142 17.51 5.02 34.97
C SER D 142 17.99 5.84 33.77
N TRP D 143 17.15 6.75 33.30
CA TRP D 143 17.60 7.85 32.46
C TRP D 143 18.39 8.82 33.34
N LYS D 144 19.56 9.27 32.90
CA LYS D 144 20.35 10.14 33.75
C LYS D 144 20.87 11.30 32.98
N PRO D 145 20.69 12.52 33.51
CA PRO D 145 21.09 13.75 32.76
C PRO D 145 22.58 13.90 32.36
N LEU D 146 23.52 13.26 33.06
CA LEU D 146 24.92 13.56 32.81
C LEU D 146 25.67 12.28 32.54
N TRP D 147 24.93 11.25 32.10
CA TRP D 147 25.46 9.91 31.96
C TRP D 147 25.65 9.58 30.48
N LEU D 148 26.87 9.12 30.15
CA LEU D 148 27.20 8.63 28.82
C LEU D 148 27.08 9.74 27.78
N CYS D 149 27.46 10.95 28.19
CA CYS D 149 27.40 12.09 27.31
C CYS D 149 28.58 12.03 26.37
N GLY D 150 28.37 12.32 25.09
CA GLY D 150 29.44 12.41 24.12
C GLY D 150 29.60 13.78 23.48
N TYR D 151 30.24 13.79 22.31
CA TYR D 151 30.69 15.01 21.66
C TYR D 151 29.91 15.17 20.39
N GLY D 152 29.06 16.18 20.33
CA GLY D 152 28.22 16.40 19.17
C GLY D 152 28.99 16.93 17.98
N LEU D 153 28.39 16.76 16.80
CA LEU D 153 28.81 17.39 15.53
C LEU D 153 28.27 18.83 15.32
N THR D 154 27.15 19.16 15.93
CA THR D 154 26.64 20.49 15.68
C THR D 154 27.62 21.53 16.17
N GLN D 155 27.82 22.56 15.35
CA GLN D 155 28.78 23.64 15.65
C GLN D 155 30.22 23.17 15.80
N SER D 156 30.52 21.92 15.42
CA SER D 156 31.90 21.39 15.41
C SER D 156 32.74 21.90 14.22
N THR D 157 34.03 21.58 14.26
CA THR D 157 34.97 21.82 13.15
C THR D 157 35.55 20.46 12.82
N VAL D 158 35.34 19.93 11.63
CA VAL D 158 36.03 18.68 11.31
C VAL D 158 37.16 18.88 10.33
N GLY D 159 38.22 18.14 10.59
CA GLY D 159 39.46 18.12 9.84
C GLY D 159 39.58 16.80 9.11
N ILE D 160 39.74 16.90 7.80
CA ILE D 160 39.82 15.77 6.93
C ILE D 160 41.22 15.77 6.35
N ILE D 161 41.97 14.70 6.62
CA ILE D 161 43.27 14.46 6.00
C ILE D 161 43.07 13.67 4.69
N GLY D 162 43.14 14.37 3.54
CA GLY D 162 42.85 13.79 2.22
C GLY D 162 41.42 13.96 1.70
N LEU D 163 41.17 15.03 0.99
CA LEU D 163 39.84 15.29 0.46
C LEU D 163 39.68 14.70 -0.95
N GLY D 164 39.98 13.43 -1.05
CA GLY D 164 39.77 12.72 -2.28
C GLY D 164 38.31 12.30 -2.39
N ARG D 165 38.12 11.17 -3.06
CA ARG D 165 36.75 10.80 -3.41
C ARG D 165 36.03 10.42 -2.14
N ILE D 166 36.70 9.59 -1.34
CA ILE D 166 36.15 9.12 -0.06
C ILE D 166 36.00 10.24 0.95
N GLY D 167 37.05 11.01 1.24
CA GLY D 167 36.96 12.18 2.14
C GLY D 167 35.91 13.25 1.74
N GLN D 168 35.69 13.37 0.42
CA GLN D 168 34.66 14.23 -0.18
C GLN D 168 33.29 13.75 0.23
N ALA D 169 33.10 12.43 0.15
CA ALA D 169 31.78 11.81 0.43
C ALA D 169 31.49 11.73 1.93
N ILE D 170 32.55 11.72 2.71
CA ILE D 170 32.48 11.86 4.18
C ILE D 170 32.00 13.25 4.59
N ALA D 171 32.66 14.27 4.09
CA ALA D 171 32.30 15.67 4.36
C ALA D 171 30.83 15.94 4.01
N ARG D 172 30.43 15.40 2.87
CA ARG D 172 29.08 15.55 2.28
C ARG D 172 28.02 14.95 3.22
N ARG D 173 28.37 13.80 3.78
CA ARG D 173 27.53 13.12 4.72
C ARG D 173 27.50 13.80 6.08
N LEU D 174 28.64 14.33 6.54
CA LEU D 174 28.74 15.09 7.80
C LEU D 174 28.12 16.49 7.82
N LYS D 175 28.02 17.14 6.65
CA LYS D 175 27.54 18.54 6.55
C LYS D 175 26.19 18.84 7.22
N PRO D 176 25.16 17.99 7.00
CA PRO D 176 23.85 18.21 7.69
C PRO D 176 23.78 17.94 9.21
N PHE D 177 24.88 17.46 9.79
CA PHE D 177 25.01 17.26 11.24
C PHE D 177 25.38 18.58 11.98
N GLY D 178 25.34 19.74 11.27
CA GLY D 178 25.53 21.08 11.88
C GLY D 178 26.98 21.55 11.92
N VAL D 179 27.85 20.85 11.18
CA VAL D 179 29.27 21.18 11.11
C VAL D 179 29.44 22.62 10.66
N GLN D 180 30.11 23.38 11.52
CA GLN D 180 30.33 24.81 11.35
C GLN D 180 31.46 25.09 10.35
N ARG D 181 32.47 24.24 10.35
CA ARG D 181 33.57 24.35 9.40
C ARG D 181 34.34 23.08 9.08
N PHE D 182 34.66 22.97 7.80
CA PHE D 182 35.59 22.00 7.31
C PHE D 182 36.95 22.59 7.05
N LEU D 183 37.96 21.78 7.34
CA LEU D 183 39.32 22.04 6.91
C LEU D 183 39.80 20.75 6.33
N TYR D 184 40.83 20.83 5.51
CA TYR D 184 41.42 19.62 4.94
C TYR D 184 42.90 19.83 4.71
N THR D 185 43.61 18.71 4.71
CA THR D 185 45.05 18.72 4.57
C THR D 185 45.44 17.87 3.37
N GLY D 186 46.59 18.18 2.78
CA GLY D 186 47.04 17.49 1.57
C GLY D 186 48.34 18.02 0.98
N ARG D 187 48.78 17.37 -0.10
CA ARG D 187 49.96 17.81 -0.85
C ARG D 187 49.62 19.07 -1.60
N GLN D 188 48.52 19.02 -2.35
CA GLN D 188 47.97 20.22 -2.99
C GLN D 188 46.52 20.53 -2.62
N PRO D 189 46.13 21.83 -2.74
CA PRO D 189 44.75 22.22 -2.51
C PRO D 189 43.89 21.69 -3.64
N ARG D 190 42.65 21.36 -3.32
CA ARG D 190 41.66 21.04 -4.33
C ARG D 190 40.54 22.08 -4.25
N PRO D 191 40.76 23.29 -4.84
CA PRO D 191 39.79 24.39 -4.67
C PRO D 191 38.37 24.02 -5.00
N GLU D 192 38.19 23.33 -6.12
CA GLU D 192 36.86 23.08 -6.68
C GLU D 192 36.12 22.08 -5.80
N GLU D 193 36.88 21.06 -5.37
CA GLU D 193 36.40 20.01 -4.52
C GLU D 193 36.00 20.57 -3.13
N ALA D 194 36.81 21.47 -2.58
CA ALA D 194 36.60 22.00 -1.24
C ALA D 194 35.48 23.01 -1.22
N ALA D 195 35.17 23.59 -2.38
CA ALA D 195 34.14 24.64 -2.46
C ALA D 195 32.78 24.16 -1.98
N GLU D 196 32.43 22.90 -2.32
CA GLU D 196 31.20 22.25 -1.87
C GLU D 196 30.97 22.34 -0.33
N PHE D 197 32.07 22.27 0.43
CA PHE D 197 32.01 22.37 1.91
C PHE D 197 32.62 23.64 2.52
N GLN D 198 33.11 24.54 1.67
CA GLN D 198 33.90 25.69 2.12
C GLN D 198 35.08 25.24 2.96
N ALA D 199 35.70 24.12 2.61
CA ALA D 199 36.76 23.56 3.47
C ALA D 199 38.00 24.43 3.24
N GLU D 200 38.67 24.83 4.33
CA GLU D 200 39.95 25.56 4.23
C GLU D 200 41.14 24.60 4.19
N PHE D 201 42.10 24.93 3.35
CA PHE D 201 43.31 24.13 3.20
C PHE D 201 44.32 24.65 4.23
N VAL D 202 44.78 23.78 5.13
CA VAL D 202 45.64 24.21 6.25
C VAL D 202 46.75 23.23 6.42
N SER D 203 47.75 23.63 7.22
CA SER D 203 48.84 22.76 7.57
C SER D 203 48.25 21.68 8.48
N THR D 204 48.93 20.55 8.62
CA THR D 204 48.51 19.51 9.56
C THR D 204 48.53 20.02 11.01
N PRO D 205 49.61 20.69 11.47
CA PRO D 205 49.54 21.32 12.80
C PRO D 205 48.34 22.24 13.03
N GLU D 206 47.91 22.99 12.02
CA GLU D 206 46.70 23.79 12.17
C GLU D 206 45.43 22.93 12.13
N LEU D 207 45.50 21.81 11.42
CA LEU D 207 44.37 20.88 11.35
C LEU D 207 44.14 20.25 12.73
N ALA D 208 45.25 19.77 13.31
CA ALA D 208 45.24 19.12 14.62
C ALA D 208 44.69 20.11 15.65
N ALA D 209 45.21 21.35 15.63
CA ALA D 209 44.87 22.37 16.66
C ALA D 209 43.40 22.82 16.70
N GLN D 210 42.79 22.88 15.52
CA GLN D 210 41.49 23.51 15.30
C GLN D 210 40.32 22.53 15.28
N SER D 211 40.59 21.27 14.94
CA SER D 211 39.53 20.26 14.75
C SER D 211 38.90 19.72 16.01
N ASP D 212 37.59 19.59 15.97
CA ASP D 212 36.89 18.84 16.99
C ASP D 212 36.92 17.34 16.63
N PHE D 213 36.92 17.05 15.33
CA PHE D 213 36.96 15.66 14.84
C PHE D 213 37.97 15.62 13.72
N ILE D 214 38.69 14.51 13.66
CA ILE D 214 39.65 14.33 12.62
C ILE D 214 39.36 12.99 11.97
N VAL D 215 39.08 13.06 10.65
CA VAL D 215 39.00 11.89 9.78
C VAL D 215 40.18 11.80 8.77
N VAL D 216 40.90 10.67 8.82
CA VAL D 216 42.04 10.35 7.93
C VAL D 216 41.54 9.40 6.81
N ALA D 217 41.48 9.92 5.58
CA ALA D 217 41.04 9.14 4.44
C ALA D 217 42.05 9.15 3.27
N CYS D 218 43.33 9.22 3.57
CA CYS D 218 44.37 9.30 2.53
C CYS D 218 44.88 7.93 2.06
N SER D 219 45.53 7.93 0.87
CA SER D 219 46.40 6.83 0.43
C SER D 219 47.64 6.64 1.30
N LEU D 220 48.05 5.39 1.47
CA LEU D 220 49.28 5.13 2.20
C LEU D 220 50.44 5.23 1.20
N THR D 221 51.30 6.22 1.43
CA THR D 221 52.46 6.54 0.60
C THR D 221 53.62 6.82 1.55
N PRO D 222 54.86 6.96 1.03
CA PRO D 222 55.98 7.34 1.89
C PRO D 222 55.61 8.47 2.87
N ALA D 223 55.11 9.58 2.32
CA ALA D 223 54.67 10.78 3.09
C ALA D 223 53.36 10.69 3.90
N THR D 224 52.68 9.53 3.90
CA THR D 224 51.54 9.31 4.82
C THR D 224 51.84 8.27 5.91
N GLU D 225 52.70 7.29 5.60
CA GLU D 225 53.22 6.38 6.62
C GLU D 225 53.68 7.24 7.81
N GLY D 226 53.21 6.89 9.02
CA GLY D 226 53.63 7.55 10.29
C GLY D 226 53.22 9.02 10.51
N LEU D 227 52.38 9.55 9.62
CA LEU D 227 51.91 10.93 9.76
C LEU D 227 51.16 11.14 11.09
N CYS D 228 50.36 10.16 11.51
CA CYS D 228 49.56 10.36 12.73
C CYS D 228 50.25 9.80 13.97
N ASN D 229 51.13 10.64 14.50
CA ASN D 229 52.06 10.24 15.56
C ASN D 229 51.92 11.16 16.73
N LYS D 230 52.88 11.06 17.64
CA LYS D 230 52.92 11.80 18.89
C LYS D 230 52.81 13.29 18.67
N ASP D 231 53.52 13.80 17.67
CA ASP D 231 53.59 15.25 17.42
C ASP D 231 52.21 15.72 17.01
N PHE D 232 51.62 14.95 16.10
CA PHE D 232 50.24 15.12 15.75
C PHE D 232 49.30 15.11 16.96
N PHE D 233 49.34 14.05 17.79
CA PHE D 233 48.33 13.91 18.89
C PHE D 233 48.45 14.98 20.00
N GLN D 234 49.68 15.47 20.20
CA GLN D 234 49.97 16.51 21.19
C GLN D 234 49.28 17.85 20.87
N LYS D 235 49.22 18.20 19.58
CA LYS D 235 48.61 19.46 19.13
C LYS D 235 47.08 19.40 18.94
N MET D 236 46.49 18.21 19.00
CA MET D 236 45.02 18.05 18.99
C MET D 236 44.38 18.62 20.25
N LYS D 237 43.07 18.90 20.23
CA LYS D 237 42.37 19.29 21.47
C LYS D 237 42.12 18.02 22.29
N GLU D 238 42.04 18.16 23.61
CA GLU D 238 41.86 17.01 24.48
C GLU D 238 40.46 16.47 24.36
N THR D 239 39.55 17.32 23.91
CA THR D 239 38.15 16.94 23.65
C THR D 239 37.94 16.37 22.25
N ALA D 240 38.98 16.33 21.42
CA ALA D 240 38.80 15.96 19.98
C ALA D 240 38.63 14.46 19.79
N VAL D 241 37.99 14.09 18.67
CA VAL D 241 37.86 12.66 18.32
C VAL D 241 38.66 12.34 17.04
N PHE D 242 39.43 11.24 17.06
CA PHE D 242 40.35 10.85 15.95
C PHE D 242 39.95 9.53 15.26
N ILE D 243 39.62 9.64 13.97
CA ILE D 243 39.14 8.51 13.14
C ILE D 243 40.17 8.26 12.02
N ASN D 244 40.63 7.00 11.89
CA ASN D 244 41.42 6.64 10.71
C ASN D 244 40.77 5.48 9.95
N ILE D 245 40.52 5.67 8.66
CA ILE D 245 40.00 4.61 7.79
C ILE D 245 40.97 4.30 6.64
N SER D 246 42.12 4.97 6.62
CA SER D 246 43.04 4.91 5.50
C SER D 246 43.82 3.59 5.49
N ARG D 247 45.02 3.51 6.07
CA ARG D 247 45.71 2.23 6.04
C ARG D 247 46.17 1.65 7.37
N GLY D 248 46.52 2.50 8.33
CA GLY D 248 47.01 1.91 9.59
C GLY D 248 48.46 2.18 9.86
N ASP D 249 49.31 1.98 8.86
CA ASP D 249 50.69 2.43 8.96
C ASP D 249 50.76 3.96 8.89
N VAL D 250 49.68 4.61 8.48
CA VAL D 250 49.55 6.09 8.62
C VAL D 250 49.59 6.54 10.12
N VAL D 251 49.01 5.74 11.01
CA VAL D 251 49.06 5.98 12.47
C VAL D 251 50.27 5.33 13.23
N ASN D 252 50.92 6.08 14.12
CA ASN D 252 51.84 5.47 15.12
C ASN D 252 51.01 4.96 16.29
N GLN D 253 51.03 3.65 16.51
CA GLN D 253 50.01 3.02 17.41
C GLN D 253 50.27 3.20 18.90
N ASP D 254 51.55 3.20 19.25
CA ASP D 254 52.00 3.44 20.60
C ASP D 254 51.71 4.87 21.03
N ASP D 255 51.94 5.82 20.10
CA ASP D 255 51.61 7.24 20.28
C ASP D 255 50.14 7.40 20.50
N LEU D 256 49.36 6.80 19.62
CA LEU D 256 47.91 6.85 19.77
C LEU D 256 47.48 6.31 21.13
N TYR D 257 48.07 5.16 21.53
CA TYR D 257 47.73 4.53 22.83
C TYR D 257 48.05 5.51 23.96
N GLN D 258 49.29 6.00 23.97
CA GLN D 258 49.78 6.93 24.99
C GLN D 258 48.84 8.12 25.12
N ALA D 259 48.41 8.67 23.98
CA ALA D 259 47.53 9.84 23.86
C ALA D 259 46.12 9.64 24.39
N LEU D 260 45.57 8.44 24.14
CA LEU D 260 44.27 8.03 24.67
C LEU D 260 44.32 7.77 26.16
N ALA D 261 45.32 6.99 26.61
CA ALA D 261 45.46 6.69 28.03
C ALA D 261 45.78 7.92 28.91
N SER D 262 46.54 8.89 28.37
CA SER D 262 46.87 10.07 29.14
C SER D 262 45.83 11.19 29.03
N GLY D 263 44.90 11.08 28.10
CA GLY D 263 43.83 12.10 27.99
C GLY D 263 44.15 13.32 27.14
N LYS D 264 45.16 13.23 26.28
CA LYS D 264 45.46 14.35 25.37
C LYS D 264 44.53 14.41 24.15
N ILE D 265 43.90 13.28 23.82
CA ILE D 265 42.71 13.29 22.95
C ILE D 265 41.53 12.56 23.64
N ALA D 266 40.31 12.76 23.17
CA ALA D 266 39.14 12.19 23.84
C ALA D 266 38.86 10.70 23.54
N ALA D 267 39.04 10.32 22.28
CA ALA D 267 38.66 8.98 21.82
C ALA D 267 39.09 8.83 20.37
N ALA D 268 39.17 7.57 19.92
CA ALA D 268 39.48 7.14 18.54
C ALA D 268 38.67 5.82 18.37
N GLY D 269 38.24 5.40 17.17
CA GLY D 269 38.66 5.93 15.92
C GLY D 269 38.87 5.00 14.72
N LEU D 270 39.12 3.69 14.88
CA LEU D 270 39.86 2.93 13.81
C LEU D 270 39.24 1.78 12.97
N ASP D 271 39.46 1.82 11.65
CA ASP D 271 39.01 0.73 10.74
C ASP D 271 40.14 -0.09 10.14
N VAL D 272 41.38 0.32 10.37
CA VAL D 272 42.60 -0.33 9.85
C VAL D 272 43.64 -0.30 10.95
N THR D 273 44.56 -1.26 10.97
CA THR D 273 45.55 -1.34 12.06
C THR D 273 46.81 -1.99 11.52
N SER D 274 47.89 -1.91 12.33
CA SER D 274 49.16 -2.57 12.06
C SER D 274 49.50 -3.60 13.15
N PRO D 275 49.50 -4.90 12.82
CA PRO D 275 49.09 -5.43 11.52
C PRO D 275 47.59 -5.74 11.51
N GLU D 276 47.10 -6.35 10.43
CA GLU D 276 45.78 -6.93 10.41
C GLU D 276 45.84 -8.45 10.29
N PRO D 277 45.12 -9.19 11.16
CA PRO D 277 44.26 -8.71 12.27
C PRO D 277 45.11 -8.16 13.40
N LEU D 278 44.53 -7.28 14.20
CA LEU D 278 45.22 -6.74 15.38
C LEU D 278 45.22 -7.77 16.52
N PRO D 279 46.38 -7.99 17.18
CA PRO D 279 46.32 -9.07 18.17
C PRO D 279 45.32 -8.74 19.28
N THR D 280 44.67 -9.75 19.83
CA THR D 280 43.58 -9.55 20.80
C THR D 280 44.06 -9.03 22.16
N ASN D 281 45.34 -9.25 22.46
CA ASN D 281 45.96 -8.65 23.66
C ASN D 281 46.69 -7.32 23.41
N HIS D 282 46.41 -6.67 22.30
CA HIS D 282 47.03 -5.38 22.03
C HIS D 282 46.56 -4.33 23.02
N PRO D 283 47.48 -3.49 23.50
CA PRO D 283 47.20 -2.30 24.32
C PRO D 283 46.00 -1.43 23.87
N LEU D 284 45.79 -1.25 22.58
CA LEU D 284 44.73 -0.33 22.19
C LEU D 284 43.37 -1.00 22.52
N LEU D 285 43.38 -2.33 22.59
CA LEU D 285 42.15 -3.06 22.91
C LEU D 285 41.84 -3.11 24.42
N THR D 286 42.67 -2.45 25.22
CA THR D 286 42.46 -2.34 26.68
C THR D 286 41.71 -1.07 27.07
N LEU D 287 41.52 -0.13 26.13
CA LEU D 287 40.99 1.19 26.45
C LEU D 287 39.50 1.32 26.13
N LYS D 288 38.74 1.96 27.01
CA LYS D 288 37.34 2.13 26.65
C LYS D 288 37.06 3.35 25.77
N ASN D 289 38.11 4.07 25.38
CA ASN D 289 37.93 5.26 24.50
C ASN D 289 38.55 5.03 23.10
N CYS D 290 38.95 3.78 22.85
CA CYS D 290 39.29 3.29 21.51
C CYS D 290 38.21 2.34 20.97
N VAL D 291 37.71 2.62 19.77
CA VAL D 291 36.89 1.68 18.97
C VAL D 291 37.73 1.09 17.78
N ILE D 292 37.74 -0.23 17.63
CA ILE D 292 38.47 -0.90 16.51
C ILE D 292 37.57 -1.84 15.70
N LEU D 293 37.50 -1.60 14.39
CA LEU D 293 36.71 -2.47 13.46
C LEU D 293 37.63 -3.24 12.54
N PRO D 294 37.22 -4.45 12.14
CA PRO D 294 37.97 -5.38 11.24
C PRO D 294 38.03 -5.06 9.73
N HIS D 295 38.20 -3.77 9.42
CA HIS D 295 38.42 -3.25 8.05
C HIS D 295 37.25 -3.48 7.14
N ILE D 296 36.12 -2.96 7.59
CA ILE D 296 34.83 -3.24 6.99
C ILE D 296 34.37 -2.00 6.25
N GLY D 297 35.30 -1.16 5.79
CA GLY D 297 34.90 0.02 4.99
C GLY D 297 33.91 -0.30 3.88
N SER D 298 34.12 -1.40 3.14
CA SER D 298 33.28 -1.64 1.97
C SER D 298 32.22 -2.71 2.18
N ALA D 299 32.11 -3.21 3.41
CA ALA D 299 31.31 -4.38 3.68
C ALA D 299 29.80 -4.14 3.69
N THR D 300 29.22 -4.04 2.48
CA THR D 300 27.79 -4.27 2.31
C THR D 300 27.69 -5.24 1.14
N HIS D 301 26.62 -6.01 1.10
CA HIS D 301 26.46 -7.03 0.09
C HIS D 301 26.57 -6.42 -1.31
N ARG D 302 25.91 -5.27 -1.51
CA ARG D 302 25.77 -4.74 -2.86
C ARG D 302 27.13 -4.25 -3.34
N THR D 303 27.83 -3.55 -2.44
CA THR D 303 29.12 -2.98 -2.78
C THR D 303 30.19 -4.05 -3.04
N ARG D 304 30.23 -5.10 -2.21
CA ARG D 304 31.16 -6.25 -2.38
C ARG D 304 30.91 -7.08 -3.64
N ASN D 305 29.64 -7.21 -4.04
CA ASN D 305 29.29 -7.89 -5.28
C ASN D 305 29.78 -7.12 -6.51
N THR D 306 29.68 -5.80 -6.43
CA THR D 306 30.07 -4.90 -7.52
C THR D 306 31.61 -4.90 -7.72
N MET D 307 32.34 -4.71 -6.62
CA MET D 307 33.78 -4.97 -6.49
C MET D 307 34.19 -6.29 -7.19
N SER D 308 33.56 -7.39 -6.78
CA SER D 308 33.74 -8.71 -7.37
C SER D 308 33.70 -8.58 -8.89
N LEU D 309 32.62 -7.99 -9.37
CA LEU D 309 32.30 -7.87 -10.78
C LEU D 309 33.30 -6.99 -11.52
N LEU D 310 33.66 -5.86 -10.90
CA LEU D 310 34.67 -4.95 -11.41
C LEU D 310 35.98 -5.72 -11.57
N ALA D 311 36.39 -6.35 -10.47
CA ALA D 311 37.62 -7.12 -10.38
C ALA D 311 37.66 -8.17 -11.50
N ALA D 312 36.58 -8.96 -11.64
CA ALA D 312 36.48 -10.01 -12.66
C ALA D 312 36.42 -9.48 -14.09
N ASN D 313 35.74 -8.36 -14.30
CA ASN D 313 35.73 -7.77 -15.63
C ASN D 313 37.04 -7.07 -15.97
N ASN D 314 37.73 -6.51 -14.98
CA ASN D 314 39.12 -6.05 -15.15
C ASN D 314 40.00 -7.26 -15.45
N LEU D 315 39.81 -8.35 -14.73
CA LEU D 315 40.58 -9.56 -15.02
C LEU D 315 40.41 -9.98 -16.47
N LEU D 316 39.23 -10.56 -16.77
CA LEU D 316 38.83 -10.91 -18.14
C LEU D 316 39.34 -9.96 -19.21
N ALA D 317 39.19 -8.64 -19.03
CA ALA D 317 39.59 -7.70 -20.11
C ALA D 317 41.09 -7.75 -20.44
N GLY D 318 41.92 -7.77 -19.40
CA GLY D 318 43.37 -7.85 -19.54
C GLY D 318 43.84 -9.12 -20.20
N LEU D 319 43.11 -10.22 -20.01
CA LEU D 319 43.37 -11.48 -20.72
C LEU D 319 43.03 -11.42 -22.21
N ARG D 320 42.03 -10.61 -22.53
CA ARG D 320 41.51 -10.47 -23.87
C ARG D 320 42.15 -9.30 -24.60
N GLY D 321 42.97 -8.54 -23.89
CA GLY D 321 43.65 -7.36 -24.42
C GLY D 321 42.74 -6.16 -24.61
N GLU D 322 41.60 -6.15 -23.94
CA GLU D 322 40.63 -5.04 -24.09
C GLU D 322 40.98 -3.90 -23.13
N PRO D 323 40.48 -2.66 -23.42
CA PRO D 323 40.45 -1.64 -22.37
C PRO D 323 39.67 -2.16 -21.15
N MET D 324 40.17 -1.87 -19.97
CA MET D 324 39.49 -2.31 -18.76
C MET D 324 38.56 -1.21 -18.25
N PRO D 325 37.45 -1.60 -17.59
CA PRO D 325 36.54 -0.66 -16.91
C PRO D 325 37.28 0.25 -15.90
N SER D 326 38.15 -0.34 -15.07
CA SER D 326 38.98 0.45 -14.18
C SER D 326 40.38 -0.15 -14.07
N GLU D 327 41.31 0.32 -14.88
CA GLU D 327 42.72 0.02 -14.64
C GLU D 327 43.50 1.19 -14.02
N LEU D 328 44.57 0.84 -13.32
CA LEU D 328 45.48 1.79 -12.68
C LEU D 328 46.58 2.21 -13.68
N LYS D 329 46.61 3.51 -14.00
CA LYS D 329 47.63 4.00 -14.91
C LYS D 329 48.95 4.14 -14.17
N LEU D 330 49.84 3.18 -14.37
CA LEU D 330 51.16 3.25 -13.74
C LEU D 330 52.04 4.27 -14.48
PA NDP E . -14.55 14.24 -14.91
O1A NDP E . -14.97 14.82 -13.61
O2A NDP E . -13.45 15.00 -15.59
O5B NDP E . -14.01 12.74 -14.68
C5B NDP E . -12.67 12.48 -15.00
C4B NDP E . -11.94 11.97 -13.78
O4B NDP E . -10.67 11.47 -14.14
C3B NDP E . -11.67 13.05 -12.74
O3B NDP E . -12.21 12.61 -11.51
C2B NDP E . -10.15 13.17 -12.68
O2B NDP E . -9.68 13.45 -11.38
C1B NDP E . -9.76 11.77 -13.11
N9A NDP E . -8.35 11.63 -13.48
C8A NDP E . -7.62 12.41 -14.35
N7A NDP E . -6.35 11.95 -14.38
C5A NDP E . -6.26 10.88 -13.56
C6A NDP E . -5.20 10.03 -13.23
N6A NDP E . -4.00 10.23 -13.80
N1A NDP E . -5.40 8.98 -12.34
C2A NDP E . -6.66 8.80 -11.79
N3A NDP E . -7.71 9.64 -12.12
C4A NDP E . -7.50 10.67 -12.98
O3 NDP E . -15.89 14.18 -15.82
PN NDP E . -16.79 12.83 -15.92
O1N NDP E . -16.91 12.18 -14.59
O2N NDP E . -17.98 13.26 -16.68
O5D NDP E . -15.85 11.93 -16.87
C5D NDP E . -15.97 10.52 -16.98
C4D NDP E . -15.17 9.96 -18.16
O4D NDP E . -15.68 8.69 -18.51
C3D NDP E . -15.21 10.80 -19.43
O3D NDP E . -14.08 11.64 -19.54
C2D NDP E . -15.35 9.78 -20.56
O2D NDP E . -14.10 9.41 -21.12
C1D NDP E . -15.92 8.56 -19.90
N1N NDP E . -17.38 8.44 -20.20
C2N NDP E . -17.83 7.24 -20.65
C3N NDP E . -19.16 7.05 -21.02
C7N NDP E . -19.55 5.69 -21.51
O7N NDP E . -20.61 5.57 -22.43
N7N NDP E . -18.85 4.65 -21.03
C4N NDP E . -20.21 8.16 -20.96
C5N NDP E . -19.58 9.42 -20.45
C6N NDP E . -18.23 9.50 -20.09
P2B NDP E . -8.33 14.30 -11.16
O1X NDP E . -8.23 14.79 -9.71
O2X NDP E . -8.33 15.50 -12.08
O3X NDP E . -7.18 13.37 -11.41
C1 DGY F . -18.81 10.35 -23.68
O1 DGY F . -19.83 11.04 -23.82
O2 DGY F . -17.63 10.78 -23.68
C2 DGY F . -19.02 8.85 -23.50
O3 DGY F . -17.78 8.16 -23.62
C3 DGY F . -20.13 8.26 -24.43
O4 DGY F . -21.37 9.04 -24.22
S SO4 G . -38.61 6.62 -16.66
O1 SO4 G . -38.22 5.23 -16.44
O2 SO4 G . -38.58 7.38 -15.41
O3 SO4 G . -37.69 7.25 -17.61
O4 SO4 G . -39.99 6.67 -17.15
PA NDP H . -40.74 -13.15 3.07
O1A NDP H . -40.36 -11.89 3.78
O2A NDP H . -41.39 -14.09 4.01
O5B NDP H . -41.84 -12.98 1.87
C5B NDP H . -41.94 -11.81 1.10
C4B NDP H . -43.36 -11.32 0.75
O4B NDP H . -44.31 -12.25 0.26
C3B NDP H . -44.03 -10.60 1.90
O3B NDP H . -43.91 -9.27 1.53
C2B NDP H . -45.51 -10.94 1.78
O2B NDP H . -46.28 -9.75 1.81
C1B NDP H . -45.48 -11.46 0.35
N9A NDP H . -46.78 -11.91 -0.17
C8A NDP H . -47.56 -12.99 0.18
N7A NDP H . -48.68 -12.96 -0.59
C5A NDP H . -48.63 -11.87 -1.42
C6A NDP H . -49.48 -11.33 -2.39
N6A NDP H . -50.78 -11.57 -2.35
N1A NDP H . -49.11 -10.18 -3.07
C2A NDP H . -47.92 -9.53 -2.77
N3A NDP H . -47.09 -10.06 -1.81
C4A NDP H . -47.44 -11.20 -1.14
O3 NDP H . -39.51 -13.98 2.53
PN NDP H . -38.19 -13.44 1.78
O1N NDP H . -38.40 -12.00 1.44
O2N NDP H . -36.99 -13.91 2.50
O5D NDP H . -38.38 -14.39 0.51
C5D NDP H . -39.31 -14.07 -0.51
C4D NDP H . -39.41 -15.19 -1.54
O4D NDP H . -38.43 -15.07 -2.53
C3D NDP H . -39.21 -16.58 -0.94
O3D NDP H . -40.41 -17.04 -0.35
C2D NDP H . -38.71 -17.38 -2.13
O2D NDP H . -39.78 -17.98 -2.81
C1D NDP H . -38.11 -16.34 -3.09
N1N NDP H . -36.65 -16.49 -3.19
C2N NDP H . -36.00 -16.71 -4.37
C3N NDP H . -34.58 -16.62 -4.41
C7N NDP H . -33.78 -16.83 -5.65
O7N NDP H . -32.59 -17.57 -5.41
N7N NDP H . -34.22 -16.38 -6.86
C4N NDP H . -33.73 -16.36 -3.18
C5N NDP H . -34.56 -16.13 -1.97
C6N NDP H . -35.93 -16.23 -2.06
P2B NDP H . -47.77 -9.76 2.35
O1X NDP H . -48.14 -8.37 2.85
O2X NDP H . -47.80 -10.73 3.51
O3X NDP H . -48.70 -10.17 1.23
S SO4 I . 19.94 -0.60 -0.17
O1 SO4 I . 21.25 -1.10 -0.61
O2 SO4 I . 19.66 -1.09 1.18
O3 SO4 I . 19.97 0.85 -0.15
O4 SO4 I . 18.90 -1.02 -1.10
PA NDP J . 6.77 15.90 17.95
O1A NDP J . 7.39 16.53 16.78
O2A NDP J . 5.75 16.80 18.56
O5B NDP J . 5.93 14.56 17.64
C5B NDP J . 6.53 13.45 17.02
C4B NDP J . 5.57 12.94 15.96
O4B NDP J . 4.77 11.89 16.47
C3B NDP J . 4.55 13.98 15.48
O3B NDP J . 5.00 14.55 14.27
C2B NDP J . 3.25 13.19 15.30
O2B NDP J . 2.70 13.28 14.03
C1B NDP J . 3.77 11.78 15.50
N9A NDP J . 2.73 10.78 15.73
C8A NDP J . 1.75 10.72 16.70
N7A NDP J . 1.04 9.59 16.47
C5A NDP J . 1.54 8.93 15.39
C6A NDP J . 1.18 7.76 14.73
N6A NDP J . -0.07 7.31 14.83
N1A NDP J . 1.93 7.35 13.63
C2A NDP J . 2.99 8.12 13.18
N3A NDP J . 3.32 9.29 13.84
C4A NDP J . 2.60 9.69 14.92
O3 NDP J . 7.91 15.46 19.02
PN NDP J . 9.51 15.40 18.76
O1N NDP J . 9.84 15.11 17.34
O2N NDP J . 10.13 16.53 19.44
O5D NDP J . 9.81 14.07 19.61
C5D NDP J . 9.46 12.81 19.07
C4D NDP J . 9.56 11.78 20.18
O4D NDP J . 10.87 11.19 20.28
C3D NDP J . 9.25 12.32 21.57
O3D NDP J . 7.88 12.60 21.81
C2D NDP J . 9.87 11.23 22.45
O2D NDP J . 9.00 10.17 22.70
C1D NDP J . 11.02 10.70 21.62
N1N NDP J . 12.25 11.23 22.20
C2N NDP J . 13.27 10.36 22.51
C3N NDP J . 14.54 10.85 22.85
C7N NDP J . 15.68 9.93 23.18
O7N NDP J . 16.54 10.44 24.15
N7N NDP J . 15.89 8.78 22.53
C4N NDP J . 14.85 12.34 22.91
C5N NDP J . 13.67 13.16 22.57
C6N NDP J . 12.45 12.59 22.22
P2B NDP J . 1.12 13.50 13.87
O1X NDP J . 0.89 14.23 12.55
O2X NDP J . 0.57 14.35 15.01
O3X NDP J . 0.48 12.14 13.87
C1 DGY K . 12.92 13.12 25.83
O1 DGY K . 13.32 14.30 25.90
O2 DGY K . 11.72 12.74 25.82
C2 DGY K . 14.01 12.04 25.73
O3 DGY K . 13.45 10.71 25.87
C3 DGY K . 15.20 12.33 26.68
O4 DGY K . 16.01 13.41 26.16
S SO4 L . 27.74 10.57 36.00
O1 SO4 L . 28.12 9.68 34.91
O2 SO4 L . 28.61 10.31 37.15
O3 SO4 L . 27.93 11.98 35.64
O4 SO4 L . 26.32 10.35 36.32
S SO4 M . 29.98 8.82 32.14
O1 SO4 M . 30.13 7.68 31.24
O2 SO4 M . 30.21 8.33 33.51
O3 SO4 M . 30.98 9.86 31.82
O4 SO4 M . 28.61 9.33 32.05
S SO4 N . 30.50 20.77 19.72
O1 SO4 N . 31.42 19.70 19.34
O2 SO4 N . 30.70 21.17 21.11
O3 SO4 N . 30.74 21.92 18.85
O4 SO4 N . 29.11 20.30 19.61
PA NDP O . 41.23 9.42 -3.38
O1A NDP O . 40.30 9.95 -2.38
O2A NDP O . 41.10 10.18 -4.64
O5B NDP O . 42.74 9.44 -2.80
C5B NDP O . 43.06 9.38 -1.42
C4B NDP O . 43.59 10.74 -0.94
O4B NDP O . 44.75 10.67 -0.15
C3B NDP O . 43.98 11.60 -2.12
O3B NDP O . 42.92 12.51 -2.36
C2B NDP O . 45.25 12.30 -1.72
O2B NDP O . 45.17 13.69 -1.93
C1B NDP O . 45.37 11.94 -0.24
N9A NDP O . 46.79 12.06 0.18
C8A NDP O . 47.90 11.47 -0.39
N7A NDP O . 49.01 11.89 0.27
C5A NDP O . 48.65 12.73 1.26
C6A NDP O . 49.38 13.43 2.23
N6A NDP O . 50.65 13.76 1.95
N1A NDP O . 48.69 14.22 3.14
C2A NDP O . 47.32 14.34 3.07
N3A NDP O . 46.62 13.65 2.10
C4A NDP O . 47.26 12.86 1.21
O3 NDP O . 40.90 7.84 -3.56
PN NDP O . 39.98 7.04 -2.47
O1N NDP O . 39.21 8.05 -1.72
O2N NDP O . 39.24 5.95 -3.18
O5D NDP O . 41.04 6.35 -1.46
C5D NDP O . 40.94 6.56 -0.05
C4D NDP O . 41.87 5.63 0.73
O4D NDP O . 41.28 5.08 1.90
C3D NDP O . 42.32 4.46 -0.12
O3D NDP O . 43.38 4.81 -0.98
C2D NDP O . 42.59 3.37 0.92
O2D NDP O . 43.87 3.42 1.49
C1D NDP O . 41.61 3.70 2.04
N1N NDP O . 40.41 2.85 1.91
C2N NDP O . 39.92 2.19 2.99
C3N NDP O . 38.74 1.42 2.89
C7N NDP O . 38.15 0.71 4.07
O7N NDP O . 37.42 -0.47 3.77
N7N NDP O . 38.28 1.21 5.31
C4N NDP O . 37.99 1.28 1.58
C5N NDP O . 38.64 2.04 0.48
C6N NDP O . 39.79 2.77 0.71
P2B NDP O . 46.40 14.71 -1.80
O1X NDP O . 46.41 15.59 -3.03
O2X NDP O . 47.75 14.03 -1.78
O3X NDP O . 46.23 15.50 -0.53
#